data_7TJL
# 
_entry.id   7TJL 
# 
_audit_conform.dict_name       mmcif_pdbx.dic 
_audit_conform.dict_version    5.389 
_audit_conform.dict_location   http://mmcif.pdb.org/dictionaries/ascii/mmcif_pdbx.dic 
# 
loop_
_database_2.database_id 
_database_2.database_code 
_database_2.pdbx_database_accession 
_database_2.pdbx_DOI 
PDB   7TJL         pdb_00007tjl 10.2210/pdb7tjl/pdb 
WWPDB D_1000262456 ?            ?                   
# 
loop_
_pdbx_audit_revision_history.ordinal 
_pdbx_audit_revision_history.data_content_type 
_pdbx_audit_revision_history.major_revision 
_pdbx_audit_revision_history.minor_revision 
_pdbx_audit_revision_history.revision_date 
1 'Structure model' 1 0 2022-06-29 
2 'Structure model' 1 1 2024-02-28 
3 'Structure model' 1 2 2024-04-03 
# 
_pdbx_audit_revision_details.ordinal             1 
_pdbx_audit_revision_details.revision_ordinal    1 
_pdbx_audit_revision_details.data_content_type   'Structure model' 
_pdbx_audit_revision_details.provider            repository 
_pdbx_audit_revision_details.type                'Initial release' 
_pdbx_audit_revision_details.description         ? 
_pdbx_audit_revision_details.details             ? 
# 
loop_
_pdbx_audit_revision_group.ordinal 
_pdbx_audit_revision_group.revision_ordinal 
_pdbx_audit_revision_group.data_content_type 
_pdbx_audit_revision_group.group 
1 2 'Structure model' 'Data collection'        
2 3 'Structure model' 'Refinement description' 
# 
loop_
_pdbx_audit_revision_category.ordinal 
_pdbx_audit_revision_category.revision_ordinal 
_pdbx_audit_revision_category.data_content_type 
_pdbx_audit_revision_category.category 
1 2 'Structure model' chem_comp_atom                
2 2 'Structure model' chem_comp_bond                
3 3 'Structure model' pdbx_initial_refinement_model 
# 
_pdbx_database_status.status_code                     REL 
_pdbx_database_status.status_code_sf                  REL 
_pdbx_database_status.status_code_mr                  ? 
_pdbx_database_status.entry_id                        7TJL 
_pdbx_database_status.recvd_initial_deposition_date   2022-01-16 
_pdbx_database_status.SG_entry                        N 
_pdbx_database_status.deposit_site                    RCSB 
_pdbx_database_status.process_site                    RCSB 
_pdbx_database_status.status_code_cs                  ? 
_pdbx_database_status.status_code_nmr_data            ? 
_pdbx_database_status.methods_development_category    ? 
_pdbx_database_status.pdb_format_compatible           Y 
# 
_pdbx_contact_author.id                 3 
_pdbx_contact_author.email              bkuhlman@email.unc.edu 
_pdbx_contact_author.name_first         Brian 
_pdbx_contact_author.name_last          Kuhlman 
_pdbx_contact_author.name_mi            ? 
_pdbx_contact_author.role               'principal investigator/group leader' 
_pdbx_contact_author.identifier_ORCID   0000-0003-4907-9699 
# 
loop_
_audit_author.name 
_audit_author.pdbx_ordinal 
_audit_author.identifier_ORCID 
'Cummins, M.C.' 1 0000-0003-1119-4632 
'Jacobs, T.M.'  2 0000-0002-1062-2634 
'Kuhlman, B.'   3 0000-0003-4907-9699 
# 
_citation.abstract                  ? 
_citation.abstract_id_CAS           ? 
_citation.book_id_ISBN              ? 
_citation.book_publisher            ? 
_citation.book_publisher_city       ? 
_citation.book_title                ? 
_citation.coordinate_linkage        ? 
_citation.country                   US 
_citation.database_id_Medline       ? 
_citation.details                   ? 
_citation.id                        primary 
_citation.journal_abbrev            'Protein Sci.' 
_citation.journal_id_ASTM           PRCIEI 
_citation.journal_id_CSD            0795 
_citation.journal_id_ISSN           1469-896X 
_citation.journal_full              ? 
_citation.journal_issue             ? 
_citation.journal_volume            31 
_citation.language                  ? 
_citation.page_first                1 
_citation.page_last                 7 
_citation.title                     
'AlphaFold accurately predicts distinct conformations based on the oligomeric state of a de novo designed protein' 
_citation.year                      2022 
_citation.database_id_CSD           ? 
_citation.pdbx_database_id_DOI      10.1002/pro.4368 
_citation.pdbx_database_id_PubMed   ? 
_citation.pdbx_database_id_patent   ? 
_citation.unpublished_flag          ? 
# 
loop_
_citation_author.citation_id 
_citation_author.name 
_citation_author.ordinal 
_citation_author.identifier_ORCID 
primary 'Cummins, M.C.' 1 ? 
primary 'Jacobs, T.M.'  2 ? 
primary 'Teets, F.D.'   3 ? 
primary 'DiMaio, F.'    4 ? 
primary 'Tripathy, A.'  5 ? 
primary 'Kuhlman, B.'   6 ? 
# 
loop_
_entity.id 
_entity.type 
_entity.src_method 
_entity.pdbx_description 
_entity.formula_weight 
_entity.pdbx_number_of_molecules 
_entity.pdbx_ec 
_entity.pdbx_mutation 
_entity.pdbx_fragment 
_entity.details 
1 polymer man 'De novo designed protein, SEWN0.1' 11246.828 1  ? ? ? ? 
2 water   nat water                               18.015    93 ? ? ? ? 
# 
_entity_poly.entity_id                      1 
_entity_poly.type                           'polypeptide(L)' 
_entity_poly.nstd_linkage                   no 
_entity_poly.nstd_monomer                   no 
_entity_poly.pdbx_seq_one_letter_code       
;AGPEEHKARVEEYMRRALQATTEPEKKYWEEEAKKEIEQAMYADALINPIRFTEKAAKYIKTYGFRGQEAYDQVKKEMFE
KLYKYFMEKLKSE
;
_entity_poly.pdbx_seq_one_letter_code_can   
;AGPEEHKARVEEYMRRALQATTEPEKKYWEEEAKKEIEQAMYADALINPIRFTEKAAKYIKTYGFRGQEAYDQVKKEMFE
KLYKYFMEKLKSE
;
_entity_poly.pdbx_strand_id                 A 
_entity_poly.pdbx_target_identifier         ? 
# 
_pdbx_entity_nonpoly.entity_id   2 
_pdbx_entity_nonpoly.name        water 
_pdbx_entity_nonpoly.comp_id     HOH 
# 
loop_
_entity_poly_seq.entity_id 
_entity_poly_seq.num 
_entity_poly_seq.mon_id 
_entity_poly_seq.hetero 
1 1  ALA n 
1 2  GLY n 
1 3  PRO n 
1 4  GLU n 
1 5  GLU n 
1 6  HIS n 
1 7  LYS n 
1 8  ALA n 
1 9  ARG n 
1 10 VAL n 
1 11 GLU n 
1 12 GLU n 
1 13 TYR n 
1 14 MET n 
1 15 ARG n 
1 16 ARG n 
1 17 ALA n 
1 18 LEU n 
1 19 GLN n 
1 20 ALA n 
1 21 THR n 
1 22 THR n 
1 23 GLU n 
1 24 PRO n 
1 25 GLU n 
1 26 LYS n 
1 27 LYS n 
1 28 TYR n 
1 29 TRP n 
1 30 GLU n 
1 31 GLU n 
1 32 GLU n 
1 33 ALA n 
1 34 LYS n 
1 35 LYS n 
1 36 GLU n 
1 37 ILE n 
1 38 GLU n 
1 39 GLN n 
1 40 ALA n 
1 41 MET n 
1 42 TYR n 
1 43 ALA n 
1 44 ASP n 
1 45 ALA n 
1 46 LEU n 
1 47 ILE n 
1 48 ASN n 
1 49 PRO n 
1 50 ILE n 
1 51 ARG n 
1 52 PHE n 
1 53 THR n 
1 54 GLU n 
1 55 LYS n 
1 56 ALA n 
1 57 ALA n 
1 58 LYS n 
1 59 TYR n 
1 60 ILE n 
1 61 LYS n 
1 62 THR n 
1 63 TYR n 
1 64 GLY n 
1 65 PHE n 
1 66 ARG n 
1 67 GLY n 
1 68 GLN n 
1 69 GLU n 
1 70 ALA n 
1 71 TYR n 
1 72 ASP n 
1 73 GLN n 
1 74 VAL n 
1 75 LYS n 
1 76 LYS n 
1 77 GLU n 
1 78 MET n 
1 79 PHE n 
1 80 GLU n 
1 81 LYS n 
1 82 LEU n 
1 83 TYR n 
1 84 LYS n 
1 85 TYR n 
1 86 PHE n 
1 87 MET n 
1 88 GLU n 
1 89 LYS n 
1 90 LEU n 
1 91 LYS n 
1 92 SER n 
1 93 GLU n 
# 
_entity_src_gen.entity_id                          1 
_entity_src_gen.pdbx_src_id                        1 
_entity_src_gen.pdbx_alt_source_flag               sample 
_entity_src_gen.pdbx_seq_type                      'Biological sequence' 
_entity_src_gen.pdbx_beg_seq_num                   1 
_entity_src_gen.pdbx_end_seq_num                   93 
_entity_src_gen.gene_src_common_name               ? 
_entity_src_gen.gene_src_genus                     ? 
_entity_src_gen.pdbx_gene_src_gene                 ? 
_entity_src_gen.gene_src_species                   ? 
_entity_src_gen.gene_src_strain                    ? 
_entity_src_gen.gene_src_tissue                    ? 
_entity_src_gen.gene_src_tissue_fraction           ? 
_entity_src_gen.gene_src_details                   ? 
_entity_src_gen.pdbx_gene_src_fragment             ? 
_entity_src_gen.pdbx_gene_src_scientific_name      'synthetic construct' 
_entity_src_gen.pdbx_gene_src_ncbi_taxonomy_id     32630 
_entity_src_gen.pdbx_gene_src_variant              ? 
_entity_src_gen.pdbx_gene_src_cell_line            ? 
_entity_src_gen.pdbx_gene_src_atcc                 ? 
_entity_src_gen.pdbx_gene_src_organ                ? 
_entity_src_gen.pdbx_gene_src_organelle            ? 
_entity_src_gen.pdbx_gene_src_cell                 ? 
_entity_src_gen.pdbx_gene_src_cellular_location    ? 
_entity_src_gen.host_org_common_name               ? 
_entity_src_gen.pdbx_host_org_scientific_name      'Escherichia coli' 
_entity_src_gen.pdbx_host_org_ncbi_taxonomy_id     562 
_entity_src_gen.host_org_genus                     ? 
_entity_src_gen.pdbx_host_org_gene                 ? 
_entity_src_gen.pdbx_host_org_organ                ? 
_entity_src_gen.host_org_species                   ? 
_entity_src_gen.pdbx_host_org_tissue               ? 
_entity_src_gen.pdbx_host_org_tissue_fraction      ? 
_entity_src_gen.pdbx_host_org_strain               ? 
_entity_src_gen.pdbx_host_org_variant              ? 
_entity_src_gen.pdbx_host_org_cell_line            ? 
_entity_src_gen.pdbx_host_org_atcc                 ? 
_entity_src_gen.pdbx_host_org_culture_collection   ? 
_entity_src_gen.pdbx_host_org_cell                 ? 
_entity_src_gen.pdbx_host_org_organelle            ? 
_entity_src_gen.pdbx_host_org_cellular_location    ? 
_entity_src_gen.pdbx_host_org_vector_type          ? 
_entity_src_gen.pdbx_host_org_vector               ? 
_entity_src_gen.host_org_details                   ? 
_entity_src_gen.expression_system_id               ? 
_entity_src_gen.plasmid_name                       ? 
_entity_src_gen.plasmid_details                    ? 
_entity_src_gen.pdbx_description                   ? 
# 
loop_
_chem_comp.id 
_chem_comp.type 
_chem_comp.mon_nstd_flag 
_chem_comp.name 
_chem_comp.pdbx_synonyms 
_chem_comp.formula 
_chem_comp.formula_weight 
ALA 'L-peptide linking' y ALANINE         ? 'C3 H7 N O2'     89.093  
ARG 'L-peptide linking' y ARGININE        ? 'C6 H15 N4 O2 1' 175.209 
ASN 'L-peptide linking' y ASPARAGINE      ? 'C4 H8 N2 O3'    132.118 
ASP 'L-peptide linking' y 'ASPARTIC ACID' ? 'C4 H7 N O4'     133.103 
GLN 'L-peptide linking' y GLUTAMINE       ? 'C5 H10 N2 O3'   146.144 
GLU 'L-peptide linking' y 'GLUTAMIC ACID' ? 'C5 H9 N O4'     147.129 
GLY 'peptide linking'   y GLYCINE         ? 'C2 H5 N O2'     75.067  
HIS 'L-peptide linking' y HISTIDINE       ? 'C6 H10 N3 O2 1' 156.162 
HOH non-polymer         . WATER           ? 'H2 O'           18.015  
ILE 'L-peptide linking' y ISOLEUCINE      ? 'C6 H13 N O2'    131.173 
LEU 'L-peptide linking' y LEUCINE         ? 'C6 H13 N O2'    131.173 
LYS 'L-peptide linking' y LYSINE          ? 'C6 H15 N2 O2 1' 147.195 
MET 'L-peptide linking' y METHIONINE      ? 'C5 H11 N O2 S'  149.211 
PHE 'L-peptide linking' y PHENYLALANINE   ? 'C9 H11 N O2'    165.189 
PRO 'L-peptide linking' y PROLINE         ? 'C5 H9 N O2'     115.130 
SER 'L-peptide linking' y SERINE          ? 'C3 H7 N O3'     105.093 
THR 'L-peptide linking' y THREONINE       ? 'C4 H9 N O3'     119.119 
TRP 'L-peptide linking' y TRYPTOPHAN      ? 'C11 H12 N2 O2'  204.225 
TYR 'L-peptide linking' y TYROSINE        ? 'C9 H11 N O3'    181.189 
VAL 'L-peptide linking' y VALINE          ? 'C5 H11 N O2'    117.146 
# 
loop_
_pdbx_poly_seq_scheme.asym_id 
_pdbx_poly_seq_scheme.entity_id 
_pdbx_poly_seq_scheme.seq_id 
_pdbx_poly_seq_scheme.mon_id 
_pdbx_poly_seq_scheme.ndb_seq_num 
_pdbx_poly_seq_scheme.pdb_seq_num 
_pdbx_poly_seq_scheme.auth_seq_num 
_pdbx_poly_seq_scheme.pdb_mon_id 
_pdbx_poly_seq_scheme.auth_mon_id 
_pdbx_poly_seq_scheme.pdb_strand_id 
_pdbx_poly_seq_scheme.pdb_ins_code 
_pdbx_poly_seq_scheme.hetero 
A 1 1  ALA 1  1  ?  ?   ?   A . n 
A 1 2  GLY 2  2  ?  ?   ?   A . n 
A 1 3  PRO 3  3  ?  ?   ?   A . n 
A 1 4  GLU 4  4  ?  ?   ?   A . n 
A 1 5  GLU 5  5  ?  ?   ?   A . n 
A 1 6  HIS 6  6  6  HIS HIS A . n 
A 1 7  LYS 7  7  7  LYS LYS A . n 
A 1 8  ALA 8  8  8  ALA ALA A . n 
A 1 9  ARG 9  9  9  ARG ARG A . n 
A 1 10 VAL 10 10 10 VAL VAL A . n 
A 1 11 GLU 11 11 11 GLU GLU A . n 
A 1 12 GLU 12 12 12 GLU GLU A . n 
A 1 13 TYR 13 13 13 TYR TYR A . n 
A 1 14 MET 14 14 14 MET MET A . n 
A 1 15 ARG 15 15 15 ARG ARG A . n 
A 1 16 ARG 16 16 16 ARG ARG A . n 
A 1 17 ALA 17 17 17 ALA ALA A . n 
A 1 18 LEU 18 18 18 LEU LEU A . n 
A 1 19 GLN 19 19 19 GLN GLN A . n 
A 1 20 ALA 20 20 20 ALA ALA A . n 
A 1 21 THR 21 21 21 THR THR A . n 
A 1 22 THR 22 22 22 THR THR A . n 
A 1 23 GLU 23 23 23 GLU GLU A . n 
A 1 24 PRO 24 24 24 PRO PRO A . n 
A 1 25 GLU 25 25 25 GLU GLU A . n 
A 1 26 LYS 26 26 26 LYS LYS A . n 
A 1 27 LYS 27 27 27 LYS LYS A . n 
A 1 28 TYR 28 28 28 TYR TYR A . n 
A 1 29 TRP 29 29 29 TRP TRP A . n 
A 1 30 GLU 30 30 30 GLU GLU A . n 
A 1 31 GLU 31 31 31 GLU GLU A . n 
A 1 32 GLU 32 32 32 GLU GLU A . n 
A 1 33 ALA 33 33 33 ALA ALA A . n 
A 1 34 LYS 34 34 34 LYS LYS A . n 
A 1 35 LYS 35 35 35 LYS LYS A . n 
A 1 36 GLU 36 36 36 GLU GLU A . n 
A 1 37 ILE 37 37 37 ILE ILE A . n 
A 1 38 GLU 38 38 38 GLU GLU A . n 
A 1 39 GLN 39 39 39 GLN GLN A . n 
A 1 40 ALA 40 40 40 ALA ALA A . n 
A 1 41 MET 41 41 41 MET MET A . n 
A 1 42 TYR 42 42 42 TYR TYR A . n 
A 1 43 ALA 43 43 43 ALA ALA A . n 
A 1 44 ASP 44 44 44 ASP ASP A . n 
A 1 45 ALA 45 45 45 ALA ALA A . n 
A 1 46 LEU 46 46 46 LEU LEU A . n 
A 1 47 ILE 47 47 47 ILE ILE A . n 
A 1 48 ASN 48 48 48 ASN ASN A . n 
A 1 49 PRO 49 49 49 PRO PRO A . n 
A 1 50 ILE 50 50 50 ILE ILE A . n 
A 1 51 ARG 51 51 51 ARG ARG A . n 
A 1 52 PHE 52 52 52 PHE PHE A . n 
A 1 53 THR 53 53 53 THR THR A . n 
A 1 54 GLU 54 54 54 GLU GLU A . n 
A 1 55 LYS 55 55 55 LYS LYS A . n 
A 1 56 ALA 56 56 56 ALA ALA A . n 
A 1 57 ALA 57 57 57 ALA ALA A . n 
A 1 58 LYS 58 58 58 LYS LYS A . n 
A 1 59 TYR 59 59 59 TYR TYR A . n 
A 1 60 ILE 60 60 60 ILE ILE A . n 
A 1 61 LYS 61 61 61 LYS LYS A . n 
A 1 62 THR 62 62 62 THR THR A . n 
A 1 63 TYR 63 63 63 TYR TYR A . n 
A 1 64 GLY 64 64 64 GLY GLY A . n 
A 1 65 PHE 65 65 65 PHE PHE A . n 
A 1 66 ARG 66 66 66 ARG ARG A . n 
A 1 67 GLY 67 67 67 GLY GLY A . n 
A 1 68 GLN 68 68 68 GLN GLN A . n 
A 1 69 GLU 69 69 69 GLU GLU A . n 
A 1 70 ALA 70 70 70 ALA ALA A . n 
A 1 71 TYR 71 71 71 TYR TYR A . n 
A 1 72 ASP 72 72 72 ASP ASP A . n 
A 1 73 GLN 73 73 73 GLN GLN A . n 
A 1 74 VAL 74 74 74 VAL VAL A . n 
A 1 75 LYS 75 75 75 LYS LYS A . n 
A 1 76 LYS 76 76 76 LYS LYS A . n 
A 1 77 GLU 77 77 77 GLU GLU A . n 
A 1 78 MET 78 78 78 MET MET A . n 
A 1 79 PHE 79 79 79 PHE PHE A . n 
A 1 80 GLU 80 80 80 GLU GLU A . n 
A 1 81 LYS 81 81 81 LYS LYS A . n 
A 1 82 LEU 82 82 82 LEU LEU A . n 
A 1 83 TYR 83 83 83 TYR TYR A . n 
A 1 84 LYS 84 84 84 LYS LYS A . n 
A 1 85 TYR 85 85 85 TYR TYR A . n 
A 1 86 PHE 86 86 86 PHE PHE A . n 
A 1 87 MET 87 87 87 MET MET A . n 
A 1 88 GLU 88 88 88 GLU GLU A . n 
A 1 89 LYS 89 89 89 LYS LYS A . n 
A 1 90 LEU 90 90 90 LEU LEU A . n 
A 1 91 LYS 91 91 ?  ?   ?   A . n 
A 1 92 SER 92 92 ?  ?   ?   A . n 
A 1 93 GLU 93 93 ?  ?   ?   A . n 
# 
loop_
_pdbx_nonpoly_scheme.asym_id 
_pdbx_nonpoly_scheme.entity_id 
_pdbx_nonpoly_scheme.mon_id 
_pdbx_nonpoly_scheme.ndb_seq_num 
_pdbx_nonpoly_scheme.pdb_seq_num 
_pdbx_nonpoly_scheme.auth_seq_num 
_pdbx_nonpoly_scheme.pdb_mon_id 
_pdbx_nonpoly_scheme.auth_mon_id 
_pdbx_nonpoly_scheme.pdb_strand_id 
_pdbx_nonpoly_scheme.pdb_ins_code 
B 2 HOH 1  101 57  HOH HOH A . 
B 2 HOH 2  102 60  HOH HOH A . 
B 2 HOH 3  103 16  HOH HOH A . 
B 2 HOH 4  104 26  HOH HOH A . 
B 2 HOH 5  105 62  HOH HOH A . 
B 2 HOH 6  106 68  HOH HOH A . 
B 2 HOH 7  107 55  HOH HOH A . 
B 2 HOH 8  108 100 HOH HOH A . 
B 2 HOH 9  109 1   HOH HOH A . 
B 2 HOH 10 110 96  HOH HOH A . 
B 2 HOH 11 111 75  HOH HOH A . 
B 2 HOH 12 112 74  HOH HOH A . 
B 2 HOH 13 113 19  HOH HOH A . 
B 2 HOH 14 114 63  HOH HOH A . 
B 2 HOH 15 115 44  HOH HOH A . 
B 2 HOH 16 116 64  HOH HOH A . 
B 2 HOH 17 117 56  HOH HOH A . 
B 2 HOH 18 118 20  HOH HOH A . 
B 2 HOH 19 119 8   HOH HOH A . 
B 2 HOH 20 120 7   HOH HOH A . 
B 2 HOH 21 121 59  HOH HOH A . 
B 2 HOH 22 122 23  HOH HOH A . 
B 2 HOH 23 123 15  HOH HOH A . 
B 2 HOH 24 124 11  HOH HOH A . 
B 2 HOH 25 125 4   HOH HOH A . 
B 2 HOH 26 126 29  HOH HOH A . 
B 2 HOH 27 127 10  HOH HOH A . 
B 2 HOH 28 128 9   HOH HOH A . 
B 2 HOH 29 129 69  HOH HOH A . 
B 2 HOH 30 130 42  HOH HOH A . 
B 2 HOH 31 131 6   HOH HOH A . 
B 2 HOH 32 132 3   HOH HOH A . 
B 2 HOH 33 133 77  HOH HOH A . 
B 2 HOH 34 134 54  HOH HOH A . 
B 2 HOH 35 135 45  HOH HOH A . 
B 2 HOH 36 136 39  HOH HOH A . 
B 2 HOH 37 137 87  HOH HOH A . 
B 2 HOH 38 138 13  HOH HOH A . 
B 2 HOH 39 139 48  HOH HOH A . 
B 2 HOH 40 140 5   HOH HOH A . 
B 2 HOH 41 141 18  HOH HOH A . 
B 2 HOH 42 142 46  HOH HOH A . 
B 2 HOH 43 143 37  HOH HOH A . 
B 2 HOH 44 144 28  HOH HOH A . 
B 2 HOH 45 145 67  HOH HOH A . 
B 2 HOH 46 146 17  HOH HOH A . 
B 2 HOH 47 147 71  HOH HOH A . 
B 2 HOH 48 148 25  HOH HOH A . 
B 2 HOH 49 149 90  HOH HOH A . 
B 2 HOH 50 150 2   HOH HOH A . 
B 2 HOH 51 151 70  HOH HOH A . 
B 2 HOH 52 152 22  HOH HOH A . 
B 2 HOH 53 153 24  HOH HOH A . 
B 2 HOH 54 154 97  HOH HOH A . 
B 2 HOH 55 155 85  HOH HOH A . 
B 2 HOH 56 156 88  HOH HOH A . 
B 2 HOH 57 157 27  HOH HOH A . 
B 2 HOH 58 158 78  HOH HOH A . 
B 2 HOH 59 159 58  HOH HOH A . 
B 2 HOH 60 160 43  HOH HOH A . 
B 2 HOH 61 161 94  HOH HOH A . 
B 2 HOH 62 162 99  HOH HOH A . 
B 2 HOH 63 163 82  HOH HOH A . 
B 2 HOH 64 164 36  HOH HOH A . 
B 2 HOH 65 165 47  HOH HOH A . 
B 2 HOH 66 166 30  HOH HOH A . 
B 2 HOH 67 167 35  HOH HOH A . 
B 2 HOH 68 168 52  HOH HOH A . 
B 2 HOH 69 169 34  HOH HOH A . 
B 2 HOH 70 170 65  HOH HOH A . 
B 2 HOH 71 171 91  HOH HOH A . 
B 2 HOH 72 172 93  HOH HOH A . 
B 2 HOH 73 173 38  HOH HOH A . 
B 2 HOH 74 174 33  HOH HOH A . 
B 2 HOH 75 175 101 HOH HOH A . 
B 2 HOH 76 176 41  HOH HOH A . 
B 2 HOH 77 177 80  HOH HOH A . 
B 2 HOH 78 178 40  HOH HOH A . 
B 2 HOH 79 179 12  HOH HOH A . 
B 2 HOH 80 180 66  HOH HOH A . 
B 2 HOH 81 181 50  HOH HOH A . 
B 2 HOH 82 182 83  HOH HOH A . 
B 2 HOH 83 183 73  HOH HOH A . 
B 2 HOH 84 184 72  HOH HOH A . 
B 2 HOH 85 185 14  HOH HOH A . 
B 2 HOH 86 186 53  HOH HOH A . 
B 2 HOH 87 187 89  HOH HOH A . 
B 2 HOH 88 188 51  HOH HOH A . 
B 2 HOH 89 189 32  HOH HOH A . 
B 2 HOH 90 190 98  HOH HOH A . 
B 2 HOH 91 191 86  HOH HOH A . 
B 2 HOH 92 192 49  HOH HOH A . 
B 2 HOH 93 193 21  HOH HOH A . 
# 
loop_
_software.citation_id 
_software.classification 
_software.compiler_name 
_software.compiler_version 
_software.contact_author 
_software.contact_author_email 
_software.date 
_software.description 
_software.dependencies 
_software.hardware 
_software.language 
_software.location 
_software.mods 
_software.name 
_software.os 
_software.os_version 
_software.type 
_software.version 
_software.pdbx_ordinal 
? refinement       ? ? ? ? ? ? ? ? ? ? ? PHENIX ? ? ? 1.19.2_4158 1 
? 'data reduction' ? ? ? ? ? ? ? ? ? ? ? XDS    ? ? ? .           2 
? 'data scaling'   ? ? ? ? ? ? ? ? ? ? ? XDS    ? ? ? .           3 
? phasing          ? ? ? ? ? ? ? ? ? ? ? PHASER ? ? ? .           4 
? 'model building' ? ? ? ? ? ? ? ? ? ? ? SHELXE ? ? ? .           5 
? 'model building' ? ? ? ? ? ? ? ? ? ? ? Coot   ? ? ? .           6 
# 
_cell.angle_alpha                  90.000 
_cell.angle_alpha_esd              ? 
_cell.angle_beta                   93.071 
_cell.angle_beta_esd               ? 
_cell.angle_gamma                  90.000 
_cell.angle_gamma_esd              ? 
_cell.entry_id                     7TJL 
_cell.details                      ? 
_cell.formula_units_Z              ? 
_cell.length_a                     116.250 
_cell.length_a_esd                 ? 
_cell.length_b                     31.000 
_cell.length_b_esd                 ? 
_cell.length_c                     31.360 
_cell.length_c_esd                 ? 
_cell.volume                       112851.303 
_cell.volume_esd                   ? 
_cell.Z_PDB                        4 
_cell.reciprocal_angle_alpha       ? 
_cell.reciprocal_angle_beta        ? 
_cell.reciprocal_angle_gamma       ? 
_cell.reciprocal_angle_alpha_esd   ? 
_cell.reciprocal_angle_beta_esd    ? 
_cell.reciprocal_angle_gamma_esd   ? 
_cell.reciprocal_length_a          ? 
_cell.reciprocal_length_b          ? 
_cell.reciprocal_length_c          ? 
_cell.reciprocal_length_a_esd      ? 
_cell.reciprocal_length_b_esd      ? 
_cell.reciprocal_length_c_esd      ? 
_cell.pdbx_unique_axis             ? 
# 
_symmetry.entry_id                         7TJL 
_symmetry.cell_setting                     ? 
_symmetry.Int_Tables_number                5 
_symmetry.space_group_name_Hall            'C 2y' 
_symmetry.space_group_name_H-M             'C 1 2 1' 
_symmetry.pdbx_full_space_group_name_H-M   ? 
# 
_exptl.absorpt_coefficient_mu     ? 
_exptl.absorpt_correction_T_max   ? 
_exptl.absorpt_correction_T_min   ? 
_exptl.absorpt_correction_type    ? 
_exptl.absorpt_process_details    ? 
_exptl.entry_id                   7TJL 
_exptl.crystals_number            1 
_exptl.details                    ? 
_exptl.method                     'X-RAY DIFFRACTION' 
_exptl.method_details             ? 
# 
_exptl_crystal.colour                      ? 
_exptl_crystal.density_diffrn              ? 
_exptl_crystal.density_Matthews            2.51 
_exptl_crystal.density_method              ? 
_exptl_crystal.density_percent_sol         51.03 
_exptl_crystal.description                 ? 
_exptl_crystal.F_000                       ? 
_exptl_crystal.id                          1 
_exptl_crystal.preparation                 ? 
_exptl_crystal.size_max                    ? 
_exptl_crystal.size_mid                    ? 
_exptl_crystal.size_min                    ? 
_exptl_crystal.size_rad                    ? 
_exptl_crystal.colour_lustre               ? 
_exptl_crystal.colour_modifier             ? 
_exptl_crystal.colour_primary              ? 
_exptl_crystal.density_meas                ? 
_exptl_crystal.density_meas_esd            ? 
_exptl_crystal.density_meas_gt             ? 
_exptl_crystal.density_meas_lt             ? 
_exptl_crystal.density_meas_temp           ? 
_exptl_crystal.density_meas_temp_esd       ? 
_exptl_crystal.density_meas_temp_gt        ? 
_exptl_crystal.density_meas_temp_lt        ? 
_exptl_crystal.pdbx_crystal_image_url      ? 
_exptl_crystal.pdbx_crystal_image_format   ? 
_exptl_crystal.pdbx_mosaicity              ? 
_exptl_crystal.pdbx_mosaicity_esd          ? 
# 
_exptl_crystal_grow.apparatus       ? 
_exptl_crystal_grow.atmosphere      ? 
_exptl_crystal_grow.crystal_id      1 
_exptl_crystal_grow.details         ? 
_exptl_crystal_grow.method          'VAPOR DIFFUSION, HANGING DROP' 
_exptl_crystal_grow.method_ref      ? 
_exptl_crystal_grow.pH              7.0 
_exptl_crystal_grow.pressure        ? 
_exptl_crystal_grow.pressure_esd    ? 
_exptl_crystal_grow.seeding         ? 
_exptl_crystal_grow.seeding_ref     ? 
_exptl_crystal_grow.temp            293 
_exptl_crystal_grow.temp_details    ? 
_exptl_crystal_grow.temp_esd        ? 
_exptl_crystal_grow.time            ? 
_exptl_crystal_grow.pdbx_details    '100 mM diammonium hydrogen citrate, 15%  PEG3350' 
_exptl_crystal_grow.pdbx_pH_range   ? 
# 
_diffrn.ambient_environment              ? 
_diffrn.ambient_temp                     100 
_diffrn.ambient_temp_details             ? 
_diffrn.ambient_temp_esd                 ? 
_diffrn.crystal_id                       1 
_diffrn.crystal_support                  ? 
_diffrn.crystal_treatment                ? 
_diffrn.details                          ? 
_diffrn.id                               1 
_diffrn.ambient_pressure                 ? 
_diffrn.ambient_pressure_esd             ? 
_diffrn.ambient_pressure_gt              ? 
_diffrn.ambient_pressure_lt              ? 
_diffrn.ambient_temp_gt                  ? 
_diffrn.ambient_temp_lt                  ? 
_diffrn.pdbx_serial_crystal_experiment   N 
# 
_diffrn_detector.details                      ? 
_diffrn_detector.detector                     CCD 
_diffrn_detector.diffrn_id                    1 
_diffrn_detector.type                         'MARMOSAIC 300 mm CCD' 
_diffrn_detector.area_resol_mean              ? 
_diffrn_detector.dtime                        ? 
_diffrn_detector.pdbx_frames_total            ? 
_diffrn_detector.pdbx_collection_time_total   ? 
_diffrn_detector.pdbx_collection_date         2015-06-15 
_diffrn_detector.pdbx_frequency               ? 
# 
_diffrn_radiation.collimation                      ? 
_diffrn_radiation.diffrn_id                        1 
_diffrn_radiation.filter_edge                      ? 
_diffrn_radiation.inhomogeneity                    ? 
_diffrn_radiation.monochromator                    ? 
_diffrn_radiation.polarisn_norm                    ? 
_diffrn_radiation.polarisn_ratio                   ? 
_diffrn_radiation.probe                            ? 
_diffrn_radiation.type                             ? 
_diffrn_radiation.xray_symbol                      ? 
_diffrn_radiation.wavelength_id                    1 
_diffrn_radiation.pdbx_monochromatic_or_laue_m_l   M 
_diffrn_radiation.pdbx_wavelength_list             ? 
_diffrn_radiation.pdbx_wavelength                  ? 
_diffrn_radiation.pdbx_diffrn_protocol             'SINGLE WAVELENGTH' 
_diffrn_radiation.pdbx_analyzer                    ? 
_diffrn_radiation.pdbx_scattering_type             x-ray 
# 
_diffrn_radiation_wavelength.id           1 
_diffrn_radiation_wavelength.wavelength   1.0 
_diffrn_radiation_wavelength.wt           1.0 
# 
_diffrn_source.current                     ? 
_diffrn_source.details                     ? 
_diffrn_source.diffrn_id                   1 
_diffrn_source.power                       ? 
_diffrn_source.size                        ? 
_diffrn_source.source                      SYNCHROTRON 
_diffrn_source.target                      ? 
_diffrn_source.type                        'APS BEAMLINE 22-ID' 
_diffrn_source.voltage                     ? 
_diffrn_source.take-off_angle              ? 
_diffrn_source.pdbx_wavelength_list        1.0 
_diffrn_source.pdbx_wavelength             ? 
_diffrn_source.pdbx_synchrotron_beamline   22-ID 
_diffrn_source.pdbx_synchrotron_site       APS 
# 
_reflns.B_iso_Wilson_estimate                          21.08 
_reflns.entry_id                                       7TJL 
_reflns.data_reduction_details                         ? 
_reflns.data_reduction_method                          ? 
_reflns.d_resolution_high                              1.87 
_reflns.d_resolution_low                               100.00 
_reflns.details                                        ? 
_reflns.limit_h_max                                    ? 
_reflns.limit_h_min                                    ? 
_reflns.limit_k_max                                    ? 
_reflns.limit_k_min                                    ? 
_reflns.limit_l_max                                    ? 
_reflns.limit_l_min                                    ? 
_reflns.number_all                                     ? 
_reflns.number_obs                                     9100 
_reflns.observed_criterion                             ? 
_reflns.observed_criterion_F_max                       ? 
_reflns.observed_criterion_F_min                       ? 
_reflns.observed_criterion_I_max                       ? 
_reflns.observed_criterion_I_min                       ? 
_reflns.observed_criterion_sigma_F                     ? 
_reflns.observed_criterion_sigma_I                     ? 
_reflns.percent_possible_obs                           93.10 
_reflns.R_free_details                                 ? 
_reflns.Rmerge_F_all                                   ? 
_reflns.Rmerge_F_obs                                   ? 
_reflns.Friedel_coverage                               ? 
_reflns.number_gt                                      ? 
_reflns.threshold_expression                           ? 
_reflns.pdbx_redundancy                                3.47 
_reflns.pdbx_Rmerge_I_obs                              0.0550 
_reflns.pdbx_Rmerge_I_all                              ? 
_reflns.pdbx_Rsym_value                                ? 
_reflns.pdbx_netI_over_av_sigmaI                       ? 
_reflns.pdbx_netI_over_sigmaI                          15.48 
_reflns.pdbx_res_netI_over_av_sigmaI_2                 ? 
_reflns.pdbx_res_netI_over_sigmaI_2                    ? 
_reflns.pdbx_chi_squared                               ? 
_reflns.pdbx_scaling_rejects                           ? 
_reflns.pdbx_d_res_high_opt                            ? 
_reflns.pdbx_d_res_low_opt                             ? 
_reflns.pdbx_d_res_opt_method                          ? 
_reflns.phase_calculation_details                      ? 
_reflns.pdbx_Rrim_I_all                                0.0650 
_reflns.pdbx_Rpim_I_all                                ? 
_reflns.pdbx_d_opt                                     ? 
_reflns.pdbx_number_measured_all                       ? 
_reflns.pdbx_diffrn_id                                 1 
_reflns.pdbx_ordinal                                   1 
_reflns.pdbx_CC_half                                   0.9960 
_reflns.pdbx_CC_star                                   0.9990 
_reflns.pdbx_R_split                                   ? 
_reflns.pdbx_aniso_diffraction_limit_axis_1_ortho[1]   ? 
_reflns.pdbx_aniso_diffraction_limit_axis_1_ortho[2]   ? 
_reflns.pdbx_aniso_diffraction_limit_axis_1_ortho[3]   ? 
_reflns.pdbx_aniso_diffraction_limit_axis_2_ortho[1]   ? 
_reflns.pdbx_aniso_diffraction_limit_axis_2_ortho[2]   ? 
_reflns.pdbx_aniso_diffraction_limit_axis_2_ortho[3]   ? 
_reflns.pdbx_aniso_diffraction_limit_axis_3_ortho[1]   ? 
_reflns.pdbx_aniso_diffraction_limit_axis_3_ortho[2]   ? 
_reflns.pdbx_aniso_diffraction_limit_axis_3_ortho[3]   ? 
_reflns.pdbx_aniso_diffraction_limit_1                 ? 
_reflns.pdbx_aniso_diffraction_limit_2                 ? 
_reflns.pdbx_aniso_diffraction_limit_3                 ? 
_reflns.pdbx_aniso_B_tensor_eigenvector_1_ortho[1]     ? 
_reflns.pdbx_aniso_B_tensor_eigenvector_1_ortho[2]     ? 
_reflns.pdbx_aniso_B_tensor_eigenvector_1_ortho[3]     ? 
_reflns.pdbx_aniso_B_tensor_eigenvector_2_ortho[1]     ? 
_reflns.pdbx_aniso_B_tensor_eigenvector_2_ortho[2]     ? 
_reflns.pdbx_aniso_B_tensor_eigenvector_2_ortho[3]     ? 
_reflns.pdbx_aniso_B_tensor_eigenvector_3_ortho[1]     ? 
_reflns.pdbx_aniso_B_tensor_eigenvector_3_ortho[2]     ? 
_reflns.pdbx_aniso_B_tensor_eigenvector_3_ortho[3]     ? 
_reflns.pdbx_aniso_B_tensor_eigenvalue_1               ? 
_reflns.pdbx_aniso_B_tensor_eigenvalue_2               ? 
_reflns.pdbx_aniso_B_tensor_eigenvalue_3               ? 
_reflns.pdbx_orthogonalization_convention              ? 
_reflns.pdbx_percent_possible_ellipsoidal              ? 
_reflns.pdbx_percent_possible_spherical                ? 
_reflns.pdbx_percent_possible_ellipsoidal_anomalous    ? 
_reflns.pdbx_percent_possible_spherical_anomalous      ? 
_reflns.pdbx_redundancy_anomalous                      ? 
_reflns.pdbx_CC_half_anomalous                         ? 
_reflns.pdbx_absDiff_over_sigma_anomalous              ? 
_reflns.pdbx_percent_possible_anomalous                ? 
_reflns.pdbx_observed_signal_threshold                 ? 
_reflns.pdbx_signal_type                               ? 
_reflns.pdbx_signal_details                            ? 
_reflns.pdbx_signal_software_id                        ? 
# 
_reflns_shell.d_res_high                                    1.87 
_reflns_shell.d_res_low                                     1.92 
_reflns_shell.meanI_over_sigI_all                           ? 
_reflns_shell.meanI_over_sigI_obs                           ? 
_reflns_shell.number_measured_all                           ? 
_reflns_shell.number_measured_obs                           ? 
_reflns_shell.number_possible                               ? 
_reflns_shell.number_unique_all                             ? 
_reflns_shell.number_unique_obs                             455 
_reflns_shell.percent_possible_all                          66.10 
_reflns_shell.percent_possible_obs                          ? 
_reflns_shell.Rmerge_F_all                                  ? 
_reflns_shell.Rmerge_F_obs                                  ? 
_reflns_shell.Rmerge_I_all                                  ? 
_reflns_shell.Rmerge_I_obs                                  ? 
_reflns_shell.meanI_over_sigI_gt                            ? 
_reflns_shell.meanI_over_uI_all                             ? 
_reflns_shell.meanI_over_uI_gt                              ? 
_reflns_shell.number_measured_gt                            ? 
_reflns_shell.number_unique_gt                              ? 
_reflns_shell.percent_possible_gt                           ? 
_reflns_shell.Rmerge_F_gt                                   ? 
_reflns_shell.Rmerge_I_gt                                   ? 
_reflns_shell.pdbx_redundancy                               1.56 
_reflns_shell.pdbx_Rsym_value                               ? 
_reflns_shell.pdbx_chi_squared                              ? 
_reflns_shell.pdbx_netI_over_sigmaI_all                     ? 
_reflns_shell.pdbx_netI_over_sigmaI_obs                     ? 
_reflns_shell.pdbx_Rrim_I_all                               ? 
_reflns_shell.pdbx_Rpim_I_all                               ? 
_reflns_shell.pdbx_rejects                                  ? 
_reflns_shell.pdbx_ordinal                                  1 
_reflns_shell.pdbx_diffrn_id                                1 
_reflns_shell.pdbx_CC_half                                  0.9210 
_reflns_shell.pdbx_CC_star                                  0.9792 
_reflns_shell.pdbx_R_split                                  ? 
_reflns_shell.pdbx_percent_possible_ellipsoidal             ? 
_reflns_shell.pdbx_percent_possible_spherical               ? 
_reflns_shell.pdbx_percent_possible_ellipsoidal_anomalous   ? 
_reflns_shell.pdbx_percent_possible_spherical_anomalous     ? 
_reflns_shell.pdbx_redundancy_anomalous                     ? 
_reflns_shell.pdbx_CC_half_anomalous                        ? 
_reflns_shell.pdbx_absDiff_over_sigma_anomalous             ? 
_reflns_shell.pdbx_percent_possible_anomalous               ? 
# 
_refine.aniso_B[1][1]                            ? 
_refine.aniso_B[1][2]                            ? 
_refine.aniso_B[1][3]                            ? 
_refine.aniso_B[2][2]                            ? 
_refine.aniso_B[2][3]                            ? 
_refine.aniso_B[3][3]                            ? 
_refine.B_iso_max                                ? 
_refine.B_iso_mean                               26.88 
_refine.B_iso_min                                ? 
_refine.correlation_coeff_Fo_to_Fc               ? 
_refine.correlation_coeff_Fo_to_Fc_free          ? 
_refine.details                                  ? 
_refine.diff_density_max                         ? 
_refine.diff_density_max_esd                     ? 
_refine.diff_density_min                         ? 
_refine.diff_density_min_esd                     ? 
_refine.diff_density_rms                         ? 
_refine.diff_density_rms_esd                     ? 
_refine.entry_id                                 7TJL 
_refine.pdbx_refine_id                           'X-RAY DIFFRACTION' 
_refine.ls_abs_structure_details                 ? 
_refine.ls_abs_structure_Flack                   ? 
_refine.ls_abs_structure_Flack_esd               ? 
_refine.ls_abs_structure_Rogers                  ? 
_refine.ls_abs_structure_Rogers_esd              ? 
_refine.ls_d_res_high                            1.87 
_refine.ls_d_res_low                             31.31 
_refine.ls_extinction_coef                       ? 
_refine.ls_extinction_coef_esd                   ? 
_refine.ls_extinction_expression                 ? 
_refine.ls_extinction_method                     ? 
_refine.ls_goodness_of_fit_all                   ? 
_refine.ls_goodness_of_fit_all_esd               ? 
_refine.ls_goodness_of_fit_obs                   ? 
_refine.ls_goodness_of_fit_obs_esd               ? 
_refine.ls_hydrogen_treatment                    ? 
_refine.ls_matrix_type                           ? 
_refine.ls_number_constraints                    ? 
_refine.ls_number_parameters                     ? 
_refine.ls_number_reflns_all                     ? 
_refine.ls_number_reflns_obs                     8797 
_refine.ls_number_reflns_R_free                  882 
_refine.ls_number_reflns_R_work                  7915 
_refine.ls_number_restraints                     ? 
_refine.ls_percent_reflns_obs                    93.12 
_refine.ls_percent_reflns_R_free                 10.03 
_refine.ls_R_factor_all                          ? 
_refine.ls_R_factor_obs                          0.2127 
_refine.ls_R_factor_R_free                       0.2309 
_refine.ls_R_factor_R_free_error                 ? 
_refine.ls_R_factor_R_free_error_details         ? 
_refine.ls_R_factor_R_work                       0.2105 
_refine.ls_R_Fsqd_factor_obs                     ? 
_refine.ls_R_I_factor_obs                        ? 
_refine.ls_redundancy_reflns_all                 ? 
_refine.ls_redundancy_reflns_obs                 ? 
_refine.ls_restrained_S_all                      ? 
_refine.ls_restrained_S_obs                      ? 
_refine.ls_shift_over_esd_max                    ? 
_refine.ls_shift_over_esd_mean                   ? 
_refine.ls_structure_factor_coef                 ? 
_refine.ls_weighting_details                     ? 
_refine.ls_weighting_scheme                      ? 
_refine.ls_wR_factor_all                         ? 
_refine.ls_wR_factor_obs                         ? 
_refine.ls_wR_factor_R_free                      ? 
_refine.ls_wR_factor_R_work                      ? 
_refine.occupancy_max                            ? 
_refine.occupancy_min                            ? 
_refine.solvent_model_details                    'FLAT BULK SOLVENT MODEL' 
_refine.solvent_model_param_bsol                 ? 
_refine.solvent_model_param_ksol                 ? 
_refine.pdbx_R_complete                          ? 
_refine.ls_R_factor_gt                           ? 
_refine.ls_goodness_of_fit_gt                    ? 
_refine.ls_goodness_of_fit_ref                   ? 
_refine.ls_shift_over_su_max                     ? 
_refine.ls_shift_over_su_max_lt                  ? 
_refine.ls_shift_over_su_mean                    ? 
_refine.ls_shift_over_su_mean_lt                 ? 
_refine.pdbx_ls_sigma_I                          ? 
_refine.pdbx_ls_sigma_F                          0.09 
_refine.pdbx_ls_sigma_Fsqd                       ? 
_refine.pdbx_data_cutoff_high_absF               ? 
_refine.pdbx_data_cutoff_high_rms_absF           ? 
_refine.pdbx_data_cutoff_low_absF                ? 
_refine.pdbx_isotropic_thermal_model             ? 
_refine.pdbx_ls_cross_valid_method               'FREE R-VALUE' 
_refine.pdbx_method_to_determine_struct          'MOLECULAR REPLACEMENT' 
_refine.pdbx_starting_model                      'residues 6-40 of the rosetta design model' 
_refine.pdbx_stereochemistry_target_values       'GeoStd + Monomer Library + CDL v1.2' 
_refine.pdbx_R_Free_selection_details            ? 
_refine.pdbx_stereochem_target_val_spec_case     ? 
_refine.pdbx_overall_ESU_R                       ? 
_refine.pdbx_overall_ESU_R_Free                  ? 
_refine.pdbx_solvent_vdw_probe_radii             1.1100 
_refine.pdbx_solvent_ion_probe_radii             ? 
_refine.pdbx_solvent_shrinkage_radii             0.9000 
_refine.pdbx_real_space_R                        ? 
_refine.pdbx_density_correlation                 ? 
_refine.pdbx_pd_number_of_powder_patterns        ? 
_refine.pdbx_pd_number_of_points                 ? 
_refine.pdbx_pd_meas_number_of_points            ? 
_refine.pdbx_pd_proc_ls_prof_R_factor            ? 
_refine.pdbx_pd_proc_ls_prof_wR_factor           ? 
_refine.pdbx_pd_Marquardt_correlation_coeff      ? 
_refine.pdbx_pd_Fsqrd_R_factor                   ? 
_refine.pdbx_pd_ls_matrix_band_width             ? 
_refine.pdbx_overall_phase_error                 26.0803 
_refine.pdbx_overall_SU_R_free_Cruickshank_DPI   ? 
_refine.pdbx_overall_SU_R_free_Blow_DPI          ? 
_refine.pdbx_overall_SU_R_Blow_DPI               ? 
_refine.pdbx_TLS_residual_ADP_flag               ? 
_refine.pdbx_diffrn_id                           1 
_refine.overall_SU_B                             ? 
_refine.overall_SU_ML                            0.2025 
_refine.overall_SU_R_Cruickshank_DPI             ? 
_refine.overall_SU_R_free                        ? 
_refine.overall_FOM_free_R_set                   ? 
_refine.overall_FOM_work_R_set                   ? 
_refine.pdbx_average_fsc_overall                 ? 
_refine.pdbx_average_fsc_work                    ? 
_refine.pdbx_average_fsc_free                    ? 
# 
_refine_hist.pdbx_refine_id                   'X-RAY DIFFRACTION' 
_refine_hist.cycle_id                         LAST 
_refine_hist.details                          ? 
_refine_hist.d_res_high                       1.87 
_refine_hist.d_res_low                        31.31 
_refine_hist.number_atoms_solvent             93 
_refine_hist.number_atoms_total               825 
_refine_hist.number_reflns_all                ? 
_refine_hist.number_reflns_obs                ? 
_refine_hist.number_reflns_R_free             ? 
_refine_hist.number_reflns_R_work             ? 
_refine_hist.R_factor_all                     ? 
_refine_hist.R_factor_obs                     ? 
_refine_hist.R_factor_R_free                  ? 
_refine_hist.R_factor_R_work                  ? 
_refine_hist.pdbx_number_residues_total       ? 
_refine_hist.pdbx_B_iso_mean_ligand           ? 
_refine_hist.pdbx_B_iso_mean_solvent          ? 
_refine_hist.pdbx_number_atoms_protein        732 
_refine_hist.pdbx_number_atoms_nucleic_acid   0 
_refine_hist.pdbx_number_atoms_ligand         0 
_refine_hist.pdbx_number_atoms_lipid          ? 
_refine_hist.pdbx_number_atoms_carb           ? 
_refine_hist.pdbx_pseudo_atom_details         ? 
# 
loop_
_refine_ls_restr.pdbx_refine_id 
_refine_ls_restr.criterion 
_refine_ls_restr.dev_ideal 
_refine_ls_restr.dev_ideal_target 
_refine_ls_restr.number 
_refine_ls_restr.rejects 
_refine_ls_restr.type 
_refine_ls_restr.weight 
_refine_ls_restr.pdbx_restraint_function 
'X-RAY DIFFRACTION' ? 0.0092  ? 748 ? f_bond_d           ? ? 
'X-RAY DIFFRACTION' ? 1.0123  ? 997 ? f_angle_d          ? ? 
'X-RAY DIFFRACTION' ? 0.0531  ? 97  ? f_chiral_restr     ? ? 
'X-RAY DIFFRACTION' ? 0.0081  ? 126 ? f_plane_restr      ? ? 
'X-RAY DIFFRACTION' ? 19.0634 ? 297 ? f_dihedral_angle_d ? ? 
# 
loop_
_refine_ls_shell.pdbx_refine_id 
_refine_ls_shell.d_res_high 
_refine_ls_shell.d_res_low 
_refine_ls_shell.number_reflns_all 
_refine_ls_shell.number_reflns_obs 
_refine_ls_shell.number_reflns_R_free 
_refine_ls_shell.number_reflns_R_work 
_refine_ls_shell.percent_reflns_obs 
_refine_ls_shell.percent_reflns_R_free 
_refine_ls_shell.R_factor_all 
_refine_ls_shell.R_factor_obs 
_refine_ls_shell.R_factor_R_free 
_refine_ls_shell.R_factor_R_free_error 
_refine_ls_shell.R_factor_R_work 
_refine_ls_shell.redundancy_reflns_all 
_refine_ls_shell.redundancy_reflns_obs 
_refine_ls_shell.wR_factor_all 
_refine_ls_shell.wR_factor_obs 
_refine_ls_shell.wR_factor_R_free 
_refine_ls_shell.wR_factor_R_work 
_refine_ls_shell.pdbx_R_complete 
_refine_ls_shell.pdbx_total_number_of_bins_used 
_refine_ls_shell.pdbx_phase_error 
_refine_ls_shell.pdbx_fsc_work 
_refine_ls_shell.pdbx_fsc_free 
'X-RAY DIFFRACTION' 1.87 1.99  . . 121 1035 74.29 . . . 0.3067 . 0.2411 . . . . . . . . . . . 
'X-RAY DIFFRACTION' 1.99 2.14  . . 141 1310 93.61 . . . 0.2613 . 0.2026 . . . . . . . . . . . 
'X-RAY DIFFRACTION' 2.14 2.36  . . 154 1369 97.63 . . . 0.2490 . 0.2055 . . . . . . . . . . . 
'X-RAY DIFFRACTION' 2.36 2.70  . . 148 1396 98.97 . . . 0.2463 . 0.2140 . . . . . . . . . . . 
'X-RAY DIFFRACTION' 2.70 3.40  . . 156 1412 98.31 . . . 0.2640 . 0.2118 . . . . . . . . . . . 
'X-RAY DIFFRACTION' 3.40 31.31 . . 162 1393 95.63 . . . 0.1893 . 0.2073 . . . . . . . . . . . 
# 
_struct.entry_id                     7TJL 
_struct.title                        'Crystal structure of de novo designed protein, SEWN0.1' 
_struct.pdbx_model_details           ? 
_struct.pdbx_formula_weight          ? 
_struct.pdbx_formula_weight_method   ? 
_struct.pdbx_model_type_details      ? 
_struct.pdbx_CASP_flag               N 
# 
_struct_keywords.entry_id        7TJL 
_struct_keywords.text            'binder, G protein, DE NOVO PROTEIN' 
_struct_keywords.pdbx_keywords   'DE NOVO PROTEIN' 
# 
loop_
_struct_asym.id 
_struct_asym.pdbx_blank_PDB_chainid_flag 
_struct_asym.pdbx_modified 
_struct_asym.entity_id 
_struct_asym.details 
A N N 1 ? 
B N N 2 ? 
# 
_struct_ref.id                         1 
_struct_ref.db_name                    PDB 
_struct_ref.db_code                    7TJL 
_struct_ref.pdbx_db_accession          7TJL 
_struct_ref.pdbx_db_isoform            ? 
_struct_ref.entity_id                  1 
_struct_ref.pdbx_seq_one_letter_code   ? 
_struct_ref.pdbx_align_begin           1 
# 
_struct_ref_seq.align_id                      1 
_struct_ref_seq.ref_id                        1 
_struct_ref_seq.pdbx_PDB_id_code              7TJL 
_struct_ref_seq.pdbx_strand_id                A 
_struct_ref_seq.seq_align_beg                 1 
_struct_ref_seq.pdbx_seq_align_beg_ins_code   ? 
_struct_ref_seq.seq_align_end                 93 
_struct_ref_seq.pdbx_seq_align_end_ins_code   ? 
_struct_ref_seq.pdbx_db_accession             7TJL 
_struct_ref_seq.db_align_beg                  1 
_struct_ref_seq.pdbx_db_align_beg_ins_code    ? 
_struct_ref_seq.db_align_end                  93 
_struct_ref_seq.pdbx_db_align_end_ins_code    ? 
_struct_ref_seq.pdbx_auth_seq_align_beg       1 
_struct_ref_seq.pdbx_auth_seq_align_end       93 
# 
_pdbx_struct_assembly.id                   1 
_pdbx_struct_assembly.details              author_and_software_defined_assembly 
_pdbx_struct_assembly.method_details       PISA 
_pdbx_struct_assembly.oligomeric_details   dimeric 
_pdbx_struct_assembly.oligomeric_count     2 
# 
loop_
_pdbx_struct_assembly_prop.biol_id 
_pdbx_struct_assembly_prop.type 
_pdbx_struct_assembly_prop.value 
_pdbx_struct_assembly_prop.details 
1 'ABSA (A^2)' 2110  ? 
1 MORE         -25   ? 
1 'SSA (A^2)'  10660 ? 
# 
_pdbx_struct_assembly_gen.assembly_id       1 
_pdbx_struct_assembly_gen.oper_expression   1,2 
_pdbx_struct_assembly_gen.asym_id_list      A,B 
# 
loop_
_pdbx_struct_assembly_auth_evidence.id 
_pdbx_struct_assembly_auth_evidence.assembly_id 
_pdbx_struct_assembly_auth_evidence.experimental_support 
_pdbx_struct_assembly_auth_evidence.details 
1 1 'light scattering' 
'SEC-MALS experiment shows molecular weight corresponding to monomer in solution, but crystallographic symmetry shows a homodimer' 
2 1 none               
;Furthermore, analysis by areaimol shows that the buried surface area of the interface is ~2100 A^2. This amount indicates a biological dimer.
;
# 
loop_
_pdbx_struct_oper_list.id 
_pdbx_struct_oper_list.type 
_pdbx_struct_oper_list.name 
_pdbx_struct_oper_list.symmetry_operation 
_pdbx_struct_oper_list.matrix[1][1] 
_pdbx_struct_oper_list.matrix[1][2] 
_pdbx_struct_oper_list.matrix[1][3] 
_pdbx_struct_oper_list.vector[1] 
_pdbx_struct_oper_list.matrix[2][1] 
_pdbx_struct_oper_list.matrix[2][2] 
_pdbx_struct_oper_list.matrix[2][3] 
_pdbx_struct_oper_list.vector[2] 
_pdbx_struct_oper_list.matrix[3][1] 
_pdbx_struct_oper_list.matrix[3][2] 
_pdbx_struct_oper_list.matrix[3][3] 
_pdbx_struct_oper_list.vector[3] 
1 'identity operation'         1_555 x,y,z     1.0000000000  0.0000000000  0.0000000000 0.0000000000   0.0000000000  1.0000000000 0.0000000000  0.0000000000  0.0000000000 0.0000000000  1.0000000000  0.0000000000 
2 'crystal symmetry operation' 2_655 -x+1,y,-z -0.8867039589 -0.4621867922 0.0118092522 -31.7552799137 -0.4621867922 0.8854730382 -0.0481753848 -7.5971068340 0.0118092522 -0.0481753848 -0.9987690793 7.3218067042 
# 
loop_
_struct_conf.conf_type_id 
_struct_conf.id 
_struct_conf.pdbx_PDB_helix_id 
_struct_conf.beg_label_comp_id 
_struct_conf.beg_label_asym_id 
_struct_conf.beg_label_seq_id 
_struct_conf.pdbx_beg_PDB_ins_code 
_struct_conf.end_label_comp_id 
_struct_conf.end_label_asym_id 
_struct_conf.end_label_seq_id 
_struct_conf.pdbx_end_PDB_ins_code 
_struct_conf.beg_auth_comp_id 
_struct_conf.beg_auth_asym_id 
_struct_conf.beg_auth_seq_id 
_struct_conf.end_auth_comp_id 
_struct_conf.end_auth_asym_id 
_struct_conf.end_auth_seq_id 
_struct_conf.pdbx_PDB_helix_class 
_struct_conf.details 
_struct_conf.pdbx_PDB_helix_length 
HELX_P HELX_P1 AA1 HIS A 6  ? ALA A 20 ? HIS A 6  ALA A 20 1 ? 15 
HELX_P HELX_P2 AA2 THR A 22 ? ASN A 48 ? THR A 22 ASN A 48 1 ? 27 
HELX_P HELX_P3 AA3 ASN A 48 ? LYS A 55 ? ASN A 48 LYS A 55 1 ? 8  
HELX_P HELX_P4 AA4 LYS A 55 ? LEU A 90 ? LYS A 55 LEU A 90 1 ? 36 
# 
_struct_conf_type.id          HELX_P 
_struct_conf_type.criteria    ? 
_struct_conf_type.reference   ? 
# 
loop_
_space_group_symop.id 
_space_group_symop.operation_xyz 
1 x,y,z           
2 -x,y,-z         
3 x+1/2,y+1/2,z   
4 -x+1/2,y+1/2,-z 
# 
loop_
_pdbx_unobs_or_zero_occ_residues.id 
_pdbx_unobs_or_zero_occ_residues.PDB_model_num 
_pdbx_unobs_or_zero_occ_residues.polymer_flag 
_pdbx_unobs_or_zero_occ_residues.occupancy_flag 
_pdbx_unobs_or_zero_occ_residues.auth_asym_id 
_pdbx_unobs_or_zero_occ_residues.auth_comp_id 
_pdbx_unobs_or_zero_occ_residues.auth_seq_id 
_pdbx_unobs_or_zero_occ_residues.PDB_ins_code 
_pdbx_unobs_or_zero_occ_residues.label_asym_id 
_pdbx_unobs_or_zero_occ_residues.label_comp_id 
_pdbx_unobs_or_zero_occ_residues.label_seq_id 
1 1 Y 1 A ALA 1  ? A ALA 1  
2 1 Y 1 A GLY 2  ? A GLY 2  
3 1 Y 1 A PRO 3  ? A PRO 3  
4 1 Y 1 A GLU 4  ? A GLU 4  
5 1 Y 1 A GLU 5  ? A GLU 5  
6 1 Y 1 A LYS 91 ? A LYS 91 
7 1 Y 1 A SER 92 ? A SER 92 
8 1 Y 1 A GLU 93 ? A GLU 93 
# 
loop_
_chem_comp_atom.comp_id 
_chem_comp_atom.atom_id 
_chem_comp_atom.type_symbol 
_chem_comp_atom.pdbx_aromatic_flag 
_chem_comp_atom.pdbx_stereo_config 
_chem_comp_atom.pdbx_ordinal 
ALA N    N N N 1   
ALA CA   C N S 2   
ALA C    C N N 3   
ALA O    O N N 4   
ALA CB   C N N 5   
ALA OXT  O N N 6   
ALA H    H N N 7   
ALA H2   H N N 8   
ALA HA   H N N 9   
ALA HB1  H N N 10  
ALA HB2  H N N 11  
ALA HB3  H N N 12  
ALA HXT  H N N 13  
ARG N    N N N 14  
ARG CA   C N S 15  
ARG C    C N N 16  
ARG O    O N N 17  
ARG CB   C N N 18  
ARG CG   C N N 19  
ARG CD   C N N 20  
ARG NE   N N N 21  
ARG CZ   C N N 22  
ARG NH1  N N N 23  
ARG NH2  N N N 24  
ARG OXT  O N N 25  
ARG H    H N N 26  
ARG H2   H N N 27  
ARG HA   H N N 28  
ARG HB2  H N N 29  
ARG HB3  H N N 30  
ARG HG2  H N N 31  
ARG HG3  H N N 32  
ARG HD2  H N N 33  
ARG HD3  H N N 34  
ARG HE   H N N 35  
ARG HH11 H N N 36  
ARG HH12 H N N 37  
ARG HH21 H N N 38  
ARG HH22 H N N 39  
ARG HXT  H N N 40  
ASN N    N N N 41  
ASN CA   C N S 42  
ASN C    C N N 43  
ASN O    O N N 44  
ASN CB   C N N 45  
ASN CG   C N N 46  
ASN OD1  O N N 47  
ASN ND2  N N N 48  
ASN OXT  O N N 49  
ASN H    H N N 50  
ASN H2   H N N 51  
ASN HA   H N N 52  
ASN HB2  H N N 53  
ASN HB3  H N N 54  
ASN HD21 H N N 55  
ASN HD22 H N N 56  
ASN HXT  H N N 57  
ASP N    N N N 58  
ASP CA   C N S 59  
ASP C    C N N 60  
ASP O    O N N 61  
ASP CB   C N N 62  
ASP CG   C N N 63  
ASP OD1  O N N 64  
ASP OD2  O N N 65  
ASP OXT  O N N 66  
ASP H    H N N 67  
ASP H2   H N N 68  
ASP HA   H N N 69  
ASP HB2  H N N 70  
ASP HB3  H N N 71  
ASP HD2  H N N 72  
ASP HXT  H N N 73  
GLN N    N N N 74  
GLN CA   C N S 75  
GLN C    C N N 76  
GLN O    O N N 77  
GLN CB   C N N 78  
GLN CG   C N N 79  
GLN CD   C N N 80  
GLN OE1  O N N 81  
GLN NE2  N N N 82  
GLN OXT  O N N 83  
GLN H    H N N 84  
GLN H2   H N N 85  
GLN HA   H N N 86  
GLN HB2  H N N 87  
GLN HB3  H N N 88  
GLN HG2  H N N 89  
GLN HG3  H N N 90  
GLN HE21 H N N 91  
GLN HE22 H N N 92  
GLN HXT  H N N 93  
GLU N    N N N 94  
GLU CA   C N S 95  
GLU C    C N N 96  
GLU O    O N N 97  
GLU CB   C N N 98  
GLU CG   C N N 99  
GLU CD   C N N 100 
GLU OE1  O N N 101 
GLU OE2  O N N 102 
GLU OXT  O N N 103 
GLU H    H N N 104 
GLU H2   H N N 105 
GLU HA   H N N 106 
GLU HB2  H N N 107 
GLU HB3  H N N 108 
GLU HG2  H N N 109 
GLU HG3  H N N 110 
GLU HE2  H N N 111 
GLU HXT  H N N 112 
GLY N    N N N 113 
GLY CA   C N N 114 
GLY C    C N N 115 
GLY O    O N N 116 
GLY OXT  O N N 117 
GLY H    H N N 118 
GLY H2   H N N 119 
GLY HA2  H N N 120 
GLY HA3  H N N 121 
GLY HXT  H N N 122 
HIS N    N N N 123 
HIS CA   C N S 124 
HIS C    C N N 125 
HIS O    O N N 126 
HIS CB   C N N 127 
HIS CG   C Y N 128 
HIS ND1  N Y N 129 
HIS CD2  C Y N 130 
HIS CE1  C Y N 131 
HIS NE2  N Y N 132 
HIS OXT  O N N 133 
HIS H    H N N 134 
HIS H2   H N N 135 
HIS HA   H N N 136 
HIS HB2  H N N 137 
HIS HB3  H N N 138 
HIS HD1  H N N 139 
HIS HD2  H N N 140 
HIS HE1  H N N 141 
HIS HE2  H N N 142 
HIS HXT  H N N 143 
HOH O    O N N 144 
HOH H1   H N N 145 
HOH H2   H N N 146 
ILE N    N N N 147 
ILE CA   C N S 148 
ILE C    C N N 149 
ILE O    O N N 150 
ILE CB   C N S 151 
ILE CG1  C N N 152 
ILE CG2  C N N 153 
ILE CD1  C N N 154 
ILE OXT  O N N 155 
ILE H    H N N 156 
ILE H2   H N N 157 
ILE HA   H N N 158 
ILE HB   H N N 159 
ILE HG12 H N N 160 
ILE HG13 H N N 161 
ILE HG21 H N N 162 
ILE HG22 H N N 163 
ILE HG23 H N N 164 
ILE HD11 H N N 165 
ILE HD12 H N N 166 
ILE HD13 H N N 167 
ILE HXT  H N N 168 
LEU N    N N N 169 
LEU CA   C N S 170 
LEU C    C N N 171 
LEU O    O N N 172 
LEU CB   C N N 173 
LEU CG   C N N 174 
LEU CD1  C N N 175 
LEU CD2  C N N 176 
LEU OXT  O N N 177 
LEU H    H N N 178 
LEU H2   H N N 179 
LEU HA   H N N 180 
LEU HB2  H N N 181 
LEU HB3  H N N 182 
LEU HG   H N N 183 
LEU HD11 H N N 184 
LEU HD12 H N N 185 
LEU HD13 H N N 186 
LEU HD21 H N N 187 
LEU HD22 H N N 188 
LEU HD23 H N N 189 
LEU HXT  H N N 190 
LYS N    N N N 191 
LYS CA   C N S 192 
LYS C    C N N 193 
LYS O    O N N 194 
LYS CB   C N N 195 
LYS CG   C N N 196 
LYS CD   C N N 197 
LYS CE   C N N 198 
LYS NZ   N N N 199 
LYS OXT  O N N 200 
LYS H    H N N 201 
LYS H2   H N N 202 
LYS HA   H N N 203 
LYS HB2  H N N 204 
LYS HB3  H N N 205 
LYS HG2  H N N 206 
LYS HG3  H N N 207 
LYS HD2  H N N 208 
LYS HD3  H N N 209 
LYS HE2  H N N 210 
LYS HE3  H N N 211 
LYS HZ1  H N N 212 
LYS HZ2  H N N 213 
LYS HZ3  H N N 214 
LYS HXT  H N N 215 
MET N    N N N 216 
MET CA   C N S 217 
MET C    C N N 218 
MET O    O N N 219 
MET CB   C N N 220 
MET CG   C N N 221 
MET SD   S N N 222 
MET CE   C N N 223 
MET OXT  O N N 224 
MET H    H N N 225 
MET H2   H N N 226 
MET HA   H N N 227 
MET HB2  H N N 228 
MET HB3  H N N 229 
MET HG2  H N N 230 
MET HG3  H N N 231 
MET HE1  H N N 232 
MET HE2  H N N 233 
MET HE3  H N N 234 
MET HXT  H N N 235 
PHE N    N N N 236 
PHE CA   C N S 237 
PHE C    C N N 238 
PHE O    O N N 239 
PHE CB   C N N 240 
PHE CG   C Y N 241 
PHE CD1  C Y N 242 
PHE CD2  C Y N 243 
PHE CE1  C Y N 244 
PHE CE2  C Y N 245 
PHE CZ   C Y N 246 
PHE OXT  O N N 247 
PHE H    H N N 248 
PHE H2   H N N 249 
PHE HA   H N N 250 
PHE HB2  H N N 251 
PHE HB3  H N N 252 
PHE HD1  H N N 253 
PHE HD2  H N N 254 
PHE HE1  H N N 255 
PHE HE2  H N N 256 
PHE HZ   H N N 257 
PHE HXT  H N N 258 
PRO N    N N N 259 
PRO CA   C N S 260 
PRO C    C N N 261 
PRO O    O N N 262 
PRO CB   C N N 263 
PRO CG   C N N 264 
PRO CD   C N N 265 
PRO OXT  O N N 266 
PRO H    H N N 267 
PRO HA   H N N 268 
PRO HB2  H N N 269 
PRO HB3  H N N 270 
PRO HG2  H N N 271 
PRO HG3  H N N 272 
PRO HD2  H N N 273 
PRO HD3  H N N 274 
PRO HXT  H N N 275 
SER N    N N N 276 
SER CA   C N S 277 
SER C    C N N 278 
SER O    O N N 279 
SER CB   C N N 280 
SER OG   O N N 281 
SER OXT  O N N 282 
SER H    H N N 283 
SER H2   H N N 284 
SER HA   H N N 285 
SER HB2  H N N 286 
SER HB3  H N N 287 
SER HG   H N N 288 
SER HXT  H N N 289 
THR N    N N N 290 
THR CA   C N S 291 
THR C    C N N 292 
THR O    O N N 293 
THR CB   C N R 294 
THR OG1  O N N 295 
THR CG2  C N N 296 
THR OXT  O N N 297 
THR H    H N N 298 
THR H2   H N N 299 
THR HA   H N N 300 
THR HB   H N N 301 
THR HG1  H N N 302 
THR HG21 H N N 303 
THR HG22 H N N 304 
THR HG23 H N N 305 
THR HXT  H N N 306 
TRP N    N N N 307 
TRP CA   C N S 308 
TRP C    C N N 309 
TRP O    O N N 310 
TRP CB   C N N 311 
TRP CG   C Y N 312 
TRP CD1  C Y N 313 
TRP CD2  C Y N 314 
TRP NE1  N Y N 315 
TRP CE2  C Y N 316 
TRP CE3  C Y N 317 
TRP CZ2  C Y N 318 
TRP CZ3  C Y N 319 
TRP CH2  C Y N 320 
TRP OXT  O N N 321 
TRP H    H N N 322 
TRP H2   H N N 323 
TRP HA   H N N 324 
TRP HB2  H N N 325 
TRP HB3  H N N 326 
TRP HD1  H N N 327 
TRP HE1  H N N 328 
TRP HE3  H N N 329 
TRP HZ2  H N N 330 
TRP HZ3  H N N 331 
TRP HH2  H N N 332 
TRP HXT  H N N 333 
TYR N    N N N 334 
TYR CA   C N S 335 
TYR C    C N N 336 
TYR O    O N N 337 
TYR CB   C N N 338 
TYR CG   C Y N 339 
TYR CD1  C Y N 340 
TYR CD2  C Y N 341 
TYR CE1  C Y N 342 
TYR CE2  C Y N 343 
TYR CZ   C Y N 344 
TYR OH   O N N 345 
TYR OXT  O N N 346 
TYR H    H N N 347 
TYR H2   H N N 348 
TYR HA   H N N 349 
TYR HB2  H N N 350 
TYR HB3  H N N 351 
TYR HD1  H N N 352 
TYR HD2  H N N 353 
TYR HE1  H N N 354 
TYR HE2  H N N 355 
TYR HH   H N N 356 
TYR HXT  H N N 357 
VAL N    N N N 358 
VAL CA   C N S 359 
VAL C    C N N 360 
VAL O    O N N 361 
VAL CB   C N N 362 
VAL CG1  C N N 363 
VAL CG2  C N N 364 
VAL OXT  O N N 365 
VAL H    H N N 366 
VAL H2   H N N 367 
VAL HA   H N N 368 
VAL HB   H N N 369 
VAL HG11 H N N 370 
VAL HG12 H N N 371 
VAL HG13 H N N 372 
VAL HG21 H N N 373 
VAL HG22 H N N 374 
VAL HG23 H N N 375 
VAL HXT  H N N 376 
# 
loop_
_chem_comp_bond.comp_id 
_chem_comp_bond.atom_id_1 
_chem_comp_bond.atom_id_2 
_chem_comp_bond.value_order 
_chem_comp_bond.pdbx_aromatic_flag 
_chem_comp_bond.pdbx_stereo_config 
_chem_comp_bond.pdbx_ordinal 
ALA N   CA   sing N N 1   
ALA N   H    sing N N 2   
ALA N   H2   sing N N 3   
ALA CA  C    sing N N 4   
ALA CA  CB   sing N N 5   
ALA CA  HA   sing N N 6   
ALA C   O    doub N N 7   
ALA C   OXT  sing N N 8   
ALA CB  HB1  sing N N 9   
ALA CB  HB2  sing N N 10  
ALA CB  HB3  sing N N 11  
ALA OXT HXT  sing N N 12  
ARG N   CA   sing N N 13  
ARG N   H    sing N N 14  
ARG N   H2   sing N N 15  
ARG CA  C    sing N N 16  
ARG CA  CB   sing N N 17  
ARG CA  HA   sing N N 18  
ARG C   O    doub N N 19  
ARG C   OXT  sing N N 20  
ARG CB  CG   sing N N 21  
ARG CB  HB2  sing N N 22  
ARG CB  HB3  sing N N 23  
ARG CG  CD   sing N N 24  
ARG CG  HG2  sing N N 25  
ARG CG  HG3  sing N N 26  
ARG CD  NE   sing N N 27  
ARG CD  HD2  sing N N 28  
ARG CD  HD3  sing N N 29  
ARG NE  CZ   sing N N 30  
ARG NE  HE   sing N N 31  
ARG CZ  NH1  sing N N 32  
ARG CZ  NH2  doub N N 33  
ARG NH1 HH11 sing N N 34  
ARG NH1 HH12 sing N N 35  
ARG NH2 HH21 sing N N 36  
ARG NH2 HH22 sing N N 37  
ARG OXT HXT  sing N N 38  
ASN N   CA   sing N N 39  
ASN N   H    sing N N 40  
ASN N   H2   sing N N 41  
ASN CA  C    sing N N 42  
ASN CA  CB   sing N N 43  
ASN CA  HA   sing N N 44  
ASN C   O    doub N N 45  
ASN C   OXT  sing N N 46  
ASN CB  CG   sing N N 47  
ASN CB  HB2  sing N N 48  
ASN CB  HB3  sing N N 49  
ASN CG  OD1  doub N N 50  
ASN CG  ND2  sing N N 51  
ASN ND2 HD21 sing N N 52  
ASN ND2 HD22 sing N N 53  
ASN OXT HXT  sing N N 54  
ASP N   CA   sing N N 55  
ASP N   H    sing N N 56  
ASP N   H2   sing N N 57  
ASP CA  C    sing N N 58  
ASP CA  CB   sing N N 59  
ASP CA  HA   sing N N 60  
ASP C   O    doub N N 61  
ASP C   OXT  sing N N 62  
ASP CB  CG   sing N N 63  
ASP CB  HB2  sing N N 64  
ASP CB  HB3  sing N N 65  
ASP CG  OD1  doub N N 66  
ASP CG  OD2  sing N N 67  
ASP OD2 HD2  sing N N 68  
ASP OXT HXT  sing N N 69  
GLN N   CA   sing N N 70  
GLN N   H    sing N N 71  
GLN N   H2   sing N N 72  
GLN CA  C    sing N N 73  
GLN CA  CB   sing N N 74  
GLN CA  HA   sing N N 75  
GLN C   O    doub N N 76  
GLN C   OXT  sing N N 77  
GLN CB  CG   sing N N 78  
GLN CB  HB2  sing N N 79  
GLN CB  HB3  sing N N 80  
GLN CG  CD   sing N N 81  
GLN CG  HG2  sing N N 82  
GLN CG  HG3  sing N N 83  
GLN CD  OE1  doub N N 84  
GLN CD  NE2  sing N N 85  
GLN NE2 HE21 sing N N 86  
GLN NE2 HE22 sing N N 87  
GLN OXT HXT  sing N N 88  
GLU N   CA   sing N N 89  
GLU N   H    sing N N 90  
GLU N   H2   sing N N 91  
GLU CA  C    sing N N 92  
GLU CA  CB   sing N N 93  
GLU CA  HA   sing N N 94  
GLU C   O    doub N N 95  
GLU C   OXT  sing N N 96  
GLU CB  CG   sing N N 97  
GLU CB  HB2  sing N N 98  
GLU CB  HB3  sing N N 99  
GLU CG  CD   sing N N 100 
GLU CG  HG2  sing N N 101 
GLU CG  HG3  sing N N 102 
GLU CD  OE1  doub N N 103 
GLU CD  OE2  sing N N 104 
GLU OE2 HE2  sing N N 105 
GLU OXT HXT  sing N N 106 
GLY N   CA   sing N N 107 
GLY N   H    sing N N 108 
GLY N   H2   sing N N 109 
GLY CA  C    sing N N 110 
GLY CA  HA2  sing N N 111 
GLY CA  HA3  sing N N 112 
GLY C   O    doub N N 113 
GLY C   OXT  sing N N 114 
GLY OXT HXT  sing N N 115 
HIS N   CA   sing N N 116 
HIS N   H    sing N N 117 
HIS N   H2   sing N N 118 
HIS CA  C    sing N N 119 
HIS CA  CB   sing N N 120 
HIS CA  HA   sing N N 121 
HIS C   O    doub N N 122 
HIS C   OXT  sing N N 123 
HIS CB  CG   sing N N 124 
HIS CB  HB2  sing N N 125 
HIS CB  HB3  sing N N 126 
HIS CG  ND1  sing Y N 127 
HIS CG  CD2  doub Y N 128 
HIS ND1 CE1  doub Y N 129 
HIS ND1 HD1  sing N N 130 
HIS CD2 NE2  sing Y N 131 
HIS CD2 HD2  sing N N 132 
HIS CE1 NE2  sing Y N 133 
HIS CE1 HE1  sing N N 134 
HIS NE2 HE2  sing N N 135 
HIS OXT HXT  sing N N 136 
HOH O   H1   sing N N 137 
HOH O   H2   sing N N 138 
ILE N   CA   sing N N 139 
ILE N   H    sing N N 140 
ILE N   H2   sing N N 141 
ILE CA  C    sing N N 142 
ILE CA  CB   sing N N 143 
ILE CA  HA   sing N N 144 
ILE C   O    doub N N 145 
ILE C   OXT  sing N N 146 
ILE CB  CG1  sing N N 147 
ILE CB  CG2  sing N N 148 
ILE CB  HB   sing N N 149 
ILE CG1 CD1  sing N N 150 
ILE CG1 HG12 sing N N 151 
ILE CG1 HG13 sing N N 152 
ILE CG2 HG21 sing N N 153 
ILE CG2 HG22 sing N N 154 
ILE CG2 HG23 sing N N 155 
ILE CD1 HD11 sing N N 156 
ILE CD1 HD12 sing N N 157 
ILE CD1 HD13 sing N N 158 
ILE OXT HXT  sing N N 159 
LEU N   CA   sing N N 160 
LEU N   H    sing N N 161 
LEU N   H2   sing N N 162 
LEU CA  C    sing N N 163 
LEU CA  CB   sing N N 164 
LEU CA  HA   sing N N 165 
LEU C   O    doub N N 166 
LEU C   OXT  sing N N 167 
LEU CB  CG   sing N N 168 
LEU CB  HB2  sing N N 169 
LEU CB  HB3  sing N N 170 
LEU CG  CD1  sing N N 171 
LEU CG  CD2  sing N N 172 
LEU CG  HG   sing N N 173 
LEU CD1 HD11 sing N N 174 
LEU CD1 HD12 sing N N 175 
LEU CD1 HD13 sing N N 176 
LEU CD2 HD21 sing N N 177 
LEU CD2 HD22 sing N N 178 
LEU CD2 HD23 sing N N 179 
LEU OXT HXT  sing N N 180 
LYS N   CA   sing N N 181 
LYS N   H    sing N N 182 
LYS N   H2   sing N N 183 
LYS CA  C    sing N N 184 
LYS CA  CB   sing N N 185 
LYS CA  HA   sing N N 186 
LYS C   O    doub N N 187 
LYS C   OXT  sing N N 188 
LYS CB  CG   sing N N 189 
LYS CB  HB2  sing N N 190 
LYS CB  HB3  sing N N 191 
LYS CG  CD   sing N N 192 
LYS CG  HG2  sing N N 193 
LYS CG  HG3  sing N N 194 
LYS CD  CE   sing N N 195 
LYS CD  HD2  sing N N 196 
LYS CD  HD3  sing N N 197 
LYS CE  NZ   sing N N 198 
LYS CE  HE2  sing N N 199 
LYS CE  HE3  sing N N 200 
LYS NZ  HZ1  sing N N 201 
LYS NZ  HZ2  sing N N 202 
LYS NZ  HZ3  sing N N 203 
LYS OXT HXT  sing N N 204 
MET N   CA   sing N N 205 
MET N   H    sing N N 206 
MET N   H2   sing N N 207 
MET CA  C    sing N N 208 
MET CA  CB   sing N N 209 
MET CA  HA   sing N N 210 
MET C   O    doub N N 211 
MET C   OXT  sing N N 212 
MET CB  CG   sing N N 213 
MET CB  HB2  sing N N 214 
MET CB  HB3  sing N N 215 
MET CG  SD   sing N N 216 
MET CG  HG2  sing N N 217 
MET CG  HG3  sing N N 218 
MET SD  CE   sing N N 219 
MET CE  HE1  sing N N 220 
MET CE  HE2  sing N N 221 
MET CE  HE3  sing N N 222 
MET OXT HXT  sing N N 223 
PHE N   CA   sing N N 224 
PHE N   H    sing N N 225 
PHE N   H2   sing N N 226 
PHE CA  C    sing N N 227 
PHE CA  CB   sing N N 228 
PHE CA  HA   sing N N 229 
PHE C   O    doub N N 230 
PHE C   OXT  sing N N 231 
PHE CB  CG   sing N N 232 
PHE CB  HB2  sing N N 233 
PHE CB  HB3  sing N N 234 
PHE CG  CD1  doub Y N 235 
PHE CG  CD2  sing Y N 236 
PHE CD1 CE1  sing Y N 237 
PHE CD1 HD1  sing N N 238 
PHE CD2 CE2  doub Y N 239 
PHE CD2 HD2  sing N N 240 
PHE CE1 CZ   doub Y N 241 
PHE CE1 HE1  sing N N 242 
PHE CE2 CZ   sing Y N 243 
PHE CE2 HE2  sing N N 244 
PHE CZ  HZ   sing N N 245 
PHE OXT HXT  sing N N 246 
PRO N   CA   sing N N 247 
PRO N   CD   sing N N 248 
PRO N   H    sing N N 249 
PRO CA  C    sing N N 250 
PRO CA  CB   sing N N 251 
PRO CA  HA   sing N N 252 
PRO C   O    doub N N 253 
PRO C   OXT  sing N N 254 
PRO CB  CG   sing N N 255 
PRO CB  HB2  sing N N 256 
PRO CB  HB3  sing N N 257 
PRO CG  CD   sing N N 258 
PRO CG  HG2  sing N N 259 
PRO CG  HG3  sing N N 260 
PRO CD  HD2  sing N N 261 
PRO CD  HD3  sing N N 262 
PRO OXT HXT  sing N N 263 
SER N   CA   sing N N 264 
SER N   H    sing N N 265 
SER N   H2   sing N N 266 
SER CA  C    sing N N 267 
SER CA  CB   sing N N 268 
SER CA  HA   sing N N 269 
SER C   O    doub N N 270 
SER C   OXT  sing N N 271 
SER CB  OG   sing N N 272 
SER CB  HB2  sing N N 273 
SER CB  HB3  sing N N 274 
SER OG  HG   sing N N 275 
SER OXT HXT  sing N N 276 
THR N   CA   sing N N 277 
THR N   H    sing N N 278 
THR N   H2   sing N N 279 
THR CA  C    sing N N 280 
THR CA  CB   sing N N 281 
THR CA  HA   sing N N 282 
THR C   O    doub N N 283 
THR C   OXT  sing N N 284 
THR CB  OG1  sing N N 285 
THR CB  CG2  sing N N 286 
THR CB  HB   sing N N 287 
THR OG1 HG1  sing N N 288 
THR CG2 HG21 sing N N 289 
THR CG2 HG22 sing N N 290 
THR CG2 HG23 sing N N 291 
THR OXT HXT  sing N N 292 
TRP N   CA   sing N N 293 
TRP N   H    sing N N 294 
TRP N   H2   sing N N 295 
TRP CA  C    sing N N 296 
TRP CA  CB   sing N N 297 
TRP CA  HA   sing N N 298 
TRP C   O    doub N N 299 
TRP C   OXT  sing N N 300 
TRP CB  CG   sing N N 301 
TRP CB  HB2  sing N N 302 
TRP CB  HB3  sing N N 303 
TRP CG  CD1  doub Y N 304 
TRP CG  CD2  sing Y N 305 
TRP CD1 NE1  sing Y N 306 
TRP CD1 HD1  sing N N 307 
TRP CD2 CE2  doub Y N 308 
TRP CD2 CE3  sing Y N 309 
TRP NE1 CE2  sing Y N 310 
TRP NE1 HE1  sing N N 311 
TRP CE2 CZ2  sing Y N 312 
TRP CE3 CZ3  doub Y N 313 
TRP CE3 HE3  sing N N 314 
TRP CZ2 CH2  doub Y N 315 
TRP CZ2 HZ2  sing N N 316 
TRP CZ3 CH2  sing Y N 317 
TRP CZ3 HZ3  sing N N 318 
TRP CH2 HH2  sing N N 319 
TRP OXT HXT  sing N N 320 
TYR N   CA   sing N N 321 
TYR N   H    sing N N 322 
TYR N   H2   sing N N 323 
TYR CA  C    sing N N 324 
TYR CA  CB   sing N N 325 
TYR CA  HA   sing N N 326 
TYR C   O    doub N N 327 
TYR C   OXT  sing N N 328 
TYR CB  CG   sing N N 329 
TYR CB  HB2  sing N N 330 
TYR CB  HB3  sing N N 331 
TYR CG  CD1  doub Y N 332 
TYR CG  CD2  sing Y N 333 
TYR CD1 CE1  sing Y N 334 
TYR CD1 HD1  sing N N 335 
TYR CD2 CE2  doub Y N 336 
TYR CD2 HD2  sing N N 337 
TYR CE1 CZ   doub Y N 338 
TYR CE1 HE1  sing N N 339 
TYR CE2 CZ   sing Y N 340 
TYR CE2 HE2  sing N N 341 
TYR CZ  OH   sing N N 342 
TYR OH  HH   sing N N 343 
TYR OXT HXT  sing N N 344 
VAL N   CA   sing N N 345 
VAL N   H    sing N N 346 
VAL N   H2   sing N N 347 
VAL CA  C    sing N N 348 
VAL CA  CB   sing N N 349 
VAL CA  HA   sing N N 350 
VAL C   O    doub N N 351 
VAL C   OXT  sing N N 352 
VAL CB  CG1  sing N N 353 
VAL CB  CG2  sing N N 354 
VAL CB  HB   sing N N 355 
VAL CG1 HG11 sing N N 356 
VAL CG1 HG12 sing N N 357 
VAL CG1 HG13 sing N N 358 
VAL CG2 HG21 sing N N 359 
VAL CG2 HG22 sing N N 360 
VAL CG2 HG23 sing N N 361 
VAL OXT HXT  sing N N 362 
# 
_pdbx_audit_support.funding_organization   
'National Institutes of Health/National Institute of General Medical Sciences (NIH/NIGMS)' 
_pdbx_audit_support.country                'United States' 
_pdbx_audit_support.grant_number           R35GM131923 
_pdbx_audit_support.ordinal                1 
# 
_pdbx_initial_refinement_model.accession_code   ? 
_pdbx_initial_refinement_model.id               1 
_pdbx_initial_refinement_model.entity_id_list   ? 
_pdbx_initial_refinement_model.type             'in silico model' 
_pdbx_initial_refinement_model.source_name      ? 
_pdbx_initial_refinement_model.details          'residues 6-40 of the rosetta design model' 
# 
_space_group.name_H-M_alt     'C 1 2 1' 
_space_group.name_Hall        'C 2y' 
_space_group.IT_number        5 
_space_group.crystal_system   monoclinic 
_space_group.id               1 
# 
_atom_sites.entry_id                    7TJL 
_atom_sites.Cartn_transf_matrix[1][1]   ? 
_atom_sites.Cartn_transf_matrix[1][2]   ? 
_atom_sites.Cartn_transf_matrix[1][3]   ? 
_atom_sites.Cartn_transf_matrix[2][1]   ? 
_atom_sites.Cartn_transf_matrix[2][2]   ? 
_atom_sites.Cartn_transf_matrix[2][3]   ? 
_atom_sites.Cartn_transf_matrix[3][1]   ? 
_atom_sites.Cartn_transf_matrix[3][2]   ? 
_atom_sites.Cartn_transf_matrix[3][3]   ? 
_atom_sites.Cartn_transf_vector[1]      ? 
_atom_sites.Cartn_transf_vector[2]      ? 
_atom_sites.Cartn_transf_vector[3]      ? 
_atom_sites.fract_transf_matrix[1][1]   -0.00574248 
_atom_sites.fract_transf_matrix[1][2]   -0.00124671 
_atom_sites.fract_transf_matrix[1][3]   0.00629900 
_atom_sites.fract_transf_matrix[2][1]   0.00767768 
_atom_sites.fract_transf_matrix[2][2]   -0.03132078 
_atom_sites.fract_transf_matrix[2][3]   0.00080027 
_atom_sites.fract_transf_matrix[3][1]   0.02138349 
_atom_sites.fract_transf_matrix[3][2]   0.00582916 
_atom_sites.fract_transf_matrix[3][3]   0.02299016 
_atom_sites.fract_transf_vector[1]      0.381018 
_atom_sites.fract_transf_vector[2]      0.129092 
_atom_sites.fract_transf_vector[3]      0.277497 
_atom_sites.solution_primary            ? 
_atom_sites.solution_secondary          ? 
_atom_sites.solution_hydrogens          ? 
_atom_sites.special_details             ? 
# 
loop_
_atom_type.symbol 
_atom_type.scat_dispersion_real 
_atom_type.scat_dispersion_imag 
_atom_type.scat_Cromer_Mann_a1 
_atom_type.scat_Cromer_Mann_a2 
_atom_type.scat_Cromer_Mann_a3 
_atom_type.scat_Cromer_Mann_a4 
_atom_type.scat_Cromer_Mann_b1 
_atom_type.scat_Cromer_Mann_b2 
_atom_type.scat_Cromer_Mann_b3 
_atom_type.scat_Cromer_Mann_b4 
_atom_type.scat_Cromer_Mann_c 
_atom_type.scat_source 
_atom_type.scat_dispersion_source 
C   ? ? 3.54356 2.42580 ? ? 25.62398 1.50364  ? ? 0.0 
;2-Gaussian fit: Grosse-Kunstleve RW, Sauter NK, Adams PD: Newsletter of the IUCr Commission on Crystallographic Computing 2004, 3, 22-31.
;
? 
N   ? ? 4.01032 2.96436 ? ? 19.97189 1.75589  ? ? 0.0 
;2-Gaussian fit: Grosse-Kunstleve RW, Sauter NK, Adams PD: Newsletter of the IUCr Commission on Crystallographic Computing 2004, 3, 22-31.
;
? 
O   ? ? 4.49882 3.47563 ? ? 15.80542 1.70748  ? ? 0.0 
;2-Gaussian fit: Grosse-Kunstleve RW, Sauter NK, Adams PD: Newsletter of the IUCr Commission on Crystallographic Computing 2004, 3, 22-31.
;
? 
O1- ? ? 5.12366 3.84317 ? ? 3.49406  27.47979 ? ? 0.0 
;2-Gaussian fit: Grosse-Kunstleve RW, Sauter NK, Adams PD: Newsletter of the IUCr Commission on Crystallographic Computing 2004, 3, 22-31.
;
? 
S   ? ? 9.55732 6.39887 ? ? 1.23737  29.19336 ? ? 0.0 
;2-Gaussian fit: Grosse-Kunstleve RW, Sauter NK, Adams PD: Newsletter of the IUCr Commission on Crystallographic Computing 2004, 3, 22-31.
;
? 
# 
loop_
_atom_site.group_PDB 
_atom_site.id 
_atom_site.type_symbol 
_atom_site.label_atom_id 
_atom_site.label_alt_id 
_atom_site.label_comp_id 
_atom_site.label_asym_id 
_atom_site.label_entity_id 
_atom_site.label_seq_id 
_atom_site.pdbx_PDB_ins_code 
_atom_site.Cartn_x 
_atom_site.Cartn_y 
_atom_site.Cartn_z 
_atom_site.occupancy 
_atom_site.B_iso_or_equiv 
_atom_site.pdbx_formal_charge 
_atom_site.auth_seq_id 
_atom_site.auth_comp_id 
_atom_site.auth_asym_id 
_atom_site.auth_atom_id 
_atom_site.pdbx_PDB_model_num 
ATOM   1   N N   . HIS A 1 6  ? 7.17033   3.25908   9.67184   1.000 22.08063 ?  6   HIS A N   1 
ATOM   2   C CA  . HIS A 1 6  ? 6.81725   3.09010   8.25958   1.000 22.88904 ?  6   HIS A CA  1 
ATOM   3   C C   . HIS A 1 6  ? 7.58206   4.03199   7.35247   1.000 20.16907 ?  6   HIS A C   1 
ATOM   4   O O   . HIS A 1 6  ? 8.19661   3.59465   6.38893   1.000 19.46958 ?  6   HIS A O   1 
ATOM   5   C CB  . HIS A 1 6  ? 5.32280   3.31158   8.04745   1.000 23.66924 ?  6   HIS A CB  1 
ATOM   6   C CG  . HIS A 1 6  ? 4.46916   2.34909   8.79933   1.000 20.64397 ?  6   HIS A CG  1 
ATOM   7   N ND1 . HIS A 1 6  ? 4.75178   1.00154   8.85313   1.000 22.33961 ?  6   HIS A ND1 1 
ATOM   8   C CD2 . HIS A 1 6  ? 3.35337   2.53443   9.54568   1.000 26.08445 ?  6   HIS A CD2 1 
ATOM   9   C CE1 . HIS A 1 6  ? 3.83752   0.39362   9.59233   1.000 26.44706 ?  6   HIS A CE1 1 
ATOM   10  N NE2 . HIS A 1 6  ? 2.98189   1.30219   10.02862  1.000 23.27405 ?  6   HIS A NE2 1 
ATOM   11  N N   . LYS A 1 7  ? 7.47389   5.32714   7.64558   1.000 21.08302 ?  7   LYS A N   1 
ATOM   12  C CA  . LYS A 1 7  ? 8.13328   6.32983   6.82387   1.000 28.50914 ?  7   LYS A CA  1 
ATOM   13  C C   . LYS A 1 7  ? 9.63547   6.10498   6.78936   1.000 26.04191 ?  7   LYS A C   1 
ATOM   14  O O   . LYS A 1 7  ? 10.25765  6.20767   5.72624   1.000 21.91207 ?  7   LYS A O   1 
ATOM   15  C CB  . LYS A 1 7  ? 7.79463   7.73375   7.33711   1.000 30.59647 ?  7   LYS A CB  1 
ATOM   16  C CG  . LYS A 1 7  ? 8.68167   8.80541   6.74873   1.000 39.17433 ?  7   LYS A CG  1 
ATOM   17  C CD  . LYS A 1 7  ? 7.88264   10.01371  6.27990   1.000 43.70437 ?  7   LYS A CD  1 
ATOM   18  C CE  . LYS A 1 7  ? 8.82565   11.15354  5.88748   1.000 48.71437 ?  7   LYS A CE  1 
ATOM   19  N NZ  . LYS A 1 7  ? 8.10382   12.30345  5.25470   1.000 53.43259 ?  7   LYS A NZ  1 
ATOM   20  N N   . ALA A 1 8  ? 10.23890  5.78491   7.94276   1.000 21.78818 ?  8   ALA A N   1 
ATOM   21  C CA  . ALA A 1 8  ? 11.68656  5.57213   7.97673   1.000 26.82786 ?  8   ALA A CA  1 
ATOM   22  C C   . ALA A 1 8  ? 12.07787  4.32080   7.20637   1.000 20.94619 ?  8   ALA A C   1 
ATOM   23  O O   . ALA A 1 8  ? 13.12514  4.28578   6.55092   1.000 20.61130 ?  8   ALA A O   1 
ATOM   24  C CB  . ALA A 1 8  ? 12.17747  5.48236   9.42781   1.000 27.25610 ?  8   ALA A CB  1 
ATOM   25  N N   . ARG A 1 9  ? 11.24744  3.28164   7.27408   1.000 19.76752 ?  9   ARG A N   1 
ATOM   26  C CA  . ARG A 1 9  ? 11.52038  2.04965   6.54224   1.000 17.50545 ?  9   ARG A CA  1 
ATOM   27  C C   . ARG A 1 9  ? 11.45028  2.28115   5.02914   1.000 21.48921 ?  9   ARG A C   1 
ATOM   28  O O   . ARG A 1 9  ? 12.31675  1.80690   4.27541   1.000 18.00591 ?  9   ARG A O   1 
ATOM   29  C CB  . ARG A 1 9  ? 10.51599  1.00197   7.01839   1.000 24.42760 ?  9   ARG A CB  1 
ATOM   30  C CG  . ARG A 1 9  ? 11.07106  0.01922   8.05420   1.000 22.28022 ?  9   ARG A CG  1 
ATOM   31  C CD  . ARG A 1 9  ? 10.06916  -1.09693  8.36621   1.000 30.57893 ?  9   ARG A CD  1 
ATOM   32  N NE  . ARG A 1 9  ? 10.15254  -1.46062  9.77823   1.000 32.79417 ?  9   ARG A NE  1 
ATOM   33  C CZ  . ARG A 1 9  ? 9.11351   -1.64619  10.58890  1.000 38.13696 ?  9   ARG A CZ  1 
ATOM   34  N NH1 . ARG A 1 9  ? 7.86511   -1.43619  10.18694  1.000 29.93209 ?  9   ARG A NH1 1 
ATOM   35  N NH2 . ARG A 1 9  ? 9.33385   -2.02764  11.84609  1.000 30.91336 ?  9   ARG A NH2 1 
ATOM   36  N N   . VAL A 1 10 ? 10.45550  3.05236   4.56846   1.000 19.05003 ?  10  VAL A N   1 
ATOM   37  C CA  . VAL A 1 10 ? 10.34683  3.35471   3.13440   1.000 16.06752 ?  10  VAL A CA  1 
ATOM   38  C C   . VAL A 1 10 ? 11.57080  4.13621   2.62984   1.000 18.52735 ?  10  VAL A C   1 
ATOM   39  O O   . VAL A 1 10 ? 12.04558  3.89752   1.51119   1.000 17.44057 ?  10  VAL A O   1 
ATOM   40  C CB  . VAL A 1 10 ? 9.03375   4.10302   2.85612   1.000 18.67092 ?  10  VAL A CB  1 
ATOM   41  C CG1 . VAL A 1 10 ? 8.98856   4.58877   1.42069   1.000 20.43426 ?  10  VAL A CG1 1 
ATOM   42  C CG2 . VAL A 1 10 ? 7.83382   3.17021   3.13360   1.000 15.35445 ?  10  VAL A CG2 1 
ATOM   43  N N   . GLU A 1 11 ? 12.06325  5.10914   3.41416   1.000 20.09332 ?  11  GLU A N   1 
ATOM   44  C CA  . GLU A 1 11 ? 13.24867  5.87430   3.00238   1.000 24.11169 ?  11  GLU A CA  1 
ATOM   45  C C   . GLU A 1 11 ? 14.46084  4.97635   2.82629   1.000 23.22059 ?  11  GLU A C   1 
ATOM   46  O O   . GLU A 1 11 ? 15.25850  5.17582   1.89212   1.000 22.63493 ?  11  GLU A O   1 
ATOM   47  C CB  . GLU A 1 11 ? 13.60718  6.97772   4.01155   1.000 28.39135 ?  11  GLU A CB  1 
ATOM   48  C CG  . GLU A 1 11 ? 12.47174  7.75358   4.59867   1.000 31.50844 ?  11  GLU A CG  1 
ATOM   49  C CD  . GLU A 1 11 ? 12.47829  9.22973   4.22385   1.000 40.41523 ?  11  GLU A CD  1 
ATOM   50  O OE1 . GLU A 1 11 ? 13.53839  9.74439   3.79631   1.000 32.70745 ?  11  GLU A OE1 1 
ATOM   51  O OE2 . GLU A 1 11 ? 11.42037  9.88225   4.39927   1.000 46.34734 -1 11  GLU A OE2 1 
ATOM   52  N N   . GLU A 1 12 ? 14.65170  4.01241   3.73909   1.000 19.95886 ?  12  GLU A N   1 
ATOM   53  C CA  . GLU A 1 12 ? 15.76923  3.07653   3.59118   1.000 24.47354 ?  12  GLU A CA  1 
ATOM   54  C C   . GLU A 1 12 ? 15.60718  2.23329   2.33472   1.000 24.93906 ?  12  GLU A C   1 
ATOM   55  O O   . GLU A 1 12 ? 16.56429  2.05802   1.56950   1.000 23.36337 ?  12  GLU A O   1 
ATOM   56  C CB  . GLU A 1 12 ? 15.90937  2.18069   4.83393   1.000 27.83155 ?  12  GLU A CB  1 
ATOM   57  C CG  . GLU A 1 12 ? 16.83015  0.98373   4.61852   1.000 27.55179 ?  12  GLU A CG  1 
ATOM   58  C CD  . GLU A 1 12 ? 18.29114  1.37585   4.33672   1.000 35.81152 ?  12  GLU A CD  1 
ATOM   59  O OE1 . GLU A 1 12 ? 18.69115  2.55966   4.50626   1.000 30.51420 ?  12  GLU A OE1 1 
ATOM   60  O OE2 . GLU A 1 12 ? 19.01782  0.50282   3.82801   1.000 38.32853 -1 12  GLU A OE2 1 
ATOM   61  N N   . TYR A 1 13 ? 14.39491  1.72915   2.09411   1.000 19.88713 ?  13  TYR A N   1 
ATOM   62  C CA  . TYR A 1 13 ? 14.12180  0.96081   0.88444   1.000 18.07153 ?  13  TYR A CA  1 
ATOM   63  C C   . TYR A 1 13 ? 14.40650  1.77927   -0.36851  1.000 20.86493 ?  13  TYR A C   1 
ATOM   64  O O   . TYR A 1 13 ? 15.00447  1.27833   -1.32412  1.000 20.77237 ?  13  TYR A O   1 
ATOM   65  C CB  . TYR A 1 13 ? 12.66726  0.48852   0.86944   1.000 19.71349 ?  13  TYR A CB  1 
ATOM   66  C CG  . TYR A 1 13 ? 12.35566  -0.55479  1.92384   1.000 17.93218 ?  13  TYR A CG  1 
ATOM   67  C CD1 . TYR A 1 13 ? 13.36443  -1.35197  2.44338   1.000 17.51173 ?  13  TYR A CD1 1 
ATOM   68  C CD2 . TYR A 1 13 ? 11.05709  -0.73111  2.40267   1.000 19.73532 ?  13  TYR A CD2 1 
ATOM   69  C CE1 . TYR A 1 13 ? 13.11149  -2.30084  3.40678   1.000 25.49175 ?  13  TYR A CE1 1 
ATOM   70  C CE2 . TYR A 1 13 ? 10.78865  -1.67802  3.38972   1.000 21.03539 ?  13  TYR A CE2 1 
ATOM   71  C CZ  . TYR A 1 13 ? 11.81638  -2.46944  3.87210   1.000 24.36092 ?  13  TYR A CZ  1 
ATOM   72  O OH  . TYR A 1 13 ? 11.55984  -3.41596  4.84103   1.000 28.64104 ?  13  TYR A OH  1 
ATOM   73  N N   . MET A 1 14 ? 13.94324  3.03053   -0.40212  1.000 20.74687 ?  14  MET A N   1 
ATOM   74  C CA  . MET A 1 14 ? 14.29043  3.88482   -1.53755  1.000 21.93647 ?  14  MET A CA  1 
ATOM   75  C C   . MET A 1 14 ? 15.76044  4.27875   -1.55317  1.000 24.84005 ?  14  MET A C   1 
ATOM   76  O O   . MET A 1 14 ? 16.29118  4.54489   -2.63797  1.000 23.82954 ?  14  MET A O   1 
ATOM   77  C CB  . MET A 1 14 ? 13.39917  5.12300   -1.60452  1.000 25.05573 ?  14  MET A CB  1 
ATOM   78  C CG  . MET A 1 14 ? 11.92054  4.80840   -1.58571  1.000 22.72562 ?  14  MET A CG  1 
ATOM   79  S SD  . MET A 1 14 ? 11.58587  3.76047   -3.02976  1.000 32.21769 ?  14  MET A SD  1 
ATOM   80  C CE  . MET A 1 14 ? 12.27349  4.79351   -4.34519  1.000 33.11980 ?  14  MET A CE  1 
ATOM   81  N N   . ARG A 1 15 ? 16.43911  4.31916   -0.39586  1.000 24.39418 ?  15  ARG A N   1 
ATOM   82  C CA  . ARG A 1 15 ? 17.89523  4.48051   -0.39239  1.000 24.59031 ?  15  ARG A CA  1 
ATOM   83  C C   . ARG A 1 15 ? 18.58473  3.30054   -1.06928  1.000 27.62589 ?  15  ARG A C   1 
ATOM   84  O O   . ARG A 1 15 ? 19.53746  3.48224   -1.84869  1.000 28.70842 ?  15  ARG A O   1 
ATOM   85  C CB  . ARG A 1 15 ? 18.41471  4.64956   1.03872   1.000 28.44115 ?  15  ARG A CB  1 
ATOM   86  C CG  . ARG A 1 15 ? 19.92065  4.96021   1.12747   1.000 33.39416 ?  15  ARG A CG  1 
ATOM   87  C CD  . ARG A 1 15 ? 20.28377  5.57001   2.48391   1.000 33.08068 ?  15  ARG A CD  1 
ATOM   88  N NE  . ARG A 1 15 ? 19.53000  4.97987   3.58882   1.000 42.93257 ?  15  ARG A NE  1 
ATOM   89  C CZ  . ARG A 1 15 ? 18.57344  5.60117   4.27100   1.000 40.44549 ?  15  ARG A CZ  1 
ATOM   90  N NH1 . ARG A 1 15 ? 18.15669  6.81701   3.93642   1.000 36.23843 ?  15  ARG A NH1 1 
ATOM   91  N NH2 . ARG A 1 15 ? 18.02060  4.99192   5.32027   1.000 34.47055 ?  15  ARG A NH2 1 
ATOM   92  N N   . ARG A 1 16 ? 18.04789  2.09746   -0.88164  1.000 22.81271 ?  16  ARG A N   1 
ATOM   93  C CA  . ARG A 1 16 ? 18.58109  0.90556   -1.53374  1.000 25.10285 ?  16  ARG A CA  1 
ATOM   94  C C   . ARG A 1 16 ? 18.20793  0.81752   -3.01175  1.000 27.27740 ?  16  ARG A C   1 
ATOM   95  O O   . ARG A 1 16 ? 19.00532  0.32300   -3.81555  1.000 29.85202 ?  16  ARG A O   1 
ATOM   96  C CB  . ARG A 1 16 ? 18.08288  -0.34848  -0.80934  1.000 26.82709 ?  16  ARG A CB  1 
ATOM   97  C CG  . ARG A 1 16 ? 18.87517  -0.74384  0.42223   1.000 32.74442 ?  16  ARG A CG  1 
ATOM   98  C CD  . ARG A 1 16 ? 20.37351  -0.70055  0.11635   1.000 36.23845 ?  16  ARG A CD  1 
ATOM   99  N NE  . ARG A 1 16 ? 20.89146  -2.02023  -0.23083  1.000 42.65371 ?  16  ARG A NE  1 
ATOM   100 C CZ  . ARG A 1 16 ? 21.01087  -3.03216  0.61753   1.000 43.21290 ?  16  ARG A CZ  1 
ATOM   101 N NH1 . ARG A 1 16 ? 20.67232  -2.90957  1.89172   1.000 44.70952 ?  16  ARG A NH1 1 
ATOM   102 N NH2 . ARG A 1 16 ? 21.45918  -4.20262  0.16813   1.000 44.02581 ?  16  ARG A NH2 1 
ATOM   103 N N   . ALA A 1 17 ? 17.01470  1.27850   -3.39115  1.000 25.51785 ?  17  ALA A N   1 
ATOM   104 C CA  . ALA A 1 17 ? 16.58167  1.16664   -4.78382  1.000 25.24566 ?  17  ALA A CA  1 
ATOM   105 C C   . ALA A 1 17 ? 17.42879  2.03637   -5.71725  1.000 29.23342 ?  17  ALA A C   1 
ATOM   106 O O   . ALA A 1 17 ? 17.75896  1.61511   -6.83013  1.000 30.71086 ?  17  ALA A O   1 
ATOM   107 C CB  . ALA A 1 17 ? 15.10449  1.54195   -4.90518  1.000 24.84956 ?  17  ALA A CB  1 
ATOM   108 N N   . LEU A 1 18 ? 17.76380  3.26251   -5.28268  1.000 29.68894 ?  18  LEU A N   1 
ATOM   109 C CA  . LEU A 1 18 ? 18.60019  4.20099   -6.04299  1.000 33.31863 ?  18  LEU A CA  1 
ATOM   110 C C   . LEU A 1 18 ? 20.05008  3.74864   -6.09480  1.000 32.85586 ?  18  LEU A C   1 
ATOM   111 O O   . LEU A 1 18 ? 20.76684  4.05121   -7.05488  1.000 36.47177 ?  18  LEU A O   1 
ATOM   112 C CB  . LEU A 1 18 ? 18.52804  5.58140   -5.37857  1.000 31.51861 ?  18  LEU A CB  1 
ATOM   113 C CG  . LEU A 1 18 ? 17.16353  6.27091   -5.44964  1.000 31.23570 ?  18  LEU A CG  1 
ATOM   114 C CD1 . LEU A 1 18 ? 17.08207  7.43661   -4.47349  1.000 30.50950 ?  18  LEU A CD1 1 
ATOM   115 C CD2 . LEU A 1 18 ? 16.89118  6.74583   -6.86273  1.000 29.99311 ?  18  LEU A CD2 1 
ATOM   116 N N   . GLN A 1 19 ? 20.51395  3.07128   -5.05021  1.000 34.49315 ?  19  GLN A N   1 
ATOM   117 C CA  . GLN A 1 19 ? 21.86554  2.53603   -5.06596  1.000 32.83078 ?  19  GLN A CA  1 
ATOM   118 C C   . GLN A 1 19 ? 22.00353  1.39392   -6.06457  1.000 36.48072 ?  19  GLN A C   1 
ATOM   119 O O   . GLN A 1 19 ? 23.11043  1.12656   -6.54989  1.000 35.63435 ?  19  GLN A O   1 
ATOM   120 C CB  . GLN A 1 19 ? 22.24594  2.06674   -3.66313  1.000 35.43090 ?  19  GLN A CB  1 
ATOM   121 C CG  . GLN A 1 19 ? 23.64691  2.42071   -3.25020  1.000 42.33635 ?  19  GLN A CG  1 
ATOM   122 C CD  . GLN A 1 19 ? 24.19413  1.45014   -2.22685  1.000 47.44027 ?  19  GLN A CD  1 
ATOM   123 O OE1 . GLN A 1 19 ? 23.47202  1.01087   -1.32576  1.000 47.74110 ?  19  GLN A OE1 1 
ATOM   124 N NE2 . GLN A 1 19 ? 25.47280  1.08838   -2.37157  1.000 48.36394 ?  19  GLN A NE2 1 
ATOM   125 N N   . ALA A 1 20 ? 20.90120  0.71497   -6.38117  1.000 29.38533 ?  20  ALA A N   1 
ATOM   126 C CA  . ALA A 1 20 ? 20.94706  -0.46049  -7.23701  1.000 31.38553 ?  20  ALA A CA  1 
ATOM   127 C C   . ALA A 1 20 ? 21.09391  -0.07789  -8.70684  1.000 31.92857 ?  20  ALA A C   1 
ATOM   128 O O   . ALA A 1 20 ? 20.60425  0.96362   -9.15860  1.000 34.44524 ?  20  ALA A O   1 
ATOM   129 C CB  . ALA A 1 20 ? 19.69045  -1.30962  -7.05026  1.000 29.45549 ?  20  ALA A CB  1 
ATOM   130 N N   . THR A 1 21 ? 21.76278  -0.94863  -9.45822  1.000 29.97139 ?  21  THR A N   1 
ATOM   131 C CA  . THR A 1 21 ? 21.98389  -0.71844  -10.87375 1.000 29.22312 ?  21  THR A CA  1 
ATOM   132 C C   . THR A 1 21 ? 21.30872  -1.74214  -11.77111 1.000 32.24011 ?  21  THR A C   1 
ATOM   133 O O   . THR A 1 21 ? 21.48032  -1.66948  -12.99231 1.000 36.17021 ?  21  THR A O   1 
ATOM   134 C CB  . THR A 1 21 ? 23.48866  -0.68302  -11.18640 1.000 30.51708 ?  21  THR A CB  1 
ATOM   135 O OG1 . THR A 1 21 ? 24.06987  -1.94906  -10.84759 1.000 34.72874 ?  21  THR A OG1 1 
ATOM   136 C CG2 . THR A 1 21 ? 24.18021  0.42905   -10.41419 1.000 27.47318 ?  21  THR A CG2 1 
ATOM   137 N N   . THR A 1 22 ? 20.55780  -2.69491  -11.22141 1.000 27.98968 ?  22  THR A N   1 
ATOM   138 C CA  . THR A 1 22 ? 19.79080  -3.62067  -12.04013 1.000 27.58163 ?  22  THR A CA  1 
ATOM   139 C C   . THR A 1 22 ? 18.30804  -3.40989  -11.77566 1.000 30.16772 ?  22  THR A C   1 
ATOM   140 O O   . THR A 1 22 ? 17.90315  -3.11261  -10.64657 1.000 27.45661 ?  22  THR A O   1 
ATOM   141 C CB  . THR A 1 22 ? 20.17985  -5.07992  -11.77642 1.000 28.40789 ?  22  THR A CB  1 
ATOM   142 O OG1 . THR A 1 22 ? 19.68363  -5.50160  -10.49955 1.000 26.84818 ?  22  THR A OG1 1 
ATOM   143 C CG2 . THR A 1 22 ? 21.71368  -5.25273  -11.81049 1.000 26.50816 ?  22  THR A CG2 1 
ATOM   144 N N   . GLU A 1 23 ? 17.50625  -3.54157  -12.82448 1.000 30.45550 ?  23  GLU A N   1 
ATOM   145 C CA  . GLU A 1 23 ? 16.06464  -3.40537  -12.64881 1.000 29.20966 ?  23  GLU A CA  1 
ATOM   146 C C   . GLU A 1 23 ? 15.46804  -4.45579  -11.71784 1.000 30.53964 ?  23  GLU A C   1 
ATOM   147 O O   . GLU A 1 23 ? 14.53361  -4.10982  -10.97949 1.000 32.30529 ?  23  GLU A O   1 
ATOM   148 C CB  . GLU A 1 23 ? 15.36947  -3.40982  -14.01380 1.000 36.58378 ?  23  GLU A CB  1 
ATOM   149 C CG  . GLU A 1 23 ? 15.95870  -2.38738  -14.96138 1.000 40.59696 ?  23  GLU A CG  1 
ATOM   150 C CD  . GLU A 1 23 ? 15.64183  -0.96558  -14.52155 1.000 46.60523 ?  23  GLU A CD  1 
ATOM   151 O OE1 . GLU A 1 23 ? 14.44232  -0.65112  -14.36763 1.000 44.24543 ?  23  GLU A OE1 1 
ATOM   152 O OE2 . GLU A 1 23 ? 16.59738  -0.18902  -14.25708 1.000 51.27000 -1 23  GLU A OE2 1 
ATOM   153 N N   . PRO A 1 24 ? 15.92411  -5.72066  -11.70465 1.000 30.00047 ?  24  PRO A N   1 
ATOM   154 C CA  . PRO A 1 24 ? 15.48825  -6.63630  -10.62815 1.000 29.90577 ?  24  PRO A CA  1 
ATOM   155 C C   . PRO A 1 24 ? 15.63040  -6.08632  -9.21076  1.000 28.34704 ?  24  PRO A C   1 
ATOM   156 O O   . PRO A 1 24 ? 14.64619  -6.10765  -8.46355  1.000 22.69977 ?  24  PRO A O   1 
ATOM   157 C CB  . PRO A 1 24 ? 16.37168  -7.86963  -10.86072 1.000 28.51446 ?  24  PRO A CB  1 
ATOM   158 C CG  . PRO A 1 24 ? 16.57665  -7.86995  -12.35558 1.000 29.87534 ?  24  PRO A CG  1 
ATOM   159 C CD  . PRO A 1 24 ? 16.68625  -6.43197  -12.75406 1.000 30.31962 ?  24  PRO A CD  1 
ATOM   160 N N   . GLU A 1 25 ? 16.81492  -5.61256  -8.80468  1.000 28.71203 ?  25  GLU A N   1 
ATOM   161 C CA  . GLU A 1 25 ? 16.93798  -5.04441  -7.46026  1.000 24.49126 ?  25  GLU A CA  1 
ATOM   162 C C   . GLU A 1 25 ? 16.11126  -3.77690  -7.28077  1.000 26.02601 ?  25  GLU A C   1 
ATOM   163 O O   . GLU A 1 25 ? 15.50414  -3.59378  -6.22079  1.000 24.74286 ?  25  GLU A O   1 
ATOM   164 C CB  . GLU A 1 25 ? 18.40326  -4.79972  -7.06415  1.000 28.15381 ?  25  GLU A CB  1 
ATOM   165 C CG  . GLU A 1 25 ? 19.34348  -5.93786  -7.30006  1.000 27.13908 ?  25  GLU A CG  1 
ATOM   166 C CD  . GLU A 1 25 ? 20.81272  -5.52275  -7.20505  1.000 35.80289 ?  25  GLU A CD  1 
ATOM   167 O OE1 . GLU A 1 25 ? 21.39818  -5.57034  -6.09847  1.000 32.97202 ?  25  GLU A OE1 1 
ATOM   168 O OE2 . GLU A 1 25 ? 21.38846  -5.19248  -8.26739  1.000 32.12668 -1 25  GLU A OE2 1 
ATOM   169 N N   . LYS A 1 26 ? 16.07303  -2.89104  -8.27963  1.000 25.69484 ?  26  LYS A N   1 
ATOM   170 C CA  . LYS A 1 26 ? 15.26900  -1.68064  -8.13455  1.000 25.54180 ?  26  LYS A CA  1 
ATOM   171 C C   . LYS A 1 26 ? 13.81068  -2.02920  -7.86627  1.000 25.64048 ?  26  LYS A C   1 
ATOM   172 O O   . LYS A 1 26 ? 13.20153  -1.51167  -6.91975  1.000 25.06273 ?  26  LYS A O   1 
ATOM   173 C CB  . LYS A 1 26 ? 15.38096  -0.80021  -9.37589  1.000 23.22883 ?  26  LYS A CB  1 
ATOM   174 C CG  . LYS A 1 26 ? 16.69373  -0.01827  -9.46588  1.000 27.23416 ?  26  LYS A CG  1 
ATOM   175 C CD  . LYS A 1 26 ? 16.67283  0.86583   -10.69987 1.000 30.17852 ?  26  LYS A CD  1 
ATOM   176 C CE  . LYS A 1 26 ? 17.85886  1.80811   -10.71541 1.000 31.82972 ?  26  LYS A CE  1 
ATOM   177 N NZ  . LYS A 1 26 ? 17.96400  2.57076   -9.44670  1.000 28.96174 ?  26  LYS A NZ  1 
ATOM   178 N N   . LYS A 1 27 ? 13.24476  -2.92305  -8.68008  1.000 26.20625 ?  27  LYS A N   1 
ATOM   179 C CA  . LYS A 1 27 ? 11.85437  -3.34041  -8.49089  1.000 28.73997 ?  27  LYS A CA  1 
ATOM   180 C C   . LYS A 1 27 ? 11.64835  -4.04989  -7.15400  1.000 26.82992 ?  27  LYS A C   1 
ATOM   181 O O   . LYS A 1 27 ? 10.59311  -3.90092  -6.51725  1.000 24.67006 ?  27  LYS A O   1 
ATOM   182 C CB  . LYS A 1 27 ? 11.42316  -4.25294  -9.63501  1.000 29.14234 ?  27  LYS A CB  1 
ATOM   183 C CG  . LYS A 1 27 ? 11.47765  -3.64887  -11.02369 1.000 30.97190 ?  27  LYS A CG  1 
ATOM   184 C CD  . LYS A 1 27 ? 10.35008  -2.67169  -11.29919 1.000 36.34234 ?  27  LYS A CD  1 
ATOM   185 C CE  . LYS A 1 27 ? 10.55399  -1.99933  -12.65803 1.000 45.78613 ?  27  LYS A CE  1 
ATOM   186 N NZ  . LYS A 1 27 ? 10.75992  -0.52475  -12.54838 1.000 52.11439 ?  27  LYS A NZ  1 
ATOM   187 N N   . TYR A 1 28 ? 12.62792  -4.85144  -6.72704  1.000 22.59281 ?  28  TYR A N   1 
ATOM   188 C CA  . TYR A 1 28 ? 12.52235  -5.51579  -5.43391  1.000 25.70855 ?  28  TYR A CA  1 
ATOM   189 C C   . TYR A 1 28 ? 12.37085  -4.50047  -4.31004  1.000 25.73638 ?  28  TYR A C   1 
ATOM   190 O O   . TYR A 1 28 ? 11.49233  -4.63427  -3.45621  1.000 22.18661 ?  28  TYR A O   1 
ATOM   191 C CB  . TYR A 1 28 ? 13.74092  -6.41446  -5.17546  1.000 23.29974 ?  28  TYR A CB  1 
ATOM   192 C CG  . TYR A 1 28 ? 13.82692  -6.87754  -3.72817  1.000 27.95766 ?  28  TYR A CG  1 
ATOM   193 C CD1 . TYR A 1 28 ? 13.06474  -7.95801  -3.27174  1.000 32.03498 ?  28  TYR A CD1 1 
ATOM   194 C CD2 . TYR A 1 28 ? 14.63088  -6.21405  -2.80649  1.000 30.14904 ?  28  TYR A CD2 1 
ATOM   195 C CE1 . TYR A 1 28 ? 13.11803  -8.37730  -1.93292  1.000 33.92783 ?  28  TYR A CE1 1 
ATOM   196 C CE2 . TYR A 1 28 ? 14.67855  -6.62617  -1.45592  1.000 30.53839 ?  28  TYR A CE2 1 
ATOM   197 C CZ  . TYR A 1 28 ? 13.92462  -7.70765  -1.03748  1.000 32.84346 ?  28  TYR A CZ  1 
ATOM   198 O OH  . TYR A 1 28 ? 13.98526  -8.10806  0.28417   1.000 34.49854 ?  28  TYR A OH  1 
ATOM   199 N N   . TRP A 1 29 ? 13.23676  -3.48304  -4.27885  1.000 22.40232 ?  29  TRP A N   1 
ATOM   200 C CA  . TRP A 1 29 ? 13.16672  -2.52461  -3.18020  1.000 23.75066 ?  29  TRP A CA  1 
ATOM   201 C C   . TRP A 1 29 ? 11.92083  -1.64522  -3.28611  1.000 23.01488 ?  29  TRP A C   1 
ATOM   202 O O   . TRP A 1 29 ? 11.33074  -1.27656  -2.26262  1.000 19.73676 ?  29  TRP A O   1 
ATOM   203 C CB  . TRP A 1 29 ? 14.43652  -1.68183  -3.13729  1.000 26.51719 ?  29  TRP A CB  1 
ATOM   204 C CG  . TRP A 1 29 ? 15.63205  -2.48804  -2.74751  1.000 24.77019 ?  29  TRP A CG  1 
ATOM   205 C CD1 . TRP A 1 29 ? 16.69366  -2.81052  -3.54482  1.000 25.87586 ?  29  TRP A CD1 1 
ATOM   206 C CD2 . TRP A 1 29 ? 15.88840  -3.08574  -1.47176  1.000 25.23917 ?  29  TRP A CD2 1 
ATOM   207 N NE1 . TRP A 1 29 ? 17.60012  -3.57035  -2.83958  1.000 24.99246 ?  29  TRP A NE1 1 
ATOM   208 C CE2 . TRP A 1 29 ? 17.12922  -3.75411  -1.56325  1.000 25.70731 ?  29  TRP A CE2 1 
ATOM   209 C CE3 . TRP A 1 29 ? 15.19001  -3.12401  -0.25964  1.000 23.91053 ?  29  TRP A CE3 1 
ATOM   210 C CZ2 . TRP A 1 29 ? 17.68764  -4.45086  -0.49195  1.000 28.38338 ?  29  TRP A CZ2 1 
ATOM   211 C CZ3 . TRP A 1 29 ? 15.74887  -3.81961  0.81235   1.000 28.63186 ?  29  TRP A CZ3 1 
ATOM   212 C CH2 . TRP A 1 29 ? 16.98762  -4.47085  0.68510   1.000 32.54164 ?  29  TRP A CH2 1 
ATOM   213 N N   . GLU A 1 30 ? 11.50309  -1.30503  -4.50619  1.000 22.09427 ?  30  GLU A N   1 
ATOM   214 C CA  . GLU A 1 30 ? 10.28457  -0.51662  -4.64645  1.000 24.41900 ?  30  GLU A CA  1 
ATOM   215 C C   . GLU A 1 30 ? 9.06772   -1.30199  -4.16004  1.000 22.87598 ?  30  GLU A C   1 
ATOM   216 O O   . GLU A 1 30 ? 8.12800   -0.71579  -3.60270  1.000 22.29093 ?  30  GLU A O   1 
ATOM   217 C CB  . GLU A 1 30 ? 10.10975  -0.05674  -6.09227  1.000 24.98932 ?  30  GLU A CB  1 
ATOM   218 C CG  . GLU A 1 30 ? 10.85457  1.26569   -6.42583  1.000 31.82161 ?  30  GLU A CG  1 
ATOM   219 C CD  . GLU A 1 30 ? 11.63829  1.22850   -7.74124  1.000 43.16554 ?  30  GLU A CD  1 
ATOM   220 O OE1 . GLU A 1 30 ? 11.04442  0.80860   -8.76313  1.000 40.84891 ?  30  GLU A OE1 1 
ATOM   221 O OE2 . GLU A 1 30 ? 12.82989  1.65994   -7.76994  1.000 40.69941 -1 30  GLU A OE2 1 
ATOM   222 N N   . GLU A 1 31 ? 9.09790   -2.62901  -4.30725  1.000 21.81242 ?  31  GLU A N   1 
ATOM   223 C CA  . GLU A 1 31 ? 8.00808   -3.47643  -3.83992  1.000 24.54532 ?  31  GLU A CA  1 
ATOM   224 C C   . GLU A 1 31 ? 8.05210   -3.64938  -2.32435  1.000 22.83009 ?  31  GLU A C   1 
ATOM   225 O O   . GLU A 1 31 ? 7.00205   -3.69221  -1.66602  1.000 20.34024 ?  31  GLU A O   1 
ATOM   226 C CB  . GLU A 1 31 ? 8.07256   -4.83792  -4.53673  1.000 23.91955 ?  31  GLU A CB  1 
ATOM   227 C CG  . GLU A 1 31 ? 7.11323   -5.86522  -3.93680  1.000 29.18329 ?  31  GLU A CG  1 
ATOM   228 C CD  . GLU A 1 31 ? 5.66460   -5.51217  -4.23602  1.000 36.10827 ?  31  GLU A CD  1 
ATOM   229 O OE1 . GLU A 1 31 ? 5.43206   -4.65352  -5.12087  1.000 38.26622 ?  31  GLU A OE1 1 
ATOM   230 O OE2 . GLU A 1 31 ? 4.75539   -6.06323  -3.57705  1.000 39.15747 -1 31  GLU A OE2 1 
ATOM   231 N N   . GLU A 1 32 ? 9.25629   -3.73713  -1.75253  1.000 22.42289 ?  32  GLU A N   1 
ATOM   232 C CA  . GLU A 1 32 ? 9.40303   -3.65898  -0.30311  1.000 19.79650 ?  32  GLU A CA  1 
ATOM   233 C C   . GLU A 1 32 ? 8.77401   -2.38610  0.24536   1.000 21.15895 ?  32  GLU A C   1 
ATOM   234 O O   . GLU A 1 32 ? 8.12183   -2.41000  1.29418   1.000 18.99569 ?  32  GLU A O   1 
ATOM   235 C CB  . GLU A 1 32 ? 10.88524  -3.70493  0.08426   1.000 20.40762 ?  32  GLU A CB  1 
ATOM   236 C CG  . GLU A 1 32 ? 11.54013  -5.09196  0.18102   1.000 25.51100 ?  32  GLU A CG  1 
ATOM   237 C CD  . GLU A 1 32 ? 10.61399  -6.19614  0.71817   1.000 27.54500 ?  32  GLU A CD  1 
ATOM   238 O OE1 . GLU A 1 32 ? 9.87736   -6.83643  -0.06227  1.000 30.05352 ?  32  GLU A OE1 1 
ATOM   239 O OE2 . GLU A 1 32 ? 10.68637  -6.46673  1.92931   1.000 34.06048 -1 32  GLU A OE2 1 
ATOM   240 N N   . ALA A 1 33 ? 9.00291   -1.25237  -0.42725  1.000 16.92898 ?  33  ALA A N   1 
ATOM   241 C CA  . ALA A 1 33 ? 8.39921   0.00632   0.00820   1.000 18.37018 ?  33  ALA A CA  1 
ATOM   242 C C   . ALA A 1 33 ? 6.88388   -0.04084  -0.11779  1.000 17.51807 ?  33  ALA A C   1 
ATOM   243 O O   . ALA A 1 33 ? 6.16034   0.37493   0.80535   1.000 16.07325 ?  33  ALA A O   1 
ATOM   244 C CB  . ALA A 1 33 ? 8.95244   1.17373   -0.80514  1.000 15.90222 ?  33  ALA A CB  1 
ATOM   245 N N   . LYS A 1 34 ? 6.38216   -0.54287  -1.24763  1.000 14.43551 ?  34  LYS A N   1 
ATOM   246 C CA  . LYS A 1 34 ? 4.93225   -0.72091  -1.39990  1.000 19.52275 ?  34  LYS A CA  1 
ATOM   247 C C   . LYS A 1 34 ? 4.33098   -1.55729  -0.27021  1.000 20.11211 ?  34  LYS A C   1 
ATOM   248 O O   . LYS A 1 34 ? 3.27931   -1.20648  0.29120   1.000 16.57256 ?  34  LYS A O   1 
ATOM   249 C CB  . LYS A 1 34 ? 4.61575   -1.37959  -2.73869  1.000 20.40762 ?  34  LYS A CB  1 
ATOM   250 C CG  . LYS A 1 34 ? 3.14640   -1.21783  -3.19099  1.000 24.13838 ?  34  LYS A CG  1 
ATOM   251 C CD  . LYS A 1 34 ? 2.80339   -2.21071  -4.33566  1.000 27.56054 ?  34  LYS A CD  1 
ATOM   252 C CE  . LYS A 1 34 ? 1.44780   -1.90209  -4.96852  1.000 28.57008 ?  34  LYS A CE  1 
ATOM   253 N NZ  . LYS A 1 34 ? 1.11117   -2.80645  -6.13600  1.000 30.94944 ?  34  LYS A NZ  1 
ATOM   254 N N   . LYS A 1 35 ? 4.95053   -2.70446  0.04030   1.000 17.62880 ?  35  LYS A N   1 
ATOM   255 C CA  . LYS A 1 35 ? 4.39803   -3.59451  1.06044   1.000 19.26131 ?  35  LYS A CA  1 
ATOM   256 C C   . LYS A 1 35 ? 4.41797   -2.96598  2.45213   1.000 18.71164 ?  35  LYS A C   1 
ATOM   257 O O   . LYS A 1 35 ? 3.51459   -3.22645  3.26258   1.000 17.82601 ?  35  LYS A O   1 
ATOM   258 C CB  . LYS A 1 35 ? 5.15808   -4.91903  1.06299   1.000 20.68959 ?  35  LYS A CB  1 
ATOM   259 C CG  . LYS A 1 35 ? 4.80832   -5.80740  -0.11856  1.000 24.46440 ?  35  LYS A CG  1 
ATOM   260 C CD  . LYS A 1 35 ? 5.62550   -7.09504  -0.18823  1.000 27.90748 ?  35  LYS A CD  1 
ATOM   261 C CE  . LYS A 1 35 ? 7.02768   -6.93492  0.36578   1.000 31.93106 ?  35  LYS A CE  1 
ATOM   262 N NZ  . LYS A 1 35 ? 7.78946   -8.22342  0.31036   1.000 31.14434 ?  35  LYS A NZ  1 
ATOM   263 N N   . GLU A 1 36 ? 5.43945   -2.16717  2.75382   1.000 15.70850 ?  36  GLU A N   1 
ATOM   264 C CA  . GLU A 1 36 ? 5.49102   -1.46276  4.03017   1.000 20.73404 ?  36  GLU A CA  1 
ATOM   265 C C   . GLU A 1 36 ? 4.34674   -0.46463  4.13023   1.000 19.18833 ?  36  GLU A C   1 
ATOM   266 O O   . GLU A 1 36 ? 3.68960   -0.35197  5.16987   1.000 19.33440 ?  36  GLU A O   1 
ATOM   267 C CB  . GLU A 1 36 ? 6.83074   -0.73962  4.16200   1.000 20.22309 ?  36  GLU A CB  1 
ATOM   268 C CG  . GLU A 1 36 ? 7.03677   0.00349   5.47101   1.000 22.26977 ?  36  GLU A CG  1 
ATOM   269 C CD  . GLU A 1 36 ? 7.02656   -0.94377  6.66800   1.000 33.47863 ?  36  GLU A CD  1 
ATOM   270 O OE1 . GLU A 1 36 ? 7.30130   -2.15805  6.45087   1.000 29.77743 ?  36  GLU A OE1 1 
ATOM   271 O OE2 . GLU A 1 36 ? 6.74328   -0.47532  7.80725   1.000 31.20788 -1 36  GLU A OE2 1 
ATOM   272 N N   . ILE A 1 37 ? 4.09515   0.27625   3.05127   1.000 14.29111 ?  37  ILE A N   1 
ATOM   273 C CA  . ILE A 1 37 ? 2.97891   1.21499   3.05696   1.000 18.21698 ?  37  ILE A CA  1 
ATOM   274 C C   . ILE A 1 37 ? 1.66759   0.47981   3.26987   1.000 13.88301 ?  37  ILE A C   1 
ATOM   275 O O   . ILE A 1 37 ? 0.79474   0.93897   4.01808   1.000 19.05146 ?  37  ILE A O   1 
ATOM   276 C CB  . ILE A 1 37 ? 2.97647   2.01818   1.74435   1.000 16.57618 ?  37  ILE A CB  1 
ATOM   277 C CG1 . ILE A 1 37 ? 4.22357   2.87693   1.70292   1.000 14.82734 ?  37  ILE A CG1 1 
ATOM   278 C CG2 . ILE A 1 37 ? 1.75502   2.90464   1.64030   1.000 16.24109 ?  37  ILE A CG2 1 
ATOM   279 C CD1 . ILE A 1 37 ? 4.51434   3.37301   0.35104   1.000 21.76248 ?  37  ILE A CD1 1 
ATOM   280 N N   . GLU A 1 38 ? 1.50935   -0.67855  2.62315   1.000 13.52619 ?  38  GLU A N   1 
ATOM   281 C CA  . GLU A 1 38 ? 0.27531   -1.44557  2.78335   1.000 15.70426 ?  38  GLU A CA  1 
ATOM   282 C C   . GLU A 1 38 ? 0.08161   -1.90521  4.22740   1.000 16.30043 ?  38  GLU A C   1 
ATOM   283 O O   . GLU A 1 38 ? -1.05612  -1.95966  4.70770   1.000 12.60120 ?  38  GLU A O   1 
ATOM   284 C CB  . GLU A 1 38 ? 0.29703   -2.61982  1.80381   1.000 19.49084 ?  38  GLU A CB  1 
ATOM   285 C CG  . GLU A 1 38 ? 0.19251   -2.11085  0.35517   1.000 16.06166 ?  38  GLU A CG  1 
ATOM   286 C CD  . GLU A 1 38 ? 0.14997   -3.21398  -0.69098  1.000 28.52684 ?  38  GLU A CD  1 
ATOM   287 O OE1 . GLU A 1 38 ? 0.61363   -4.34434  -0.40365  1.000 25.59181 ?  38  GLU A OE1 1 
ATOM   288 O OE2 . GLU A 1 38 ? -0.33581  -2.93868  -1.82299  1.000 27.31203 -1 38  GLU A OE2 1 
ATOM   289 N N   . GLN A 1 39 ? 1.17224   -2.21487  4.94306   1.000 13.41841 ?  39  GLN A N   1 
ATOM   290 C CA  . GLN A 1 39 ? 1.05257   -2.54457  6.36864   1.000 16.16451 ?  39  GLN A CA  1 
ATOM   291 C C   . GLN A 1 39 ? 0.49522   -1.37622  7.17698   1.000 17.69991 ?  39  GLN A C   1 
ATOM   292 O O   . GLN A 1 39 ? -0.33307  -1.57583  8.07717   1.000 16.24442 ?  39  GLN A O   1 
ATOM   293 C CB  . GLN A 1 39 ? 2.41019   -2.97261  6.94376   1.000 17.37401 ?  39  GLN A CB  1 
ATOM   294 C CG  . GLN A 1 39 ? 2.83419   -4.35360  6.50923   1.000 18.72347 ?  39  GLN A CG  1 
ATOM   295 C CD  . GLN A 1 39 ? 1.88065   -5.40791  6.96339   1.000 22.34485 ?  39  GLN A CD  1 
ATOM   296 O OE1 . GLN A 1 39 ? 1.47713   -5.43369  8.13282   1.000 18.25509 ?  39  GLN A OE1 1 
ATOM   297 N NE2 . GLN A 1 39 ? 1.48586   -6.29038  6.04168   1.000 17.44903 ?  39  GLN A NE2 1 
ATOM   298 N N   . ALA A 1 40 ? 0.95534   -0.15004  6.89649   1.000 16.04195 ?  40  ALA A N   1 
ATOM   299 C CA  . ALA A 1 40 ? 0.34545   1.01363   7.54236   1.000 18.16735 ?  40  ALA A CA  1 
ATOM   300 C C   . ALA A 1 40 ? -1.15040  1.10188   7.24863   1.000 18.35065 ?  40  ALA A C   1 
ATOM   301 O O   . ALA A 1 40 ? -1.95512  1.40238   8.14733   1.000 17.46121 ?  40  ALA A O   1 
ATOM   302 C CB  . ALA A 1 40 ? 1.04271   2.29489   7.10235   1.000 17.71336 ?  40  ALA A CB  1 
ATOM   303 N N   . MET A 1 41 ? -1.54650  0.87986   5.98706   1.000 15.92038 ?  41  MET A N   1 
ATOM   304 C CA  . MET A 1 41 ? -2.97084  0.95501   5.66347   1.000 16.18444 ?  41  MET A CA  1 
ATOM   305 C C   . MET A 1 41 ? -3.76632  -0.17323  6.30327   1.000 15.26684 ?  41  MET A C   1 
ATOM   306 O O   . MET A 1 41 ? -4.90296  0.05273   6.74342   1.000 16.33715 ?  41  MET A O   1 
ATOM   307 C CB  . MET A 1 41 ? -3.20964  0.98435   4.14464   1.000 17.90539 ?  41  MET A CB  1 
ATOM   308 C CG  . MET A 1 41 ? -2.59834  2.17007   3.41015   1.000 17.89952 ?  41  MET A CG  1 
ATOM   309 S SD  . MET A 1 41 ? -2.33205  1.86462   1.63837   1.000 15.46714 ?  41  MET A SD  1 
ATOM   310 C CE  . MET A 1 41 ? -1.65191  3.44512   1.18286   1.000 17.41299 ?  41  MET A CE  1 
ATOM   311 N N   . TYR A 1 42 ? -3.21246  -1.39384  6.38514   1.000 13.78105 ?  42  TYR A N   1 
ATOM   312 C CA  . TYR A 1 42 ? -3.97908  -2.47451  7.03743   1.000 13.90411 ?  42  TYR A CA  1 
ATOM   313 C C   . TYR A 1 42 ? -4.33138  -2.13074  8.47390   1.000 16.86480 ?  42  TYR A C   1 
ATOM   314 O O   . TYR A 1 42 ? -5.40260  -2.52346  8.98367   1.000 15.07428 ?  42  TYR A O   1 
ATOM   315 C CB  . TYR A 1 42 ? -3.20420  -3.79355  7.03174   1.000 13.84977 ?  42  TYR A CB  1 
ATOM   316 C CG  . TYR A 1 42 ? -2.92811  -4.36023  5.66433   1.000 16.84319 ?  42  TYR A CG  1 
ATOM   317 C CD1 . TYR A 1 42 ? -3.87210  -4.27071  4.64029   1.000 18.61195 ?  42  TYR A CD1 1 
ATOM   318 C CD2 . TYR A 1 42 ? -1.70298  -4.94978  5.38132   1.000 18.47937 ?  42  TYR A CD2 1 
ATOM   319 C CE1 . TYR A 1 42 ? -3.59687  -4.79699  3.37040   1.000 15.00156 ?  42  TYR A CE1 1 
ATOM   320 C CE2 . TYR A 1 42 ? -1.41639  -5.46761  4.13205   1.000 18.11892 ?  42  TYR A CE2 1 
ATOM   321 C CZ  . TYR A 1 42 ? -2.36217  -5.38420  3.12790   1.000 25.46108 ?  42  TYR A CZ  1 
ATOM   322 O OH  . TYR A 1 42 ? -2.05497  -5.90004  1.87979   1.000 18.78449 ?  42  TYR A OH  1 
ATOM   323 N N   . ALA A 1 43 ? -3.42781  -1.44869  9.16627   1.000 15.18961 ?  43  ALA A N   1 
ATOM   324 C CA  . ALA A 1 43 ? -3.70214  -1.08996  10.56116  1.000 12.44600 ?  43  ALA A CA  1 
ATOM   325 C C   . ALA A 1 43 ? -4.81205  -0.04827  10.66543  1.000 17.33466 ?  43  ALA A C   1 
ATOM   326 O O   . ALA A 1 43 ? -5.66930  -0.13255  11.56053  1.000 17.30151 ?  43  ALA A O   1 
ATOM   327 C CB  . ALA A 1 43 ? -2.42704  -0.57891  11.23468  1.000 15.68579 ?  43  ALA A CB  1 
ATOM   328 N N   . ASP A 1 44 ? -4.79607  0.96316   9.78849   1.000 15.60880 ?  44  ASP A N   1 
ATOM   329 C CA  . ASP A 1 44 ? -5.88208  1.94451   9.76081   1.000 18.77295 ?  44  ASP A CA  1 
ATOM   330 C C   . ASP A 1 44 ? -7.20274  1.26928   9.42688   1.000 17.84149 ?  44  ASP A C   1 
ATOM   331 O O   . ASP A 1 44 ? -8.23496  1.56953   10.03998  1.000 17.73194 ?  44  ASP A O   1 
ATOM   332 C CB  . ASP A 1 44 ? -5.62961  3.05517   8.72489   1.000 20.31999 ?  44  ASP A CB  1 
ATOM   333 C CG  . ASP A 1 44 ? -4.41604  3.92195   9.03763   1.000 24.51424 ?  44  ASP A CG  1 
ATOM   334 O OD1 . ASP A 1 44 ? -4.16176  4.24419   10.22095  1.000 25.04611 ?  44  ASP A OD1 1 
ATOM   335 O OD2 . ASP A 1 44 ? -3.77537  4.36929   8.06439   1.000 27.19815 -1 44  ASP A OD2 1 
ATOM   336 N N   . ALA A 1 45 ? -7.19160  0.35417   8.45259   1.000 15.21011 ?  45  ALA A N   1 
ATOM   337 C CA  . ALA A 1 45 ? -8.43010  -0.31890  8.05975   1.000 15.83752 ?  45  ALA A CA  1 
ATOM   338 C C   . ALA A 1 45 ? -8.90590  -1.33514  9.08916   1.000 20.12843 ?  45  ALA A C   1 
ATOM   339 O O   . ALA A 1 45 ? -10.10479 -1.64559  9.12592   1.000 16.84128 ?  45  ALA A O   1 
ATOM   340 C CB  . ALA A 1 45 ? -8.25842  -1.00445  6.70985   1.000 16.97164 ?  45  ALA A CB  1 
ATOM   341 N N   . LEU A 1 46 ? -8.00252  -1.88069  9.90684   1.000 16.80701 ?  46  LEU A N   1 
ATOM   342 C CA  . LEU A 1 46 ? -8.42617  -2.71908  11.02739  1.000 20.03730 ?  46  LEU A CA  1 
ATOM   343 C C   . LEU A 1 46 ? -9.36296  -1.96615  11.95506  1.000 18.19749 ?  46  LEU A C   1 
ATOM   344 O O   . LEU A 1 46 ? -10.35383 -2.52413  12.44171  1.000 17.92806 ?  46  LEU A O   1 
ATOM   345 C CB  . LEU A 1 46 ? -7.20282  -3.20972  11.81134  1.000 18.15952 ?  46  LEU A CB  1 
ATOM   346 C CG  . LEU A 1 46 ? -7.48660  -4.10613  13.02765  1.000 17.74441 ?  46  LEU A CG  1 
ATOM   347 C CD1 . LEU A 1 46 ? -7.77184  -5.53900  12.57004  1.000 21.40162 ?  46  LEU A CD1 1 
ATOM   348 C CD2 . LEU A 1 46 ? -6.30412  -4.05781  14.01438  1.000 15.54967 ?  46  LEU A CD2 1 
ATOM   349 N N   . ILE A 1 47 ? -9.07171  -0.69649  12.21510  1.000 15.77189 ?  47  ILE A N   1 
ATOM   350 C CA  . ILE A 1 47 ? -9.93022  0.07569   13.10536  1.000 18.00755 ?  47  ILE A CA  1 
ATOM   351 C C   . ILE A 1 47 ? -11.16631 0.58421   12.37735  1.000 25.85006 ?  47  ILE A C   1 
ATOM   352 O O   . ILE A 1 47 ? -12.28340 0.55610   12.92483  1.000 17.75404 ?  47  ILE A O   1 
ATOM   353 C CB  . ILE A 1 47 ? -9.15094  1.23334   13.73163  1.000 20.43217 ?  47  ILE A CB  1 
ATOM   354 C CG1 . ILE A 1 47 ? -7.97270  0.67939   14.52635  1.000 19.48871 ?  47  ILE A CG1 1 
ATOM   355 C CG2 . ILE A 1 47 ? -10.07874 2.05186   14.64124  1.000 22.23984 ?  47  ILE A CG2 1 
ATOM   356 C CD1 . ILE A 1 47 ? -7.04002  1.75684   15.01639  1.000 27.12280 ?  47  ILE A CD1 1 
ATOM   357 N N   . ASN A 1 48 ? -11.00885 1.09949   11.16126  1.000 17.67598 ?  48  ASN A N   1 
ATOM   358 C CA  . ASN A 1 48 ? -12.17016 1.59816   10.41896  1.000 23.16055 ?  48  ASN A CA  1 
ATOM   359 C C   . ASN A 1 48 ? -11.94041 1.44028   8.92850   1.000 19.44732 ?  48  ASN A C   1 
ATOM   360 O O   . ASN A 1 48 ? -11.36083 2.32703   8.28543   1.000 18.32429 ?  48  ASN A O   1 
ATOM   361 C CB  . ASN A 1 48 ? -12.48580 3.04881   10.76700  1.000 27.36195 ?  48  ASN A CB  1 
ATOM   362 C CG  . ASN A 1 48 ? -13.86556 3.48374   10.27044  1.000 28.36654 ?  48  ASN A CG  1 
ATOM   363 O OD1 . ASN A 1 48 ? -14.40774 2.91264   9.32493   1.000 25.78786 ?  48  ASN A OD1 1 
ATOM   364 N ND2 . ASN A 1 48 ? -14.44202 4.48998   10.92375  1.000 33.77587 ?  48  ASN A ND2 1 
ATOM   365 N N   . PRO A 1 49 ? -12.44964 0.36475   8.32054   1.000 19.20283 ?  49  PRO A N   1 
ATOM   366 C CA  . PRO A 1 49 ? -12.26670 0.19011   6.86536   1.000 24.08314 ?  49  PRO A CA  1 
ATOM   367 C C   . PRO A 1 49 ? -12.83120 1.33750   6.03549   1.000 25.89457 ?  49  PRO A C   1 
ATOM   368 O O   . PRO A 1 49 ? -12.26436 1.67930   4.98545   1.000 23.81613 ?  49  PRO A O   1 
ATOM   369 C CB  . PRO A 1 49 ? -12.99882 -1.13268  6.57880   1.000 18.93341 ?  49  PRO A CB  1 
ATOM   370 C CG  . PRO A 1 49 ? -13.05805 -1.83578  7.92616   1.000 24.13502 ?  49  PRO A CG  1 
ATOM   371 C CD  . PRO A 1 49 ? -13.26121 -0.72042  8.90605   1.000 20.94774 ?  49  PRO A CD  1 
ATOM   372 N N   . ILE A 1 50 ? -13.92550 1.95707   6.47952   1.000 23.05053 ?  50  ILE A N   1 
ATOM   373 C CA  . ILE A 1 50 ? -14.54851 3.01072   5.68617   1.000 27.18253 ?  50  ILE A CA  1 
ATOM   374 C C   . ILE A 1 50 ? -13.69387 4.27030   5.70950   1.000 27.69729 ?  50  ILE A C   1 
ATOM   375 O O   . ILE A 1 50 ? -13.52028 4.93648   4.68184   1.000 29.87002 ?  50  ILE A O   1 
ATOM   376 C CB  . ILE A 1 50 ? -15.98039 3.27798   6.18209   1.000 31.26667 ?  50  ILE A CB  1 
ATOM   377 C CG1 . ILE A 1 50 ? -16.89002 2.11009   5.80050   1.000 25.86138 ?  50  ILE A CG1 1 
ATOM   378 C CG2 . ILE A 1 50 ? -16.52060 4.56992   5.57634   1.000 36.54653 ?  50  ILE A CG2 1 
ATOM   379 C CD1 . ILE A 1 50 ? -18.35064 2.36042   6.15103   1.000 33.91568 ?  50  ILE A CD1 1 
ATOM   380 N N   . ARG A 1 51 ? -13.12616 4.61109   6.86885   1.000 27.08571 ?  51  ARG A N   1 
ATOM   381 C CA  . ARG A 1 51 ? -12.20659 5.74398   6.91392   1.000 32.55599 ?  51  ARG A CA  1 
ATOM   382 C C   . ARG A 1 51 ? -10.97295 5.49170   6.04437   1.000 32.17862 ?  51  ARG A C   1 
ATOM   383 O O   . ARG A 1 51 ? -10.42574 6.42941   5.44905   1.000 35.51731 ?  51  ARG A O   1 
ATOM   384 C CB  . ARG A 1 51 ? -11.78654 6.04745   8.35202   1.000 35.59782 ?  51  ARG A CB  1 
ATOM   385 C CG  . ARG A 1 51 ? -12.90625 6.72151   9.15729   1.000 41.81123 ?  51  ARG A CG  1 
ATOM   386 C CD  . ARG A 1 51 ? -12.48027 7.06574   10.56149  1.000 50.53408 ?  51  ARG A CD  1 
ATOM   387 N NE  . ARG A 1 51 ? -13.58407 7.63966   11.32596  1.000 59.78969 ?  51  ARG A NE  1 
ATOM   388 C CZ  . ARG A 1 51 ? -13.52429 8.01133   12.60127  1.000 62.56760 ?  51  ARG A CZ  1 
ATOM   389 N NH1 . ARG A 1 51 ? -12.42231 7.84774   13.32211  1.000 67.24996 ?  51  ARG A NH1 1 
ATOM   390 N NH2 . ARG A 1 51 ? -14.59973 8.55628   13.16890  1.000 68.39478 ?  51  ARG A NH2 1 
ATOM   391 N N   . PHE A 1 52 ? -10.50841 4.23793   5.96769   1.000 29.53539 ?  52  PHE A N   1 
ATOM   392 C CA  . PHE A 1 52 ? -9.38875  3.93246   5.07735   1.000 26.02668 ?  52  PHE A CA  1 
ATOM   393 C C   . PHE A 1 52 ? -9.70294  4.34204   3.64474   1.000 28.43611 ?  52  PHE A C   1 
ATOM   394 O O   . PHE A 1 52 ? -8.85860  4.93413   2.95652   1.000 27.92702 ?  52  PHE A O   1 
ATOM   395 C CB  . PHE A 1 52 ? -9.02878  2.44289   5.11882   1.000 22.20941 ?  52  PHE A CB  1 
ATOM   396 C CG  . PHE A 1 52 ? -8.29147  1.98036   3.88636   1.000 18.98826 ?  52  PHE A CG  1 
ATOM   397 C CD1 . PHE A 1 52 ? -6.95902  2.29510   3.70345   1.000 19.03445 ?  52  PHE A CD1 1 
ATOM   398 C CD2 . PHE A 1 52 ? -8.95666  1.27375   2.88821   1.000 15.20378 ?  52  PHE A CD2 1 
ATOM   399 C CE1 . PHE A 1 52 ? -6.28318  1.88352   2.55553   1.000 18.58662 ?  52  PHE A CE1 1 
ATOM   400 C CE2 . PHE A 1 52 ? -8.31149  0.87119   1.74291   1.000 22.65529 ?  52  PHE A CE2 1 
ATOM   401 C CZ  . PHE A 1 52 ? -6.96721  1.17873   1.56750   1.000 20.73953 ?  52  PHE A CZ  1 
ATOM   402 N N   . THR A 1 53 ? -10.90681 4.01204   3.16603   1.000 24.56311 ?  53  THR A N   1 
ATOM   403 C CA  . THR A 1 53 ? -11.30696 4.37992   1.81283   1.000 29.52160 ?  53  THR A CA  1 
ATOM   404 C C   . THR A 1 53 ? -11.42954 5.88688   1.62532   1.000 34.68421 ?  53  THR A C   1 
ATOM   405 O O   . THR A 1 53 ? -11.50315 6.34421   0.47910   1.000 37.86307 ?  53  THR A O   1 
ATOM   406 C CB  . THR A 1 53 ? -12.62682 3.69107   1.42188   1.000 29.16579 ?  53  THR A CB  1 
ATOM   407 O OG1 . THR A 1 53 ? -13.72140 4.23407   2.17727   1.000 31.41299 ?  53  THR A OG1 1 
ATOM   408 C CG2 . THR A 1 53 ? -12.53889 2.17974   1.64967   1.000 23.50191 ?  53  THR A CG2 1 
ATOM   409 N N   . GLU A 1 54 ? -11.40563 6.66597   2.70428   1.000 31.39162 ?  54  GLU A N   1 
ATOM   410 C CA  . GLU A 1 54 ? -11.51097 8.11504   2.62515   1.000 35.83405 ?  54  GLU A CA  1 
ATOM   411 C C   . GLU A 1 54 ? -10.17542 8.81959   2.79473   1.000 32.78491 ?  54  GLU A C   1 
ATOM   412 O O   . GLU A 1 54 ? -10.12566 10.04620  2.67913   1.000 36.96633 ?  54  GLU A O   1 
ATOM   413 C CB  . GLU A 1 54 ? -12.49201 8.63713   3.69000   1.000 32.97307 ?  54  GLU A CB  1 
ATOM   414 C CG  . GLU A 1 54 ? -13.84117 7.94345   3.67339   1.000 30.83998 ?  54  GLU A CG  1 
ATOM   415 C CD  . GLU A 1 54 ? -14.70084 8.27752   4.88139   1.000 41.14786 ?  54  GLU A CD  1 
ATOM   416 O OE1 . GLU A 1 54 ? -14.14509 8.66930   5.93475   1.000 38.05424 ?  54  GLU A OE1 1 
ATOM   417 O OE2 . GLU A 1 54 ? -15.93644 8.12138   4.77981   1.000 41.42880 -1 54  GLU A OE2 1 
ATOM   418 N N   . LYS A 1 55 ? -9.11268  8.06297   3.09405   1.000 33.47631 ?  55  LYS A N   1 
ATOM   419 C CA  . LYS A 1 55 ? -7.80790  8.69540   3.43693   1.000 35.50743 ?  55  LYS A CA  1 
ATOM   420 C C   . LYS A 1 55 ? -6.81452  8.69169   2.26668   1.000 33.13451 ?  55  LYS A C   1 
ATOM   421 O O   . LYS A 1 55 ? -5.60903  8.88676   2.52806   1.000 30.53727 ?  55  LYS A O   1 
ATOM   422 C CB  . LYS A 1 55 ? -7.19607  7.94987   4.62649   1.000 35.49166 ?  55  LYS A CB  1 
ATOM   423 C CG  . LYS A 1 55 ? -6.74841  8.82364   5.78875   1.000 44.85413 ?  55  LYS A CG  1 
ATOM   424 C CD  . LYS A 1 55 ? -5.59573  8.22159   6.55834   1.000 39.09423 ?  55  LYS A CD  1 
ATOM   425 C CE  . LYS A 1 55 ? -6.00910  7.04742   7.41833   1.000 44.10270 ?  55  LYS A CE  1 
ATOM   426 N NZ  . LYS A 1 55 ? -5.06060  6.82851   8.53487   1.000 46.53157 ?  55  LYS A NZ  1 
ATOM   427 N N   . ALA A 1 56 ? -7.28381  8.48956   1.03480   1.000 34.46240 ?  56  ALA A N   1 
ATOM   428 C CA  . ALA A 1 56 ? -6.35806  8.42906   -0.09706  1.000 29.77173 ?  56  ALA A CA  1 
ATOM   429 C C   . ALA A 1 56 ? -5.44641  9.64844   -0.13878  1.000 32.59303 ?  56  ALA A C   1 
ATOM   430 O O   . ALA A 1 56 ? -4.24032  9.52787   -0.38549  1.000 34.09334 ?  56  ALA A O   1 
ATOM   431 C CB  . ALA A 1 56 ? -7.12709  8.30061   -1.41469  1.000 34.52201 ?  56  ALA A CB  1 
ATOM   432 N N   . ALA A 1 57 ? -6.00058  10.83146  0.12532   1.000 30.77159 ?  57  ALA A N   1 
ATOM   433 C CA  . ALA A 1 57 ? -5.21129  12.05614  0.05438   1.000 34.37860 ?  57  ALA A CA  1 
ATOM   434 C C   . ALA A 1 57 ? -4.09399  12.05777  1.08857   1.000 34.67829 ?  57  ALA A C   1 
ATOM   435 O O   . ALA A 1 57 ? -2.95623  12.43916  0.78649   1.000 32.05309 ?  57  ALA A O   1 
ATOM   436 C CB  . ALA A 1 57 ? -6.12196  13.26729  0.24429   1.000 35.92511 ?  57  ALA A CB  1 
ATOM   437 N N   . LYS A 1 58 ? -4.39615  11.62676  2.31509   1.000 31.58773 ?  58  LYS A N   1 
ATOM   438 C CA  . LYS A 1 58 ? -3.38292  11.59714  3.36650   1.000 32.53308 ?  58  LYS A CA  1 
ATOM   439 C C   . LYS A 1 58 ? -2.25393  10.62324  3.03144   1.000 30.56184 ?  58  LYS A C   1 
ATOM   440 O O   . LYS A 1 58 ? -1.08486  10.90264  3.31504   1.000 33.96772 ?  58  LYS A O   1 
ATOM   441 C CB  . LYS A 1 58 ? -4.04085  11.25073  4.70662   1.000 35.68182 ?  58  LYS A CB  1 
ATOM   442 C CG  . LYS A 1 58 ? -3.06633  10.86630  5.82704   1.000 41.56611 ?  58  LYS A CG  1 
ATOM   443 C CD  . LYS A 1 58 ? -2.98167  11.92058  6.93530   1.000 46.83792 ?  58  LYS A CD  1 
ATOM   444 C CE  . LYS A 1 58 ? -1.71926  11.73154  7.78147   1.000 44.79858 ?  58  LYS A CE  1 
ATOM   445 N NZ  . LYS A 1 58 ? -0.83299  12.93849  7.77900   1.000 43.65686 ?  58  LYS A NZ  1 
ATOM   446 N N   . TYR A 1 59 ? -2.57833  9.48367   2.41644   1.000 25.08259 ?  59  TYR A N   1 
ATOM   447 C CA  . TYR A 1 59 ? -1.54009  8.53738   2.01710   1.000 24.90698 ?  59  TYR A CA  1 
ATOM   448 C C   . TYR A 1 59 ? -0.66800  9.11200   0.90330   1.000 28.63659 ?  59  TYR A C   1 
ATOM   449 O O   . TYR A 1 59 ? 0.54580   8.88283   0.88671   1.000 24.76271 ?  59  TYR A O   1 
ATOM   450 C CB  . TYR A 1 59 ? -2.16798  7.22142   1.56241   1.000 22.61575 ?  59  TYR A CB  1 
ATOM   451 C CG  . TYR A 1 59 ? -2.90869  6.48846   2.67611   1.000 26.00344 ?  59  TYR A CG  1 
ATOM   452 C CD1 . TYR A 1 59 ? -2.29322  6.23812   3.90342   1.000 23.88764 ?  59  TYR A CD1 1 
ATOM   453 C CD2 . TYR A 1 59 ? -4.20422  6.03738   2.48977   1.000 24.45700 ?  59  TYR A CD2 1 
ATOM   454 C CE1 . TYR A 1 59 ? -2.96748  5.57373   4.92681   1.000 25.86629 ?  59  TYR A CE1 1 
ATOM   455 C CE2 . TYR A 1 59 ? -4.88746  5.36551   3.50814   1.000 26.86344 ?  59  TYR A CE2 1 
ATOM   456 C CZ  . TYR A 1 59 ? -4.25970  5.13739   4.72115   1.000 24.31783 ?  59  TYR A CZ  1 
ATOM   457 O OH  . TYR A 1 59 ? -4.93791  4.47491   5.73663   1.000 25.95018 ?  59  TYR A OH  1 
ATOM   458 N N   . ILE A 1 60 ? -1.26980  9.84777   -0.03892  1.000 27.36703 ?  60  ILE A N   1 
ATOM   459 C CA  . ILE A 1 60 ? -0.49295  10.44387  -1.13208  1.000 27.10093 ?  60  ILE A CA  1 
ATOM   460 C C   . ILE A 1 60 ? 0.45053   11.50576  -0.58842  1.000 30.20565 ?  60  ILE A C   1 
ATOM   461 O O   . ILE A 1 60 ? 1.59513   11.63371  -1.03958  1.000 30.58280 ?  60  ILE A O   1 
ATOM   462 C CB  . ILE A 1 60 ? -1.40978  11.04727  -2.21722  1.000 28.57539 ?  60  ILE A CB  1 
ATOM   463 C CG1 . ILE A 1 60 ? -2.39877  10.03330  -2.78626  1.000 33.48027 ?  60  ILE A CG1 1 
ATOM   464 C CG2 . ILE A 1 60 ? -0.56975  11.63676  -3.36887  1.000 31.86462 ?  60  ILE A CG2 1 
ATOM   465 C CD1 . ILE A 1 60 ? -1.94901  8.63631   -2.76427  1.000 29.54521 ?  60  ILE A CD1 1 
ATOM   466 N N   . LYS A 1 61 ? -0.01310  12.29754  0.38379   1.000 29.82250 ?  61  LYS A N   1 
ATOM   467 C CA  . LYS A 1 61 ? 0.85992   13.31811  0.95346   1.000 35.38857 ?  61  LYS A CA  1 
ATOM   468 C C   . LYS A 1 61 ? 2.07923   12.66526  1.59477   1.000 36.12552 ?  61  LYS A C   1 
ATOM   469 O O   . LYS A 1 61 ? 3.20164   13.16983  1.46464   1.000 35.81788 ?  61  LYS A O   1 
ATOM   470 C CB  . LYS A 1 61 ? 0.06080   14.19076  1.94079   1.000 36.20466 ?  61  LYS A CB  1 
ATOM   471 C CG  . LYS A 1 61 ? 0.79208   15.22461  2.85840   1.000 41.23156 ?  61  LYS A CG  1 
ATOM   472 C CD  . LYS A 1 61 ? 1.88324   14.73454  3.84433   1.000 43.19580 ?  61  LYS A CD  1 
ATOM   473 C CE  . LYS A 1 61 ? 1.33887   13.77091  4.88946   1.000 44.86518 ?  61  LYS A CE  1 
ATOM   474 N NZ  . LYS A 1 61 ? 2.37444   13.34281  5.89193   1.000 43.00405 ?  61  LYS A NZ  1 
ATOM   475 N N   . THR A 1 62 ? 1.88638   11.51631  2.25298   1.000 31.11134 ?  62  THR A N   1 
ATOM   476 C CA  . THR A 1 62 ? 2.99275   10.87348  2.95930   1.000 32.05569 ?  62  THR A CA  1 
ATOM   477 C C   . THR A 1 62 ? 3.89026   10.08280  2.01940   1.000 31.36714 ?  62  THR A C   1 
ATOM   478 O O   . THR A 1 62 ? 5.11760   10.10233  2.17440   1.000 32.43387 ?  62  THR A O   1 
ATOM   479 C CB  . THR A 1 62 ? 2.46294   9.95295   4.06052   1.000 31.77911 ?  62  THR A CB  1 
ATOM   480 O OG1 . THR A 1 62 ? 1.43656   10.62866  4.80079   1.000 35.31858 ?  62  THR A OG1 1 
ATOM   481 C CG2 . THR A 1 62 ? 3.59214   9.53617   5.01055   1.000 28.98965 ?  62  THR A CG2 1 
ATOM   482 N N   . TYR A 1 63 ? 3.31105   9.39559   1.03637   1.000 24.60374 ?  63  TYR A N   1 
ATOM   483 C CA  . TYR A 1 63 ? 4.06921   8.43059   0.25362   1.000 27.03020 ?  63  TYR A CA  1 
ATOM   484 C C   . TYR A 1 63 ? 4.07775   8.69932   -1.24205  1.000 27.20010 ?  63  TYR A C   1 
ATOM   485 O O   . TYR A 1 63 ? 4.68539   7.91991   -1.98326  1.000 30.41955 ?  63  TYR A O   1 
ATOM   486 C CB  . TYR A 1 63 ? 3.52958   7.01963   0.51461   1.000 24.30764 ?  63  TYR A CB  1 
ATOM   487 C CG  . TYR A 1 63 ? 3.60848   6.63226   1.97014   1.000 24.31233 ?  63  TYR A CG  1 
ATOM   488 C CD1 . TYR A 1 63 ? 4.83545   6.37489   2.57768   1.000 26.60759 ?  63  TYR A CD1 1 
ATOM   489 C CD2 . TYR A 1 63 ? 2.47154   6.55539   2.73459   1.000 26.20113 ?  63  TYR A CD2 1 
ATOM   490 C CE1 . TYR A 1 63 ? 4.90196   6.02898   3.92033   1.000 29.19212 ?  63  TYR A CE1 1 
ATOM   491 C CE2 . TYR A 1 63 ? 2.51811   6.20845   4.06687   1.000 26.97619 ?  63  TYR A CE2 1 
ATOM   492 C CZ  . TYR A 1 63 ? 3.73113   5.94409   4.65582   1.000 28.30475 ?  63  TYR A CZ  1 
ATOM   493 O OH  . TYR A 1 63 ? 3.75227   5.60239   5.99376   1.000 35.44636 ?  63  TYR A OH  1 
ATOM   494 N N   . GLY A 1 64 ? 3.42394   9.76098   -1.70875  1.000 26.23158 ?  64  GLY A N   1 
ATOM   495 C CA  . GLY A 1 64 ? 3.47712   10.07573  -3.12149  1.000 27.65025 ?  64  GLY A CA  1 
ATOM   496 C C   . GLY A 1 64 ? 2.79278   9.02708   -3.98037  1.000 29.23424 ?  64  GLY A C   1 
ATOM   497 O O   . GLY A 1 64 ? 1.83749   8.35346   -3.56417  1.000 26.06457 ?  64  GLY A O   1 
ATOM   498 N N   . PHE A 1 65 ? 3.28970   8.89697   -5.21382  1.000 26.22385 ?  65  PHE A N   1 
ATOM   499 C CA  . PHE A 1 65 ? 2.68343   7.98020   -6.17459  1.000 26.84583 ?  65  PHE A CA  1 
ATOM   500 C C   . PHE A 1 65 ? 2.71051   6.54123   -5.67519  1.000 28.41934 ?  65  PHE A C   1 
ATOM   501 O O   . PHE A 1 65 ? 1.78622   5.76583   -5.95237  1.000 26.31299 ?  65  PHE A O   1 
ATOM   502 C CB  . PHE A 1 65 ? 3.40042   8.07510   -7.52533  1.000 33.71155 ?  65  PHE A CB  1 
ATOM   503 C CG  . PHE A 1 65 ? 3.49184   6.75675   -8.24286  1.000 36.45198 ?  65  PHE A CG  1 
ATOM   504 C CD1 . PHE A 1 65 ? 2.47454   6.34556   -9.09397  1.000 38.94119 ?  65  PHE A CD1 1 
ATOM   505 C CD2 . PHE A 1 65 ? 4.57227   5.90233   -8.03104  1.000 41.63361 ?  65  PHE A CD2 1 
ATOM   506 C CE1 . PHE A 1 65 ? 2.53728   5.11470   -9.74033  1.000 40.91515 ?  65  PHE A CE1 1 
ATOM   507 C CE2 . PHE A 1 65 ? 4.63965   4.66667   -8.66800  1.000 45.89703 ?  65  PHE A CE2 1 
ATOM   508 C CZ  . PHE A 1 65 ? 3.62000   4.27434   -9.52450  1.000 44.81973 ?  65  PHE A CZ  1 
ATOM   509 N N   . ARG A 1 66 ? 3.75553   6.15798   -4.94291  1.000 22.09932 ?  66  ARG A N   1 
ATOM   510 C CA  . ARG A 1 66 ? 3.82803   4.79872   -4.33928  1.000 27.26971 ?  66  ARG A CA  1 
ATOM   511 C C   . ARG A 1 66 ? 2.68836   4.62456   -3.32538  1.000 23.10774 ?  66  ARG A C   1 
ATOM   512 O O   . ARG A 1 66 ? 2.19401   3.51309   -3.18521  1.000 24.43595 ?  66  ARG A O   1 
ATOM   513 C CB  . ARG A 1 66 ? 5.22366   4.63197   -3.73796  1.000 27.37031 ?  66  ARG A CB  1 
ATOM   514 C CG  . ARG A 1 66 ? 5.45555   3.41234   -2.86655  1.000 31.07626 ?  66  ARG A CG  1 
ATOM   515 C CD  . ARG A 1 66 ? 6.88944   3.52898   -2.38378  1.000 30.60824 ?  66  ARG A CD  1 
ATOM   516 N NE  . ARG A 1 66 ? 7.76087   3.90389   -3.48801  1.000 35.98953 ?  66  ARG A NE  1 
ATOM   517 C CZ  . ARG A 1 66 ? 8.41950   5.05241   -3.59313  1.000 39.11707 ?  66  ARG A CZ  1 
ATOM   518 N NH1 . ARG A 1 66 ? 8.32822   5.96066   -2.64256  1.000 41.20289 ?  66  ARG A NH1 1 
ATOM   519 N NH2 . ARG A 1 66 ? 9.17178   5.28911   -4.65010  1.000 34.04273 ?  66  ARG A NH2 1 
ATOM   520 N N   . GLY A 1 67 ? 2.31359   5.69654   -2.63881  1.000 21.40420 ?  67  GLY A N   1 
ATOM   521 C CA  . GLY A 1 67 ? 1.15141   5.60092   -1.76141  1.000 19.78244 ?  67  GLY A CA  1 
ATOM   522 C C   . GLY A 1 67 ? -0.14209  5.38573   -2.53034  1.000 21.28621 ?  67  GLY A C   1 
ATOM   523 O O   . GLY A 1 67 ? -1.03430  4.66269   -2.07415  1.000 19.57130 ?  67  GLY A O   1 
ATOM   524 N N   . GLN A 1 68 ? -0.27688  6.02841   -3.69581  1.000 23.80269 ?  68  GLN A N   1 
ATOM   525 C CA  . GLN A 1 68 ? -1.45393  5.79786   -4.53026  1.000 24.78578 ?  68  GLN A CA  1 
ATOM   526 C C   . GLN A 1 68 ? -1.52842  4.34108   -4.96253  1.000 23.89510 ?  68  GLN A C   1 
ATOM   527 O O   . GLN A 1 68 ? -2.58450  3.70410   -4.88692  1.000 22.56646 ?  68  GLN A O   1 
ATOM   528 C CB  . GLN A 1 68 ? -1.41602  6.72340   -5.75446  1.000 26.93521 ?  68  GLN A CB  1 
ATOM   529 C CG  . GLN A 1 68 ? -2.68617  6.67990   -6.59836  1.000 24.71927 ?  68  GLN A CG  1 
ATOM   530 C CD  . GLN A 1 68 ? -3.85697  7.30207   -5.88243  1.000 33.68453 ?  68  GLN A CD  1 
ATOM   531 O OE1 . GLN A 1 68 ? -4.75873  6.59648   -5.41762  1.000 33.23539 ?  68  GLN A OE1 1 
ATOM   532 N NE2 . GLN A 1 68 ? -3.85071  8.62886   -5.77184  1.000 33.22319 ?  68  GLN A NE2 1 
ATOM   533 N N   . GLU A 1 69 ? -0.40485  3.80929   -5.43659  1.000 23.81998 ?  69  GLU A N   1 
ATOM   534 C CA  . GLU A 1 69 ? -0.30733  2.41268   -5.84964  1.000 20.30796 ?  69  GLU A CA  1 
ATOM   535 C C   . GLU A 1 69 ? -0.70487  1.46143   -4.72059  1.000 22.61954 ?  69  GLU A C   1 
ATOM   536 O O   . GLU A 1 69 ? -1.44739  0.49232   -4.93158  1.000 18.33032 ?  69  GLU A O   1 
ATOM   537 C CB  . GLU A 1 69 ? 1.13111   2.17483   -6.30495  1.000 27.28393 ?  69  GLU A CB  1 
ATOM   538 C CG  . GLU A 1 69 ? 1.29927   1.37757   -7.55935  1.000 34.55676 ?  69  GLU A CG  1 
ATOM   539 C CD  . GLU A 1 69 ? 2.67655   0.75665   -7.62727  1.000 41.58221 ?  69  GLU A CD  1 
ATOM   540 O OE1 . GLU A 1 69 ? 3.59381   1.28924   -6.95002  1.000 40.15152 ?  69  GLU A OE1 1 
ATOM   541 O OE2 . GLU A 1 69 ? 2.83070   -0.26988  -8.32852  1.000 42.68389 -1 69  GLU A OE2 1 
ATOM   542 N N   . ALA A 1 70 ? -0.18182  1.70485   -3.51724  1.000 19.81743 ?  70  ALA A N   1 
ATOM   543 C CA  . ALA A 1 70 ? -0.49926  0.86218   -2.37354  1.000 19.37782 ?  70  ALA A CA  1 
ATOM   544 C C   . ALA A 1 70 ? -1.98263  0.95338   -2.02679  1.000 14.32667 ?  70  ALA A C   1 
ATOM   545 O O   . ALA A 1 70 ? -2.66040  -0.06847  -1.89986  1.000 17.05849 ?  70  ALA A O   1 
ATOM   546 C CB  . ALA A 1 70 ? 0.36453   1.27853   -1.17814  1.000 16.45768 ?  70  ALA A CB  1 
ATOM   547 N N   . TYR A 1 71 ? -2.49746  2.17809   -1.87929  1.000 15.33600 ?  71  TYR A N   1 
ATOM   548 C CA  . TYR A 1 71 ? -3.91604  2.38128   -1.56007  1.000 17.68819 ?  71  TYR A CA  1 
ATOM   549 C C   . TYR A 1 71 ? -4.80577  1.69219   -2.58023  1.000 18.96532 ?  71  TYR A C   1 
ATOM   550 O O   . TYR A 1 71 ? -5.79389  1.03489   -2.21819  1.000 15.76681 ?  71  TYR A O   1 
ATOM   551 C CB  . TYR A 1 71 ? -4.22311  3.88979   -1.48887  1.000 20.43960 ?  71  TYR A CB  1 
ATOM   552 C CG  . TYR A 1 71 ? -5.70084  4.26766   -1.42424  1.000 23.93442 ?  71  TYR A CG  1 
ATOM   553 C CD1 . TYR A 1 71 ? -6.43769  4.48872   -2.59233  1.000 23.63229 ?  71  TYR A CD1 1 
ATOM   554 C CD2 . TYR A 1 71 ? -6.35192  4.42759   -0.20497  1.000 27.18527 ?  71  TYR A CD2 1 
ATOM   555 C CE1 . TYR A 1 71 ? -7.78097  4.83939   -2.54445  1.000 28.11477 ?  71  TYR A CE1 1 
ATOM   556 C CE2 . TYR A 1 71 ? -7.70686  4.77766   -0.14887  1.000 24.62260 ?  71  TYR A CE2 1 
ATOM   557 C CZ  . TYR A 1 71 ? -8.41601  4.98464   -1.32805  1.000 30.95534 ?  71  TYR A CZ  1 
ATOM   558 O OH  . TYR A 1 71 ? -9.77076  5.32848   -1.31639  1.000 31.24014 ?  71  TYR A OH  1 
ATOM   559 N N   . ASP A 1 72 ? -4.46186  1.81262   -3.86685  1.000 16.07669 ?  72  ASP A N   1 
ATOM   560 C CA  . ASP A 1 72 ? -5.29438  1.21533   -4.90654  1.000 18.26875 ?  72  ASP A CA  1 
ATOM   561 C C   . ASP A 1 72 ? -5.34768  -0.29873  -4.76061  1.000 18.67713 ?  72  ASP A C   1 
ATOM   562 O O   . ASP A 1 72 ? -6.41283  -0.90387  -4.92354  1.000 19.62185 ?  72  ASP A O   1 
ATOM   563 C CB  . ASP A 1 72 ? -4.75466  1.56958   -6.29706  1.000 20.16288 ?  72  ASP A CB  1 
ATOM   564 C CG  . ASP A 1 72 ? -5.07706  2.98570   -6.71184  1.000 27.58850 ?  72  ASP A CG  1 
ATOM   565 O OD1 . ASP A 1 72 ? -6.00735  3.58815   -6.13266  1.000 27.22959 ?  72  ASP A OD1 1 
ATOM   566 O OD2 . ASP A 1 72 ? -4.41228  3.48700   -7.65867  1.000 32.83262 -1 72  ASP A OD2 1 
ATOM   567 N N   . GLN A 1 73 ? -4.20864  -0.93123  -4.44705  1.000 17.23090 ?  73  GLN A N   1 
ATOM   568 C CA  . GLN A 1 73 ? -4.18847  -2.38674  -4.28706  1.000 16.00772 ?  73  GLN A CA  1 
ATOM   569 C C   . GLN A 1 73 ? -4.96574  -2.83205  -3.05255  1.000 16.95855 ?  73  GLN A C   1 
ATOM   570 O O   . GLN A 1 73 ? -5.71488  -3.81318  -3.10571  1.000 16.02683 ?  73  GLN A O   1 
ATOM   571 C CB  . GLN A 1 73 ? -2.75737  -2.91926  -4.19272  1.000 18.60471 ?  73  GLN A CB  1 
ATOM   572 C CG  . GLN A 1 73 ? -2.73879  -4.44521  -4.07312  1.000 23.28247 ?  73  GLN A CG  1 
ATOM   573 C CD  . GLN A 1 73 ? -1.35442  -5.06016  -4.05610  1.000 32.89071 ?  73  GLN A CD  1 
ATOM   574 O OE1 . GLN A 1 73 ? -0.35676  -4.39125  -3.77295  1.000 32.05392 ?  73  GLN A OE1 1 
ATOM   575 N NE2 . GLN A 1 73 ? -1.28894  -6.35648  -4.34809  1.000 34.97908 ?  73  GLN A NE2 1 
ATOM   576 N N   . VAL A 1 74 ? -4.73517  -2.17272  -1.91180  1.000 16.52798 ?  74  VAL A N   1 
ATOM   577 C CA  . VAL A 1 74 ? -5.46354  -2.51673  -0.68873  1.000 15.92769 ?  74  VAL A CA  1 
ATOM   578 C C   . VAL A 1 74 ? -6.96299  -2.33449  -0.89738  1.000 13.68698 ?  74  VAL A C   1 
ATOM   579 O O   . VAL A 1 74 ? -7.77324  -3.19734  -0.53198  1.000 14.86308 ?  74  VAL A O   1 
ATOM   580 C CB  . VAL A 1 74 ? -4.96412  -1.67491  0.50016   1.000 15.70906 ?  74  VAL A CB  1 
ATOM   581 C CG1 . VAL A 1 74 ? -5.79220  -1.99974  1.77777   1.000 13.99994 ?  74  VAL A CG1 1 
ATOM   582 C CG2 . VAL A 1 74 ? -3.48283  -1.92250  0.78394   1.000 15.15405 ?  74  VAL A CG2 1 
ATOM   583 N N   . LYS A 1 75 ? -7.36019  -1.19498  -1.46415  1.000 15.61419 ?  75  LYS A N   1 
ATOM   584 C CA  . LYS A 1 75 ? -8.78487  -0.96522  -1.69883  1.000 19.37841 ?  75  LYS A CA  1 
ATOM   585 C C   . LYS A 1 75 ? -9.37134  -2.01845  -2.62814  1.000 18.56940 ?  75  LYS A C   1 
ATOM   586 O O   . LYS A 1 75 ? -10.45002 -2.55731  -2.36469  1.000 17.23672 ?  75  LYS A O   1 
ATOM   587 C CB  . LYS A 1 75 ? -9.02983  0.42976   -2.27334  1.000 20.41963 ?  75  LYS A CB  1 
ATOM   588 C CG  . LYS A 1 75 ? -10.45187 0.91733   -2.03691  1.000 20.94466 ?  75  LYS A CG  1 
ATOM   589 C CD  . LYS A 1 75 ? -10.63583 2.39435   -2.32364  1.000 26.58893 ?  75  LYS A CD  1 
ATOM   590 C CE  . LYS A 1 75 ? -10.65009 2.65380   -3.80269  1.000 28.75710 ?  75  LYS A CE  1 
ATOM   591 N NZ  . LYS A 1 75 ? -12.02490 2.38434   -4.38361  1.000 33.67715 ?  75  LYS A NZ  1 
ATOM   592 N N   . LYS A 1 76 ? -8.66540  -2.33852  -3.70781  1.000 17.94227 ?  76  LYS A N   1 
ATOM   593 C CA  . LYS A 1 76 ? -9.17712  -3.27920  -4.69768  1.000 17.44909 ?  76  LYS A CA  1 
ATOM   594 C C   . LYS A 1 76 ? -9.35912  -4.66377  -4.09400  1.000 18.85890 ?  76  LYS A C   1 
ATOM   595 O O   . LYS A 1 76 ? -10.39800 -5.31232  -4.27313  1.000 17.57858 ?  76  LYS A O   1 
ATOM   596 C CB  . LYS A 1 76 ? -8.20439  -3.32231  -5.88180  1.000 18.78705 ?  76  LYS A CB  1 
ATOM   597 C CG  . LYS A 1 76 ? -8.27992  -4.55143  -6.74587  1.000 22.24256 ?  76  LYS A CG  1 
ATOM   598 C CD  . LYS A 1 76 ? -7.17223  -4.46794  -7.81677  1.000 27.84113 ?  76  LYS A CD  1 
ATOM   599 C CE  . LYS A 1 76 ? -7.21249  -5.66337  -8.74857  1.000 34.63511 ?  76  LYS A CE  1 
ATOM   600 N NZ  . LYS A 1 76 ? -6.92158  -6.93176  -8.01414  1.000 37.10608 ?  76  LYS A NZ  1 
ATOM   601 N N   . GLU A 1 77 ? -8.36353  -5.12567  -3.34579  1.000 14.65023 ?  77  GLU A N   1 
ATOM   602 C CA  . GLU A 1 77 ? -8.43385  -6.46644  -2.78486  1.000 16.34208 ?  77  GLU A CA  1 
ATOM   603 C C   . GLU A 1 77 ? -9.48146  -6.53638  -1.67884  1.000 17.48168 ?  77  GLU A C   1 
ATOM   604 O O   . GLU A 1 77 ? -10.12099 -7.58232  -1.49109  1.000 17.63261 ?  77  GLU A O   1 
ATOM   605 C CB  . GLU A 1 77 ? -7.02922  -6.87017  -2.31379  1.000 18.57680 ?  77  GLU A CB  1 
ATOM   606 C CG  . GLU A 1 77 ? -6.12231  -7.18788  -3.53655  1.000 20.78801 ?  77  GLU A CG  1 
ATOM   607 C CD  . GLU A 1 77 ? -4.65296  -7.45420  -3.22580  1.000 29.08045 ?  77  GLU A CD  1 
ATOM   608 O OE1 . GLU A 1 77 ? -4.29544  -7.81313  -2.08107  1.000 25.08348 ?  77  GLU A OE1 1 
ATOM   609 O OE2 . GLU A 1 77 ? -3.83838  -7.30760  -4.17480  1.000 31.89255 -1 77  GLU A OE2 1 
ATOM   610 N N   . MET A 1 78 ? -9.72300  -5.43326  -0.97129  1.000 15.08674 ?  78  MET A N   1 
ATOM   611 C CA  . MET A 1 78 ? -10.75813 -5.54756  0.05243   1.000 15.27724 ?  78  MET A CA  1 
ATOM   612 C C   . MET A 1 78 ? -12.15123 -5.53815  -0.56413  1.000 18.64024 ?  78  MET A C   1 
ATOM   613 O O   . MET A 1 78 ? -13.03783 -6.24775  -0.07907  1.000 16.90799 ?  78  MET A O   1 
ATOM   614 C CB  . MET A 1 78 ? -10.60787 -4.47374  1.13499   1.000 19.82104 ?  78  MET A CB  1 
ATOM   615 C CG  . MET A 1 78 ? -11.93132 -4.09367  1.86121   1.000 18.98830 ?  78  MET A CG  1 
ATOM   616 S SD  . MET A 1 78 ? -11.90614 -2.48910  2.70608   1.000 21.85222 ?  78  MET A SD  1 
ATOM   617 C CE  . MET A 1 78 ? -13.02523 -1.56042  1.65992   1.000 25.39806 ?  78  MET A CE  1 
ATOM   618 N N   . PHE A 1 79 ? -12.36624 -4.80302  -1.65482  1.000 17.73888 ?  79  PHE A N   1 
ATOM   619 C CA  . PHE A 1 79 ? -13.67518 -4.91477  -2.29810  1.000 18.70386 ?  79  PHE A CA  1 
ATOM   620 C C   . PHE A 1 79 ? -13.84823 -6.25437  -3.00316  1.000 16.44884 ?  79  PHE A C   1 
ATOM   621 O O   . PHE A 1 79 ? -14.97515 -6.72034  -3.13282  1.000 15.38663 ?  79  PHE A O   1 
ATOM   622 C CB  . PHE A 1 79 ? -13.92183 -3.75255  -3.25929  1.000 17.10586 ?  79  PHE A CB  1 
ATOM   623 C CG  . PHE A 1 79 ? -14.30825 -2.49160  -2.56258  1.000 21.15466 ?  79  PHE A CG  1 
ATOM   624 C CD1 . PHE A 1 79 ? -15.36713 -2.47890  -1.66148  1.000 20.39779 ?  79  PHE A CD1 1 
ATOM   625 C CD2 . PHE A 1 79 ? -13.58581 -1.32651  -2.75209  1.000 24.03310 ?  79  PHE A CD2 1 
ATOM   626 C CE1 . PHE A 1 79 ? -15.71903 -1.31360  -1.00875  1.000 23.00281 ?  79  PHE A CE1 1 
ATOM   627 C CE2 . PHE A 1 79 ? -13.93180 -0.16252  -2.08645  1.000 26.28475 ?  79  PHE A CE2 1 
ATOM   628 C CZ  . PHE A 1 79 ? -14.98278 -0.15281  -1.21694  1.000 26.47359 ?  79  PHE A CZ  1 
ATOM   629 N N   . GLU A 1 80 ? -12.76278 -6.90294  -3.44967  1.000 16.85825 ?  80  GLU A N   1 
ATOM   630 C CA  . GLU A 1 80 ? -12.91685 -8.24542  -4.00636  1.000 20.17522 ?  80  GLU A CA  1 
ATOM   631 C C   . GLU A 1 80 ? -13.31238 -9.25110  -2.93066  1.000 19.88508 ?  80  GLU A C   1 
ATOM   632 O O   . GLU A 1 80 ? -14.06974 -10.18738 -3.20562  1.000 17.30132 ?  80  GLU A O   1 
ATOM   633 C CB  . GLU A 1 80 ? -11.63651 -8.70124  -4.70383  1.000 23.76460 ?  80  GLU A CB  1 
ATOM   634 C CG  . GLU A 1 80 ? -11.35508 -7.92503  -5.96664  1.000 21.45650 ?  80  GLU A CG  1 
ATOM   635 C CD  . GLU A 1 80 ? -10.03711 -8.30500  -6.63640  1.000 31.43771 ?  80  GLU A CD  1 
ATOM   636 O OE1 . GLU A 1 80 ? -9.07292  -8.59671  -5.89937  1.000 29.40788 ?  80  GLU A OE1 1 
ATOM   637 O OE2 . GLU A 1 80 ? -9.93583  -8.19347  -7.87844  1.000 33.59292 -1 80  GLU A OE2 1 
ATOM   638 N N   . LYS A 1 81 ? -12.76173 -9.10884  -1.71899  1.000 18.34305 ?  81  LYS A N   1 
ATOM   639 C CA  . LYS A 1 81 ? -13.20950 -9.92936  -0.59442  1.000 21.87119 ?  81  LYS A CA  1 
ATOM   640 C C   . LYS A 1 81 ? -14.68649 -9.69230  -0.28364  1.000 14.72212 ?  81  LYS A C   1 
ATOM   641 O O   . LYS A 1 81 ? -15.43916 -10.64012 -0.04748  1.000 17.34018 ?  81  LYS A O   1 
ATOM   642 C CB  . LYS A 1 81 ? -12.34920 -9.64152  0.64374   1.000 20.65143 ?  81  LYS A CB  1 
ATOM   643 C CG  . LYS A 1 81 ? -12.57370 -10.61530 1.81064   1.000 22.42075 ?  81  LYS A CG  1 
ATOM   644 C CD  . LYS A 1 81 ? -11.77538 -11.90627 1.58990   1.000 29.22424 ?  81  LYS A CD  1 
ATOM   645 C CE  . LYS A 1 81 ? -12.12045 -12.98853 2.61031   1.000 35.28530 ?  81  LYS A CE  1 
ATOM   646 N NZ  . LYS A 1 81 ? -11.56637 -14.29814 2.14920   1.000 40.00182 ?  81  LYS A NZ  1 
ATOM   647 N N   . LEU A 1 82 ? -15.12370 -8.42779  -0.25038  1.000 14.39216 ?  82  LEU A N   1 
ATOM   648 C CA  . LEU A 1 82 ? -16.52718 -8.16204  0.07505   1.000 13.21655 ?  82  LEU A CA  1 
ATOM   649 C C   . LEU A 1 82 ? -17.45635 -8.66700  -1.01901  1.000 14.21584 ?  82  LEU A C   1 
ATOM   650 O O   . LEU A 1 82 ? -18.58240 -9.10819  -0.75154  1.000 14.72172 ?  82  LEU A O   1 
ATOM   651 C CB  . LEU A 1 82 ? -16.73302 -6.66433  0.28401   1.000 15.96672 ?  82  LEU A CB  1 
ATOM   652 C CG  . LEU A 1 82 ? -16.08266 -6.11487  1.56222   1.000 16.60595 ?  82  LEU A CG  1 
ATOM   653 C CD1 . LEU A 1 82 ? -16.07203 -4.59986  1.54046   1.000 14.97303 ?  82  LEU A CD1 1 
ATOM   654 C CD2 . LEU A 1 82 ? -16.85285 -6.62742  2.75718   1.000 17.58885 ?  82  LEU A CD2 1 
ATOM   655 N N   . TYR A 1 83 ? -17.02713 -8.55872  -2.26938  1.000 12.74133 ?  83  TYR A N   1 
ATOM   656 C CA  . TYR A 1 83 ? -17.85511 -9.07047  -3.35026  1.000 15.79456 ?  83  TYR A CA  1 
ATOM   657 C C   . TYR A 1 83 ? -18.12118 -10.56275 -3.17308  1.000 14.57720 ?  83  TYR A C   1 
ATOM   658 O O   . TYR A 1 83 ? -19.28085 -11.00657 -3.16954  1.000 15.81166 ?  83  TYR A O   1 
ATOM   659 C CB  . TYR A 1 83 ? -17.18209 -8.73563  -4.68343  1.000 15.78956 ?  83  TYR A CB  1 
ATOM   660 C CG  . TYR A 1 83 ? -18.06756 -8.98945  -5.88042  1.000 17.62361 ?  83  TYR A CG  1 
ATOM   661 C CD1 . TYR A 1 83 ? -18.26508 -10.27674 -6.35930  1.000 17.61701 ?  83  TYR A CD1 1 
ATOM   662 C CD2 . TYR A 1 83 ? -18.78588 -7.95577  -6.46060  1.000 21.97912 ?  83  TYR A CD2 1 
ATOM   663 C CE1 . TYR A 1 83 ? -19.08430 -10.51172 -7.45461  1.000 21.70493 ?  83  TYR A CE1 1 
ATOM   664 C CE2 . TYR A 1 83 ? -19.63616 -8.18675  -7.54471  1.000 22.36366 ?  83  TYR A CE2 1 
ATOM   665 C CZ  . TYR A 1 83 ? -19.77457 -9.45575  -8.03597  1.000 22.12903 ?  83  TYR A CZ  1 
ATOM   666 O OH  . TYR A 1 83 ? -20.61339 -9.65538  -9.13174  1.000 27.81692 ?  83  TYR A OH  1 
ATOM   667 N N   . LYS A 1 84 ? -17.05892 -11.34026 -2.96109  1.000 17.27904 ?  84  LYS A N   1 
ATOM   668 C CA  . LYS A 1 84 ? -17.18199 -12.77858 -2.72918  1.000 20.83188 ?  84  LYS A CA  1 
ATOM   669 C C   . LYS A 1 84 ? -18.06488 -13.06416 -1.52582  1.000 21.09280 ?  84  LYS A C   1 
ATOM   670 O O   . LYS A 1 84 ? -18.82981 -14.04315 -1.50511  1.000 18.15957 ?  84  LYS A O   1 
ATOM   671 C CB  . LYS A 1 84 ? -15.78674 -13.36271 -2.49673  1.000 25.76939 ?  84  LYS A CB  1 
ATOM   672 C CG  . LYS A 1 84 ? -15.06293 -13.88537 -3.73612  1.000 33.03678 ?  84  LYS A CG  1 
ATOM   673 C CD  . LYS A 1 84 ? -13.92626 -14.80872 -3.29522  1.000 38.20438 ?  84  LYS A CD  1 
ATOM   674 C CE  . LYS A 1 84 ? -14.51196 -16.16005 -2.83842  1.000 44.90882 ?  84  LYS A CE  1 
ATOM   675 N NZ  . LYS A 1 84 ? -13.49307 -17.21421 -2.51733  1.000 52.32103 ?  84  LYS A NZ  1 
ATOM   676 N N   . TYR A 1 85 ? -17.92825 -12.23378 -0.48831  1.000 18.17333 ?  85  TYR A N   1 
ATOM   677 C CA  . TYR A 1 85 ? -18.69025 -12.42019 0.73581   1.000 15.29896 ?  85  TYR A CA  1 
ATOM   678 C C   . TYR A 1 85 ? -20.18297 -12.26131 0.47543   1.000 16.42050 ?  85  TYR A C   1 
ATOM   679 O O   . TYR A 1 85 ? -20.99708 -13.09795 0.89610   1.000 20.23152 ?  85  TYR A O   1 
ATOM   680 C CB  . TYR A 1 85 ? -18.18834 -11.41678 1.77585   1.000 13.69290 ?  85  TYR A CB  1 
ATOM   681 C CG  . TYR A 1 85 ? -18.99141 -11.30774 3.06603   1.000 13.73052 ?  85  TYR A CG  1 
ATOM   682 C CD1 . TYR A 1 85 ? -18.85848 -12.24521 4.07880   1.000 19.21542 ?  85  TYR A CD1 1 
ATOM   683 C CD2 . TYR A 1 85 ? -19.84441 -10.23838 3.27992   1.000 15.60091 ?  85  TYR A CD2 1 
ATOM   684 C CE1 . TYR A 1 85 ? -19.58445 -12.13188 5.28091   1.000 20.71203 ?  85  TYR A CE1 1 
ATOM   685 C CE2 . TYR A 1 85 ? -20.60063 -10.13778 4.47589   1.000 15.57330 ?  85  TYR A CE2 1 
ATOM   686 C CZ  . TYR A 1 85 ? -20.45134 -11.07490 5.46640   1.000 20.31903 ?  85  TYR A CZ  1 
ATOM   687 O OH  . TYR A 1 85 ? -21.19463 -10.95264 6.66014   1.000 20.33224 ?  85  TYR A OH  1 
ATOM   688 N N   . PHE A 1 86 ? -20.57374 -11.18838 -0.21935  1.000 16.09267 ?  86  PHE A N   1 
ATOM   689 C CA  . PHE A 1 86 ? -22.01019 -10.96907 -0.42792  1.000 16.88539 ?  86  PHE A CA  1 
ATOM   690 C C   . PHE A 1 86 ? -22.58659 -11.91166 -1.47661  1.000 17.78823 ?  86  PHE A C   1 
ATOM   691 O O   . PHE A 1 86 ? -23.77062 -12.26793 -1.40039  1.000 17.63619 ?  86  PHE A O   1 
ATOM   692 C CB  . PHE A 1 86 ? -22.27319 -9.50062  -0.77510  1.000 13.82178 ?  86  PHE A CB  1 
ATOM   693 C CG  . PHE A 1 86 ? -22.12539 -8.58302  0.42438   1.000 15.43548 ?  86  PHE A CG  1 
ATOM   694 C CD1 . PHE A 1 86 ? -22.97369 -8.72804  1.51686   1.000 15.30282 ?  86  PHE A CD1 1 
ATOM   695 C CD2 . PHE A 1 86 ? -21.08845 -7.63913  0.49154   1.000 13.18023 ?  86  PHE A CD2 1 
ATOM   696 C CE1 . PHE A 1 86 ? -22.82938 -7.91283  2.65247   1.000 16.43938 ?  86  PHE A CE1 1 
ATOM   697 C CE2 . PHE A 1 86 ? -20.92201 -6.82633  1.64330   1.000 16.94608 ?  86  PHE A CE2 1 
ATOM   698 C CZ  . PHE A 1 86 ? -21.79414 -6.97052  2.71467   1.000 15.25564 ?  86  PHE A CZ  1 
ATOM   699 N N   . MET A 1 87 ? -21.78216 -12.34790 -2.44481  1.000 16.64102 ?  87  MET A N   1 
ATOM   700 C CA  . MET A 1 87 ? -22.25919 -13.38833 -3.35830  1.000 20.75158 ?  87  MET A CA  1 
ATOM   701 C C   . MET A 1 87 ? -22.59779 -14.67692 -2.61524  1.000 21.62861 ?  87  MET A C   1 
ATOM   702 O O   . MET A 1 87 ? -23.61916 -15.32296 -2.90437  1.000 21.70983 ?  87  MET A O   1 
ATOM   703 C CB  . MET A 1 87 ? -21.23859 -13.64046 -4.47562  1.000 21.46961 ?  87  MET A CB  1 
ATOM   704 C CG  . MET A 1 87 ? -21.87284 -14.27350 -5.71289  1.000 31.56524 ?  87  MET A CG  1 
ATOM   705 S SD  . MET A 1 87 ? -23.07236 -13.23471 -6.59548  1.000 37.26794 ?  87  MET A SD  1 
ATOM   706 C CE  . MET A 1 87 ? -22.04749 -12.12176 -7.49477  1.000 32.62121 ?  87  MET A CE  1 
ATOM   707 N N   . GLU A 1 88 ? -21.76226 -15.06746 -1.65014  1.000 20.68442 ?  88  GLU A N   1 
ATOM   708 C CA  . GLU A 1 88 ? -22.08720 -16.22277 -0.82024  1.000 21.41104 ?  88  GLU A CA  1 
ATOM   709 C C   . GLU A 1 88 ? -23.37125 -16.01301 -0.04303  1.000 23.80999 ?  88  GLU A C   1 
ATOM   710 O O   . GLU A 1 88 ? -24.16605 -16.95020 0.12682   1.000 23.29877 ?  88  GLU A O   1 
ATOM   711 C CB  . GLU A 1 88 ? -20.96288 -16.52758 0.16567   1.000 28.03366 ?  88  GLU A CB  1 
ATOM   712 C CG  . GLU A 1 88 ? -21.02014 -17.96752 0.67014   1.000 31.62299 ?  88  GLU A CG  1 
ATOM   713 C CD  . GLU A 1 88 ? -21.67410 -18.06977 2.05579   1.000 44.75622 ?  88  GLU A CD  1 
ATOM   714 O OE1 . GLU A 1 88 ? -22.15626 -17.03054 2.57134   1.000 42.38001 ?  88  GLU A OE1 1 
ATOM   715 O OE2 . GLU A 1 88 ? -21.72204 -19.18537 2.62910   1.000 48.81436 -1 88  GLU A OE2 1 
ATOM   716 N N   . LYS A 1 89 ? -23.57686 -14.81170 0.49507   1.000 23.29254 ?  89  LYS A N   1 
ATOM   717 C CA  . LYS A 1 89 ? -24.76797 -14.63065 1.31257   1.000 21.71339 ?  89  LYS A CA  1 
ATOM   718 C C   . LYS A 1 89 ? -26.04557 -14.62492 0.49228   1.000 20.67226 ?  89  LYS A C   1 
ATOM   719 O O   . LYS A 1 89 ? -27.11214 -14.93228 1.03303   1.000 20.27680 ?  89  LYS A O   1 
ATOM   720 C CB  . LYS A 1 89 ? -24.67581 -13.36396 2.15720   1.000 22.90324 ?  89  LYS A CB  1 
ATOM   721 C CG  . LYS A 1 89 ? -23.46506 -13.38133 3.04261   1.000 22.21579 ?  89  LYS A CG  1 
ATOM   722 C CD  . LYS A 1 89 ? -23.91260 -13.13680 4.45115   1.000 25.40600 ?  89  LYS A CD  1 
ATOM   723 C CE  . LYS A 1 89 ? -22.89846 -13.64717 5.42218   1.000 32.44955 ?  89  LYS A CE  1 
ATOM   724 N NZ  . LYS A 1 89 ? -22.40066 -15.01199 5.03297   1.000 39.26652 ?  89  LYS A NZ  1 
ATOM   725 N N   . LEU A 1 90 ? -25.96585 -14.28672 -0.78162  1.000 19.41125 ?  90  LEU A N   1 
ATOM   726 C CA  . LEU A 1 90 ? -27.14351 -14.30575 -1.63580  1.000 25.73132 ?  90  LEU A CA  1 
ATOM   727 C C   . LEU A 1 90 ? -27.53193 -15.73249 -2.03233  1.000 24.84913 ?  90  LEU A C   1 
ATOM   728 O O   . LEU A 1 90 ? -28.72112 -16.02285 -2.18887  1.000 27.41675 ?  90  LEU A O   1 
ATOM   729 C CB  . LEU A 1 90 ? -26.88922 -13.47391 -2.87914  1.000 18.18371 ?  90  LEU A CB  1 
ATOM   730 C CG  . LEU A 1 90 ? -26.90977 -11.95119 -2.70301  1.000 20.54332 ?  90  LEU A CG  1 
ATOM   731 C CD1 . LEU A 1 90 ? -26.17647 -11.28440 -3.83610  1.000 18.34458 ?  90  LEU A CD1 1 
ATOM   732 C CD2 . LEU A 1 90 ? -28.33746 -11.44630 -2.62128  1.000 16.02614 ?  90  LEU A CD2 1 
HETATM 733 O O   . HOH B 2 .  ? -19.76260 -10.92132 -10.89112 1.000 26.21483 ?  101 HOH A O   1 
HETATM 734 O O   . HOH B 2 .  ? 6.26631   -3.59106  8.14218   1.000 34.84521 ?  102 HOH A O   1 
HETATM 735 O O   . HOH B 2 .  ? 7.01103   7.02733   -0.82113  1.000 28.50397 ?  103 HOH A O   1 
HETATM 736 O O   . HOH B 2 .  ? -27.28299 -15.96616 3.32371   1.000 35.10730 ?  104 HOH A O   1 
HETATM 737 O O   . HOH B 2 .  ? -8.50896  -10.65464 -4.54366  1.000 28.43431 ?  105 HOH A O   1 
HETATM 738 O O   . HOH B 2 .  ? -11.04672 -6.06670  -8.70956  1.000 36.93987 ?  106 HOH A O   1 
HETATM 739 O O   . HOH B 2 .  ? 9.13623   -3.99517  5.42389   1.000 30.25786 ?  107 HOH A O   1 
HETATM 740 O O   . HOH B 2 .  ? 6.97078   2.06880   -5.08952  1.000 40.25386 ?  108 HOH A O   1 
HETATM 741 O O   . HOH B 2 .  ? -23.28900 -9.46843  6.48164   1.000 17.45463 ?  109 HOH A O   1 
HETATM 742 O O   . HOH B 2 .  ? 15.30866  5.45401   7.26020   1.000 27.50305 ?  110 HOH A O   1 
HETATM 743 O O   . HOH B 2 .  ? 23.74171  -2.61810  -8.36837  1.000 37.78863 ?  111 HOH A O   1 
HETATM 744 O O   . HOH B 2 .  ? 2.95413   -5.46361  -5.39432  1.000 41.68154 ?  112 HOH A O   1 
HETATM 745 O O   . HOH B 2 .  ? -1.93864  -0.52493  -7.30039  1.000 26.65979 ?  113 HOH A O   1 
HETATM 746 O O   . HOH B 2 .  ? 15.85165  9.40064   4.99191   1.000 39.29082 ?  114 HOH A O   1 
HETATM 747 O O   . HOH B 2 .  ? -4.54846  -6.88327  -6.87504  1.000 35.19901 ?  115 HOH A O   1 
HETATM 748 O O   . HOH B 2 .  ? -10.22931 8.53355   -0.26489  1.000 37.13221 ?  116 HOH A O   1 
HETATM 749 O O   . HOH B 2 .  ? 10.27252  -6.96913  -2.67835  1.000 33.77857 ?  117 HOH A O   1 
HETATM 750 O O   . HOH B 2 .  ? 12.77866  -7.99286  -8.34041  1.000 31.12876 ?  118 HOH A O   1 
HETATM 751 O O   . HOH B 2 .  ? 0.46871   -6.61633  1.43094   1.000 29.57920 ?  119 HOH A O   1 
HETATM 752 O O   . HOH B 2 .  ? 0.83980   1.29924   11.63977  1.000 21.97934 ?  120 HOH A O   1 
HETATM 753 O O   . HOH B 2 .  ? 20.07764  -4.79933  -3.88504  1.000 29.88030 ?  121 HOH A O   1 
HETATM 754 O O   . HOH B 2 .  ? -9.19790  -10.11431 -1.77852  1.000 25.94497 ?  122 HOH A O   1 
HETATM 755 O O   . HOH B 2 .  ? -18.68950 -16.24833 -3.09753  1.000 29.89952 ?  123 HOH A O   1 
HETATM 756 O O   . HOH B 2 .  ? -8.52714  0.36183   -6.08652  1.000 21.60653 ?  124 HOH A O   1 
HETATM 757 O O   . HOH B 2 .  ? -17.16759 -5.08846  -3.20197  1.000 19.61065 ?  125 HOH A O   1 
HETATM 758 O O   . HOH B 2 .  ? -2.67500  14.48505  -1.00642  1.000 36.48905 ?  126 HOH A O   1 
HETATM 759 O O   . HOH B 2 .  ? 8.35656   -4.33505  3.22938   1.000 21.79833 ?  127 HOH A O   1 
HETATM 760 O O   . HOH B 2 .  ? -4.28849  -6.11781  0.07176   1.000 21.36584 ?  128 HOH A O   1 
HETATM 761 O O   . HOH B 2 .  ? 1.09464   -6.81207  -1.51298  1.000 37.31507 ?  129 HOH A O   1 
HETATM 762 O O   . HOH B 2 .  ? -12.98986 5.17828   13.65175  1.000 47.17851 ?  130 HOH A O   1 
HETATM 763 O O   . HOH B 2 .  ? -1.20728  2.84536   10.36677  1.000 21.92914 ?  131 HOH A O   1 
HETATM 764 O O   . HOH B 2 .  ? -11.54713 -3.88649  10.35502  1.000 16.08011 ?  132 HOH A O   1 
HETATM 765 O O   . HOH B 2 .  ? 21.26345  5.60686   -2.32871  1.000 29.18932 ?  133 HOH A O   1 
HETATM 766 O O   . HOH B 2 .  ? -20.32929 -15.00158 3.10233   1.000 25.44762 ?  134 HOH A O   1 
HETATM 767 O O   . HOH B 2 .  ? 25.02931  -0.71447  -5.71349  1.000 39.12894 ?  135 HOH A O   1 
HETATM 768 O O   . HOH B 2 .  ? 8.40896   -2.99543  -8.00733  1.000 32.64508 ?  136 HOH A O   1 
HETATM 769 O O   . HOH B 2 .  ? 20.95079  -1.64426  -3.01494  1.000 34.36950 ?  137 HOH A O   1 
HETATM 770 O O   . HOH B 2 .  ? 6.03719   -2.20591  -6.39181  1.000 28.63131 ?  138 HOH A O   1 
HETATM 771 O O   . HOH B 2 .  ? 24.68162  3.30878   -7.44224  1.000 33.28154 ?  139 HOH A O   1 
HETATM 772 O O   . HOH B 2 .  ? -21.19986 -7.38500  -10.74402 1.000 18.18273 ?  140 HOH A O   1 
HETATM 773 O O   . HOH B 2 .  ? 7.45152   8.50881   1.74249   1.000 30.97255 ?  141 HOH A O   1 
HETATM 774 O O   . HOH B 2 .  ? -1.34686  5.86971   8.33936   1.000 35.63110 ?  142 HOH A O   1 
HETATM 775 O O   . HOH B 2 .  ? 9.31240   8.05448   3.71610   1.000 30.78244 ?  143 HOH A O   1 
HETATM 776 O O   . HOH B 2 .  ? -8.85720  11.28438  0.23250   1.000 35.91153 ?  144 HOH A O   1 
HETATM 777 O O   . HOH B 2 .  ? -5.59206  5.36134   -9.52572  1.000 47.55999 ?  145 HOH A O   1 
HETATM 778 O O   . HOH B 2 .  ? -0.24901  8.70110   6.15584   1.000 34.87891 ?  146 HOH A O   1 
HETATM 779 O O   . HOH B 2 .  ? -12.36091 -1.74983  14.67893  1.000 31.16296 ?  147 HOH A O   1 
HETATM 780 O O   . HOH B 2 .  ? -12.13458 -4.63611  -6.49502  1.000 23.50397 ?  148 HOH A O   1 
HETATM 781 O O   . HOH B 2 .  ? -15.69594 6.24553   1.49111   1.000 43.17531 ?  149 HOH A O   1 
HETATM 782 O O   . HOH B 2 .  ? 2.26980   -5.85670  3.23987   1.000 17.20983 ?  150 HOH A O   1 
HETATM 783 O O   . HOH B 2 .  ? 5.72270   6.33055   9.74365   1.000 32.12874 ?  151 HOH A O   1 
HETATM 784 O O   . HOH B 2 .  ? 7.42809   -2.60393  13.98426  1.000 24.38598 ?  152 HOH A O   1 
HETATM 785 O O   . HOH B 2 .  ? -14.35964 -10.57307 -6.08713  1.000 28.17053 ?  153 HOH A O   1 
HETATM 786 O O   . HOH B 2 .  ? -24.96879 -17.64286 -4.24589  1.000 35.48361 ?  154 HOH A O   1 
HETATM 787 O O   . HOH B 2 .  ? -4.89331  1.85256   -10.13607 1.000 39.02767 ?  155 HOH A O   1 
HETATM 788 O O   . HOH B 2 .  ? 5.59292   12.23671  6.94032   1.000 45.02810 ?  156 HOH A O   1 
HETATM 789 O O   . HOH B 2 .  ? -14.90458 -13.34978 1.27578   1.000 31.73569 ?  157 HOH A O   1 
HETATM 790 O O   . HOH B 2 .  ? -26.16057 -18.75695 -1.38671  1.000 44.50225 ?  158 HOH A O   1 
HETATM 791 O O   . HOH B 2 .  ? 5.46783   -1.53921  12.18444  1.000 29.92084 ?  159 HOH A O   1 
HETATM 792 O O   . HOH B 2 .  ? -10.41888 5.50620   12.70385  1.000 38.82642 ?  160 HOH A O   1 
HETATM 793 O O   . HOH B 2 .  ? -7.38977  12.10663  3.25961   1.000 39.42725 ?  161 HOH A O   1 
HETATM 794 O O   . HOH B 2 .  ? -21.07705 -13.79756 8.18191   1.000 30.15240 ?  162 HOH A O   1 
HETATM 795 O O   . HOH B 2 .  ? -11.81947 4.20734   -7.07878  1.000 51.11410 ?  163 HOH A O   1 
HETATM 796 O O   . HOH B 2 .  ? 4.63730   0.98988   12.96158  1.000 29.31290 ?  164 HOH A O   1 
HETATM 797 O O   . HOH B 2 .  ? 5.10220   3.81602   12.33210  1.000 36.26107 ?  165 HOH A O   1 
HETATM 798 O O   . HOH B 2 .  ? 0.49030   6.23255   6.93029   1.000 29.93371 ?  166 HOH A O   1 
HETATM 799 O O   . HOH B 2 .  ? -11.12148 -12.09288 -2.47412  1.000 36.25813 ?  167 HOH A O   1 
HETATM 800 O O   . HOH B 2 .  ? 22.34522  6.53038   -5.06085  1.000 41.81570 ?  168 HOH A O   1 
HETATM 801 O O   . HOH B 2 .  ? -14.74160 -5.71740  -6.55047  1.000 30.11374 ?  169 HOH A O   1 
HETATM 802 O O   . HOH B 2 .  ? -17.79002 -8.66615  -11.16687 1.000 32.35526 ?  170 HOH A O   1 
HETATM 803 O O   . HOH B 2 .  ? -8.31307  7.69556   -4.84893  1.000 45.82828 ?  171 HOH A O   1 
HETATM 804 O O   . HOH B 2 .  ? -20.81445 -17.93431 -3.91337  1.000 35.47221 ?  172 HOH A O   1 
HETATM 805 O O   . HOH B 2 .  ? 0.85160   4.42709   10.11483  1.000 37.20414 ?  173 HOH A O   1 
HETATM 806 O O   . HOH B 2 .  ? -16.93799 -4.76421  -5.73408  1.000 32.11925 ?  174 HOH A O   1 
HETATM 807 O O   . HOH B 2 .  ? 8.02461   6.19272   11.93244  1.000 40.84114 ?  175 HOH A O   1 
HETATM 808 O O   . HOH B 2 .  ? 13.92531  1.84205   9.60715   1.000 35.86931 ?  176 HOH A O   1 
HETATM 809 O O   . HOH B 2 .  ? -12.39936 1.89041   -8.19107  1.000 40.81039 ?  177 HOH A O   1 
HETATM 810 O O   . HOH B 2 .  ? 4.18995   -7.62875  3.62005   1.000 35.75373 ?  178 HOH A O   1 
HETATM 811 O O   . HOH B 2 .  ? 11.61104  2.15903   11.16260  1.000 25.94308 ?  179 HOH A O   1 
HETATM 812 O O   . HOH B 2 .  ? -9.99983  9.06906   -2.95184  1.000 43.19246 ?  180 HOH A O   1 
HETATM 813 O O   . HOH B 2 .  ? 23.87328  -2.54118  -3.71809  1.000 42.51224 ?  181 HOH A O   1 
HETATM 814 O O   . HOH B 2 .  ? 20.24410  7.61767   -1.32094  1.000 34.37629 ?  182 HOH A O   1 
HETATM 815 O O   . HOH B 2 .  ? 15.97156  3.79746   9.67086   1.000 29.90774 ?  183 HOH A O   1 
HETATM 816 O O   . HOH B 2 .  ? 15.11724  7.90754   7.61484   1.000 38.70796 ?  184 HOH A O   1 
HETATM 817 O O   . HOH B 2 .  ? -8.54931  0.14020   -8.66275  1.000 25.92197 ?  185 HOH A O   1 
HETATM 818 O O   . HOH B 2 .  ? 9.58812   -8.35627  -4.93344  1.000 32.05401 ?  186 HOH A O   1 
HETATM 819 O O   . HOH B 2 .  ? -1.66111  0.55245   -9.59714  1.000 45.11290 ?  187 HOH A O   1 
HETATM 820 O O   . HOH B 2 .  ? 24.83118  5.28286   -5.66358  1.000 40.06098 ?  188 HOH A O   1 
HETATM 821 O O   . HOH B 2 .  ? -5.95154  -1.11014  -9.40070  1.000 35.21456 ?  189 HOH A O   1 
HETATM 822 O O   . HOH B 2 .  ? -17.75249 -15.69666 -5.97440  1.000 45.89899 ?  190 HOH A O   1 
HETATM 823 O O   . HOH B 2 .  ? -15.45318 -12.76898 -7.37047  1.000 41.33309 ?  191 HOH A O   1 
HETATM 824 O O   . HOH B 2 .  ? 15.08496  -0.00536  7.92463   1.000 34.92920 ?  192 HOH A O   1 
HETATM 825 O O   . HOH B 2 .  ? -10.34636 -1.72365  -8.50085  1.000 30.25704 ?  193 HOH A O   1 
# 
